data_7V01
#
_entry.id   7V01
#
loop_
_entity.id
_entity.type
_entity.pdbx_description
1 polymer 'CRISPR system Cms endoribonuclease Csm3'
2 polymer 'CRISPR system Cms protein Csm5'
3 polymer 'CRISPR system single-strand-specific deoxyribonuclease Cas10/Csm1 (subtype III-A)'
4 polymer 'RNA (37-MER)'
5 polymer 'CRISPR system Cms protein Csm4'
6 polymer 'CRISPR system Cms protein Csm2'
7 polymer 'RNA (37-MER)'
8 non-polymer "ADENOSINE-5'-TRIPHOSPHATE"
#
loop_
_entity_poly.entity_id
_entity_poly.type
_entity_poly.pdbx_seq_one_letter_code
_entity_poly.pdbx_strand_id
1 'polypeptide(L)'
;MYSKIKISGTIEVVTGLHIGGGGESSMIGAIDSPVVRDLQTKLPIIPGSSIKGKMRNLLAKHFGLKMKQESHNQDDERVL
RLFGSSEKGNIQRARLQISDAFFSEKTKEHFAQNDIAYTETKFENTINRLTAVANPRQIERVTRGSEFDFVFIYNVDEES
QVEDDFENIEKAIHLLENDYLGGGGTRGNGRIQFKDTNIETVVGEYDSTNLKIK
;
A,B,C
2 'polypeptide(L)'
;MTIKNYEVVIKTLGPIHIGSGQVMKKQDYIYDFYNSKVYMINGNKLVKFLKRKNLLYTYQNFLRYPPKNPRENGLKDYLD
AQNVKQSEWEAFVSYSEKVNQGKKYGNTRPKPLNDLHLMVRDGQNKVYLPGSSIKGAIKTTLVSKYNNEKNKDIYSKIKV
SDSKPIDESNLAIYQKIDINKSEKSMPLYRECIDVNTEIKFKLTIEDEIYSINEIEQSIQDFYKNYYDKWLVGFKETKGG
RRFALEGGIPDVLNQNILFLGAGTGFVSKTTHYQLKNRKQAKQDSFEILTKKFRGTYGKMKEIPSNVPVALKGTTNQSRH
TSYQQGMCKVSFQELNNEVL
;
E
3 'polypeptide(L)'
;MNKKNILMYGSLLHDIGKIIYRSGDHTFSRGTHSKLGHQFLSQFSEFKDNEVLDNVAYHHYKELAKANLDNDNTAYITYI
ADNIASGIDRRDIIEEGDEEYEKQLFNFDKYTPLYSVFNIVNSEKLKQTNGKFKFSNESNIEYPKTENIQYSSGNYTTLM
KDMSHDLEHKLSIKEGTFPSLLQWTESLWQYVPSSTNKNQLIDISLYDHSRITCAIASCIFDYLNENNIHNYKDELFSKY
ENTKSFYQKEAFLLLSMDMSGIQDFIYNISGSKALKSLRSRSFYLELMLEVIVDQLLERLELARANLLYTGGGHAYLLVS
NTDKVKKKITQFNNELKKWFMSEFTTDLSLSMAFEKCSGDDLMNTSGNYRTIWRNVSSKLSDIKAHKYSAEDILKLNHFH
SYGDRECKECLRSDIDINDDGLCSICEGIINISNDLRDKSFFVLSETGKLKMPFNKFISVIDYEEAEMLVQNNNQVRIYS
KNKPYIGIGISTNLWMCDYDYASQNQDMREKGIGSYVDREEGVKRLGVVRADIDNLGATFISGIPEKYNSISRTATLSRQ
LSLFFKYELNHLLENYQITAIYSGGDDLFLIGAWDDIIEASIYINDKFKEFTLDKLTLSAGVGMFSGKYPVSKMAFETGR
LEEAAKTGEKNQISLWLQEKVYNWDEFKKNILEEKLLVLQQGFSQTDEHGKAFIYKMLALLRNNEAINIARLAYLLARSK
MNEDFTSKIFNWAQNDKDKNQLITALEYYIYQIREAD
;
F
4 'polyribonucleotide' ACGAGAACACGUAUGCCGAAGUAUAUAAAUCAUCAGU G
5 'polypeptide(L)'
;MTLATKVFKLSFKTPVHFGKKRLSDGEMTITADTLFSALFIETLQLGKDTDWLLNDLIISDTFPYENELYYLPKPLIKID
SKEEDNHKAFKKLKYVPVHHYNQYLNGELSAEDATDLNDIFNIGYFSLQTKVSLIAQETDSSADSEPYSVGTFTFEPEAG
LYFIAKGSEETLDHLNNIMTALQYSGLGGKRNAGYGQFEYEIINNQQLSKLLNQNGKHSILLSTAMAKKEEIESALKEAR
YILTKRSGFVQSTNYSEMLVKKSDFYSFSSGSVFKNIFNGDIFNVGHNGKHPVYRYAKPLWLEV
;
H
6 'polypeptide(L)'
;MTFAHEVVKSNVKNVKDRKGKEKQVLFNGLTTSKLRNLMEQVNRLYTIAFNSNEDQLNEEFIDELEYLKIKFYYEAGREK
SVDEFLKKTLMFPIIDRVIKKESKKFFLDYCKYFEALVAYAKYYQKED
;
I,K
7 'polyribonucleotide' ACUGAUGAUUUAUAUACUUCGGCAUACGUGUUCUCGU U
#
# COMPACT_ATOMS: atom_id res chain seq x y z
N TYR A 2 -3.13 -4.31 42.68
CA TYR A 2 -2.89 -4.48 41.24
C TYR A 2 -1.59 -5.21 40.95
N SER A 3 -1.65 -6.24 40.12
CA SER A 3 -0.47 -7.02 39.78
C SER A 3 -0.59 -7.53 38.35
N LYS A 4 0.52 -8.07 37.85
CA LYS A 4 0.57 -8.68 36.53
C LYS A 4 1.36 -9.97 36.60
N ILE A 5 0.87 -10.98 35.89
CA ILE A 5 1.48 -12.31 35.88
C ILE A 5 2.04 -12.57 34.50
N LYS A 6 3.30 -12.99 34.45
CA LYS A 6 3.98 -13.24 33.19
C LYS A 6 4.09 -14.74 32.94
N ILE A 7 3.79 -15.16 31.72
CA ILE A 7 3.86 -16.55 31.31
C ILE A 7 4.93 -16.66 30.24
N SER A 8 5.92 -17.53 30.45
CA SER A 8 7.00 -17.70 29.50
C SER A 8 7.12 -19.17 29.12
N GLY A 9 7.63 -19.41 27.93
CA GLY A 9 7.79 -20.78 27.48
C GLY A 9 8.41 -20.82 26.10
N THR A 10 8.47 -22.02 25.54
CA THR A 10 8.99 -22.22 24.19
C THR A 10 8.02 -23.09 23.39
N ILE A 11 7.91 -22.78 22.11
CA ILE A 11 7.02 -23.48 21.21
C ILE A 11 7.89 -24.23 20.21
N GLU A 12 7.86 -25.56 20.27
CA GLU A 12 8.61 -26.41 19.35
C GLU A 12 7.70 -26.81 18.19
N VAL A 13 8.20 -26.67 16.97
CA VAL A 13 7.46 -27.11 15.80
C VAL A 13 7.58 -28.63 15.70
N VAL A 14 6.46 -29.32 15.89
CA VAL A 14 6.45 -30.77 15.73
C VAL A 14 6.62 -31.13 14.27
N THR A 15 6.02 -30.35 13.38
CA THR A 15 6.22 -30.49 11.95
C THR A 15 6.34 -29.10 11.35
N GLY A 16 6.43 -29.04 10.03
CA GLY A 16 6.65 -27.78 9.35
C GLY A 16 5.58 -26.74 9.60
N LEU A 17 5.98 -25.59 10.11
CA LEU A 17 5.08 -24.46 10.32
C LEU A 17 5.22 -23.49 9.16
N HIS A 18 4.09 -23.02 8.64
CA HIS A 18 4.09 -22.07 7.53
C HIS A 18 3.13 -20.94 7.88
N ILE A 19 3.63 -19.92 8.57
CA ILE A 19 2.84 -18.72 8.77
C ILE A 19 2.69 -17.97 7.45
N GLY A 20 3.81 -17.53 6.89
CA GLY A 20 3.82 -17.06 5.53
C GLY A 20 2.93 -15.89 5.22
N GLY A 21 2.98 -14.86 6.05
CA GLY A 21 2.15 -13.69 5.83
C GLY A 21 2.60 -12.81 4.69
N GLY A 22 3.78 -13.07 4.11
CA GLY A 22 4.24 -12.25 3.01
C GLY A 22 3.41 -12.39 1.76
N GLY A 23 2.63 -13.46 1.65
CA GLY A 23 1.77 -13.66 0.49
C GLY A 23 0.55 -14.50 0.82
N ASP A 32 8.54 -19.08 -4.34
CA ASP A 32 7.52 -18.07 -3.98
C ASP A 32 6.87 -18.42 -2.63
N SER A 33 5.70 -17.84 -2.32
CA SER A 33 4.98 -18.10 -1.08
C SER A 33 5.93 -18.06 0.13
N PRO A 34 6.50 -16.90 0.43
CA PRO A 34 7.52 -16.86 1.49
C PRO A 34 6.93 -16.92 2.87
N VAL A 35 7.77 -16.75 3.88
CA VAL A 35 7.34 -16.75 5.27
C VAL A 35 7.68 -15.40 5.86
N VAL A 36 6.88 -14.96 6.84
CA VAL A 36 7.18 -13.71 7.52
C VAL A 36 8.57 -13.76 8.12
N ARG A 37 9.31 -12.67 7.97
CA ARG A 37 10.64 -12.57 8.54
C ARG A 37 10.85 -11.24 9.24
N ASP A 38 11.55 -11.27 10.37
CA ASP A 38 12.09 -10.03 10.91
C ASP A 38 13.10 -9.46 9.93
N LEU A 39 12.99 -8.17 9.67
CA LEU A 39 13.91 -7.51 8.75
C LEU A 39 15.20 -7.10 9.43
N GLN A 40 15.36 -7.40 10.71
CA GLN A 40 16.61 -7.12 11.39
C GLN A 40 17.55 -8.31 11.35
N THR A 41 17.01 -9.53 11.25
CA THR A 41 17.82 -10.73 11.33
C THR A 41 17.52 -11.74 10.23
N LYS A 42 16.56 -11.48 9.36
CA LYS A 42 16.24 -12.36 8.24
C LYS A 42 15.90 -13.77 8.75
N LEU A 43 14.85 -13.84 9.56
CA LEU A 43 14.47 -15.06 10.24
C LEU A 43 12.96 -15.21 10.23
N PRO A 44 12.44 -16.43 10.22
CA PRO A 44 10.99 -16.58 10.30
C PRO A 44 10.44 -16.49 11.72
N ILE A 45 9.26 -15.87 11.84
CA ILE A 45 8.69 -15.58 13.14
C ILE A 45 7.27 -16.09 13.21
N ILE A 46 6.78 -16.21 14.43
CA ILE A 46 5.39 -16.56 14.70
C ILE A 46 4.71 -15.33 15.27
N PRO A 47 3.90 -14.63 14.49
CA PRO A 47 3.22 -13.44 15.02
C PRO A 47 2.31 -13.80 16.17
N GLY A 48 2.31 -12.94 17.20
CA GLY A 48 1.52 -13.20 18.37
C GLY A 48 0.02 -13.19 18.08
N SER A 49 -0.41 -12.33 17.17
CA SER A 49 -1.83 -12.25 16.87
C SER A 49 -2.36 -13.55 16.26
N SER A 50 -1.54 -14.27 15.52
CA SER A 50 -1.96 -15.59 15.03
C SER A 50 -2.21 -16.55 16.18
N ILE A 51 -1.26 -16.61 17.13
CA ILE A 51 -1.42 -17.49 18.28
C ILE A 51 -2.68 -17.13 19.04
N LYS A 52 -2.89 -15.83 19.26
CA LYS A 52 -4.01 -15.39 20.06
C LYS A 52 -5.33 -15.64 19.35
N GLY A 53 -5.34 -15.50 18.03
CA GLY A 53 -6.55 -15.80 17.29
C GLY A 53 -6.92 -17.26 17.32
N LYS A 54 -5.93 -18.15 17.20
CA LYS A 54 -6.25 -19.57 17.30
C LYS A 54 -6.69 -19.95 18.70
N MET A 55 -6.08 -19.38 19.72
CA MET A 55 -6.56 -19.62 21.08
C MET A 55 -8.00 -19.15 21.22
N ARG A 56 -8.30 -17.96 20.69
CA ARG A 56 -9.67 -17.44 20.74
C ARG A 56 -10.63 -18.40 20.06
N ASN A 57 -10.32 -18.80 18.83
CA ASN A 57 -11.25 -19.62 18.07
C ASN A 57 -11.50 -20.96 18.75
N LEU A 58 -10.42 -21.62 19.18
CA LEU A 58 -10.59 -22.92 19.81
C LEU A 58 -11.35 -22.81 21.13
N LEU A 59 -11.01 -21.83 21.95
CA LEU A 59 -11.66 -21.74 23.25
C LEU A 59 -13.12 -21.35 23.10
N ALA A 60 -13.44 -20.51 22.11
CA ALA A 60 -14.82 -20.19 21.85
C ALA A 60 -15.59 -21.41 21.37
N LYS A 61 -14.99 -22.19 20.47
CA LYS A 61 -15.66 -23.38 19.98
C LYS A 61 -15.87 -24.40 21.09
N HIS A 62 -14.97 -24.43 22.07
CA HIS A 62 -15.14 -25.35 23.19
C HIS A 62 -16.41 -25.02 23.96
N PHE A 63 -16.57 -23.77 24.35
CA PHE A 63 -17.79 -23.34 25.01
C PHE A 63 -18.88 -23.14 23.96
N GLY A 64 -20.02 -22.63 24.39
CA GLY A 64 -21.17 -22.45 23.52
C GLY A 64 -20.89 -21.59 22.31
N LEU A 65 -21.22 -22.09 21.13
CA LEU A 65 -21.06 -21.36 19.88
C LEU A 65 -22.32 -21.61 19.06
N LYS A 66 -23.23 -20.65 19.05
CA LYS A 66 -24.54 -20.81 18.44
C LYS A 66 -24.62 -20.09 17.10
N MET A 67 -25.67 -20.41 16.36
CA MET A 67 -25.99 -19.70 15.12
C MET A 67 -25.98 -18.19 15.35
N LYS A 68 -26.87 -17.71 16.21
CA LYS A 68 -26.90 -16.29 16.55
C LYS A 68 -25.57 -15.85 17.14
N GLN A 69 -24.85 -16.76 17.79
CA GLN A 69 -23.50 -16.39 18.29
C GLN A 69 -22.53 -16.40 17.10
N GLU A 70 -22.71 -17.31 16.14
CA GLU A 70 -21.86 -17.29 14.94
C GLU A 70 -22.00 -15.96 14.20
N SER A 71 -23.16 -15.32 14.31
CA SER A 71 -23.43 -14.15 13.49
C SER A 71 -22.50 -12.98 13.83
N HIS A 72 -22.25 -12.74 15.12
CA HIS A 72 -21.79 -11.43 15.56
C HIS A 72 -20.34 -11.38 16.07
N ASN A 73 -19.68 -12.52 16.23
CA ASN A 73 -18.40 -12.59 16.94
C ASN A 73 -18.54 -12.11 18.39
N GLN A 74 -19.69 -12.38 18.99
CA GLN A 74 -19.81 -12.50 20.43
C GLN A 74 -19.58 -13.96 20.81
N ASP A 75 -19.33 -14.19 22.09
CA ASP A 75 -18.94 -15.53 22.51
C ASP A 75 -19.19 -15.66 24.00
N ASP A 76 -18.78 -16.80 24.56
CA ASP A 76 -19.06 -17.09 25.97
C ASP A 76 -18.42 -16.05 26.87
N GLU A 77 -19.11 -15.74 27.97
CA GLU A 77 -18.66 -14.68 28.85
C GLU A 77 -17.25 -14.91 29.34
N ARG A 78 -16.86 -16.17 29.53
CA ARG A 78 -15.52 -16.44 30.00
C ARG A 78 -14.48 -16.15 28.92
N VAL A 79 -14.77 -16.54 27.68
CA VAL A 79 -13.82 -16.29 26.60
C VAL A 79 -13.66 -14.80 26.36
N LEU A 80 -14.79 -14.09 26.32
CA LEU A 80 -14.76 -12.64 26.14
C LEU A 80 -14.03 -11.98 27.31
N ARG A 81 -14.26 -12.47 28.51
CA ARG A 81 -13.59 -11.92 29.69
C ARG A 81 -12.08 -12.09 29.57
N LEU A 82 -11.63 -13.24 29.12
CA LEU A 82 -10.20 -13.50 29.05
C LEU A 82 -9.53 -12.76 27.90
N PHE A 83 -10.25 -12.55 26.79
CA PHE A 83 -9.64 -11.98 25.60
C PHE A 83 -10.14 -10.58 25.24
N GLY A 84 -11.19 -10.10 25.89
CA GLY A 84 -11.62 -8.73 25.69
C GLY A 84 -12.42 -8.51 24.43
N SER A 85 -13.54 -7.78 24.53
CA SER A 85 -14.34 -7.44 23.36
C SER A 85 -14.39 -5.94 23.12
N SER A 86 -14.84 -5.17 24.09
CA SER A 86 -15.04 -3.73 23.96
C SER A 86 -15.71 -3.40 22.63
N GLU A 87 -16.87 -4.00 22.41
CA GLU A 87 -17.62 -3.73 21.19
C GLU A 87 -19.02 -3.22 21.43
N LYS A 88 -19.76 -3.78 22.38
CA LYS A 88 -21.12 -3.35 22.62
C LYS A 88 -21.39 -3.38 24.12
N GLY A 89 -21.92 -2.27 24.64
CA GLY A 89 -22.42 -2.23 26.00
C GLY A 89 -21.42 -2.68 27.06
N ASN A 90 -21.66 -3.85 27.63
CA ASN A 90 -20.81 -4.38 28.70
C ASN A 90 -19.46 -4.73 28.10
N ILE A 91 -18.62 -3.72 27.95
CA ILE A 91 -17.29 -3.93 27.39
C ILE A 91 -16.35 -4.41 28.48
N GLN A 92 -15.40 -5.24 28.10
CA GLN A 92 -14.43 -5.83 29.02
C GLN A 92 -13.04 -5.63 28.45
N ARG A 93 -12.19 -4.91 29.17
CA ARG A 93 -10.82 -4.76 28.74
C ARG A 93 -10.11 -6.10 28.82
N ALA A 94 -9.29 -6.40 27.81
CA ALA A 94 -8.63 -7.69 27.76
C ALA A 94 -7.70 -7.86 28.94
N ARG A 95 -7.70 -9.06 29.52
CA ARG A 95 -6.83 -9.36 30.65
C ARG A 95 -5.54 -10.05 30.23
N LEU A 96 -5.45 -10.52 29.00
CA LEU A 96 -4.34 -11.35 28.57
C LEU A 96 -3.74 -10.78 27.31
N GLN A 97 -2.43 -10.58 27.31
CA GLN A 97 -1.71 -9.98 26.19
C GLN A 97 -0.74 -11.00 25.61
N ILE A 98 -0.88 -11.29 24.33
CA ILE A 98 -0.01 -12.21 23.62
C ILE A 98 1.11 -11.42 22.97
N SER A 99 2.30 -12.00 22.95
CA SER A 99 3.45 -11.39 22.30
C SER A 99 3.94 -12.27 21.17
N ASP A 100 4.76 -11.69 20.31
CA ASP A 100 5.28 -12.42 19.17
C ASP A 100 6.30 -13.47 19.63
N ALA A 101 6.67 -14.34 18.71
CA ALA A 101 7.64 -15.39 18.99
C ALA A 101 8.81 -15.25 18.02
N PHE A 102 10.02 -15.35 18.54
CA PHE A 102 11.23 -15.18 17.76
C PHE A 102 12.05 -16.45 17.76
N PHE A 103 12.75 -16.66 16.65
CA PHE A 103 13.53 -17.87 16.45
C PHE A 103 14.69 -17.87 17.43
N SER A 104 14.68 -18.77 18.40
CA SER A 104 15.51 -18.66 19.59
C SER A 104 17.00 -18.75 19.27
N GLU A 105 17.81 -18.42 20.28
CA GLU A 105 19.26 -18.43 20.10
C GLU A 105 19.86 -19.83 20.16
N LYS A 106 19.31 -20.71 21.00
CA LYS A 106 19.87 -22.05 21.08
C LYS A 106 19.70 -22.80 19.76
N THR A 107 18.56 -22.63 19.10
CA THR A 107 18.40 -23.20 17.78
C THR A 107 19.29 -22.52 16.75
N LYS A 108 19.60 -21.23 16.94
CA LYS A 108 20.65 -20.61 16.14
C LYS A 108 21.92 -21.42 16.23
N GLU A 109 22.34 -21.70 17.47
CA GLU A 109 23.59 -22.42 17.67
C GLU A 109 23.54 -23.79 17.05
N HIS A 110 22.43 -24.51 17.22
CA HIS A 110 22.36 -25.87 16.70
C HIS A 110 22.39 -25.89 15.18
N PHE A 111 21.60 -25.03 14.53
CA PHE A 111 21.60 -25.04 13.07
C PHE A 111 22.88 -24.46 12.49
N ALA A 112 23.59 -23.63 13.25
CA ALA A 112 24.90 -23.17 12.78
C ALA A 112 25.94 -24.28 12.90
N GLN A 113 25.94 -25.01 14.02
CA GLN A 113 26.95 -26.03 14.24
C GLN A 113 26.73 -27.24 13.36
N ASN A 114 25.48 -27.57 13.04
CA ASN A 114 25.19 -28.73 12.22
C ASN A 114 24.83 -28.37 10.79
N ASP A 115 24.89 -27.09 10.43
CA ASP A 115 24.63 -26.65 9.05
C ASP A 115 23.27 -27.15 8.57
N ILE A 116 22.22 -26.65 9.22
CA ILE A 116 20.85 -27.04 8.92
C ILE A 116 20.10 -25.82 8.39
N ALA A 117 19.42 -26.00 7.27
CA ALA A 117 18.69 -24.91 6.66
C ALA A 117 17.54 -24.46 7.54
N TYR A 118 17.23 -23.17 7.49
CA TYR A 118 16.14 -22.60 8.28
C TYR A 118 14.77 -22.81 7.65
N THR A 119 14.70 -23.23 6.39
CA THR A 119 13.40 -23.30 5.72
C THR A 119 13.50 -24.24 4.53
N GLU A 120 12.76 -25.34 4.58
CA GLU A 120 12.70 -26.24 3.44
C GLU A 120 11.81 -25.66 2.35
N THR A 121 12.03 -26.14 1.13
CA THR A 121 11.12 -25.86 0.03
C THR A 121 10.67 -27.20 -0.54
N LYS A 122 9.66 -27.78 0.10
CA LYS A 122 9.10 -29.04 -0.35
C LYS A 122 8.03 -28.75 -1.39
N PHE A 123 8.18 -29.35 -2.56
CA PHE A 123 7.29 -29.09 -3.67
C PHE A 123 5.98 -29.83 -3.47
N GLU A 124 4.90 -29.26 -4.01
CA GLU A 124 3.64 -29.99 -4.08
C GLU A 124 3.03 -29.83 -5.45
N ASN A 125 1.94 -30.57 -5.66
CA ASN A 125 1.36 -30.78 -6.97
C ASN A 125 -0.16 -30.66 -6.86
N THR A 126 -0.84 -30.88 -7.97
CA THR A 126 -2.30 -30.76 -8.04
C THR A 126 -2.76 -31.61 -9.22
N ILE A 127 -3.49 -32.67 -8.94
CA ILE A 127 -4.01 -33.55 -9.98
C ILE A 127 -5.51 -33.28 -10.08
N ASN A 128 -5.88 -32.38 -10.99
CA ASN A 128 -7.29 -32.16 -11.26
C ASN A 128 -7.85 -33.32 -12.07
N ARG A 129 -9.16 -33.46 -12.05
CA ARG A 129 -9.80 -34.64 -12.61
C ARG A 129 -10.19 -34.40 -14.07
N LEU A 130 -10.43 -35.51 -14.77
CA LEU A 130 -10.88 -35.52 -16.16
C LEU A 130 -9.77 -35.02 -17.08
N THR A 131 -8.68 -34.53 -16.52
CA THR A 131 -7.52 -34.13 -17.32
C THR A 131 -6.27 -34.77 -16.75
N ALA A 132 -6.25 -35.01 -15.44
CA ALA A 132 -5.13 -35.58 -14.70
C ALA A 132 -3.84 -34.80 -14.91
N VAL A 133 -3.90 -33.59 -15.44
CA VAL A 133 -2.71 -32.80 -15.69
C VAL A 133 -2.21 -32.23 -14.36
N ALA A 134 -0.91 -32.39 -14.11
CA ALA A 134 -0.33 -31.92 -12.87
C ALA A 134 -0.01 -30.44 -12.93
N ASN A 135 0.06 -29.82 -11.77
CA ASN A 135 0.38 -28.40 -11.66
C ASN A 135 1.29 -28.21 -10.45
N PRO A 136 2.55 -27.83 -10.64
CA PRO A 136 3.49 -27.80 -9.52
C PRO A 136 3.59 -26.46 -8.80
N ARG A 137 4.06 -26.55 -7.56
CA ARG A 137 4.18 -25.39 -6.69
C ARG A 137 5.23 -25.74 -5.64
N GLN A 138 5.86 -24.71 -5.11
CA GLN A 138 6.85 -24.87 -4.04
C GLN A 138 6.55 -23.87 -2.93
N ILE A 139 6.53 -24.36 -1.70
CA ILE A 139 6.20 -23.54 -0.55
C ILE A 139 7.33 -23.66 0.46
N GLU A 140 7.38 -22.69 1.36
CA GLU A 140 8.43 -22.63 2.37
C GLU A 140 7.83 -22.84 3.75
N ARG A 141 8.54 -23.62 4.58
CA ARG A 141 8.06 -23.92 5.96
C ARG A 141 9.27 -24.07 6.87
N VAL A 142 9.20 -23.54 8.10
CA VAL A 142 10.32 -23.65 9.02
C VAL A 142 10.65 -25.11 9.23
N THR A 143 11.94 -25.41 9.37
CA THR A 143 12.38 -26.78 9.51
C THR A 143 11.93 -27.37 10.84
N ARG A 144 11.74 -28.68 10.84
CA ARG A 144 11.29 -29.40 12.03
C ARG A 144 12.20 -29.13 13.21
N GLY A 145 11.63 -29.24 14.41
CA GLY A 145 12.40 -29.23 15.62
C GLY A 145 12.85 -27.86 16.09
N SER A 146 12.76 -26.84 15.26
CA SER A 146 13.12 -25.51 15.69
C SER A 146 12.20 -25.04 16.80
N GLU A 147 12.70 -24.13 17.62
CA GLU A 147 11.97 -23.62 18.76
C GLU A 147 11.83 -22.10 18.67
N PHE A 148 10.73 -21.61 19.22
CA PHE A 148 10.48 -20.18 19.32
C PHE A 148 10.16 -19.83 20.76
N ASP A 149 10.57 -18.65 21.18
CA ASP A 149 10.34 -18.18 22.54
C ASP A 149 9.17 -17.21 22.55
N PHE A 150 8.22 -17.44 23.45
CA PHE A 150 7.08 -16.54 23.58
C PHE A 150 6.94 -16.08 25.02
N VAL A 151 6.19 -15.01 25.20
CA VAL A 151 5.89 -14.48 26.52
C VAL A 151 4.44 -14.00 26.55
N PHE A 152 3.75 -14.31 27.64
CA PHE A 152 2.40 -13.82 27.88
C PHE A 152 2.41 -12.92 29.11
N ILE A 153 1.49 -11.96 29.13
CA ILE A 153 1.28 -11.10 30.28
C ILE A 153 -0.20 -11.14 30.61
N TYR A 154 -0.53 -11.40 31.87
CA TYR A 154 -1.91 -11.50 32.30
C TYR A 154 -2.19 -10.44 33.35
N ASN A 155 -3.29 -9.72 33.19
CA ASN A 155 -3.70 -8.67 34.11
C ASN A 155 -4.72 -9.22 35.10
N VAL A 156 -4.60 -8.81 36.36
CA VAL A 156 -5.63 -9.16 37.33
C VAL A 156 -6.42 -7.92 37.70
N ASP A 157 -7.51 -7.69 36.97
CA ASP A 157 -8.42 -6.62 37.33
C ASP A 157 -9.28 -6.98 38.52
N GLU A 158 -9.27 -8.25 38.94
CA GLU A 158 -10.07 -8.68 40.07
C GLU A 158 -9.33 -9.83 40.75
N GLU A 159 -9.66 -10.05 42.01
CA GLU A 159 -8.88 -10.95 42.87
C GLU A 159 -9.32 -12.40 42.80
N SER A 160 -10.62 -12.66 42.92
CA SER A 160 -11.10 -14.02 43.11
C SER A 160 -11.04 -14.87 41.84
N GLN A 161 -11.17 -14.25 40.68
CA GLN A 161 -11.38 -15.02 39.46
C GLN A 161 -10.12 -15.68 38.94
N VAL A 162 -8.96 -15.43 39.55
CA VAL A 162 -7.68 -15.80 38.94
C VAL A 162 -7.63 -17.30 38.65
N GLU A 163 -8.09 -18.12 39.58
CA GLU A 163 -8.01 -19.56 39.40
C GLU A 163 -8.79 -20.00 38.18
N ASP A 164 -10.00 -19.48 38.01
CA ASP A 164 -10.83 -19.89 36.88
C ASP A 164 -10.19 -19.46 35.56
N ASP A 165 -9.64 -18.25 35.50
CA ASP A 165 -9.00 -17.81 34.27
C ASP A 165 -7.80 -18.69 33.94
N PHE A 166 -7.02 -19.08 34.94
CA PHE A 166 -5.90 -19.94 34.62
C PHE A 166 -6.36 -21.35 34.24
N GLU A 167 -7.48 -21.80 34.80
CA GLU A 167 -8.04 -23.07 34.34
C GLU A 167 -8.43 -23.01 32.87
N ASN A 168 -9.09 -21.92 32.48
CA ASN A 168 -9.45 -21.76 31.08
C ASN A 168 -8.22 -21.63 30.20
N ILE A 169 -7.17 -20.96 30.68
CA ILE A 169 -5.94 -20.85 29.92
C ILE A 169 -5.33 -22.23 29.71
N GLU A 170 -5.31 -23.04 30.76
CA GLU A 170 -4.79 -24.40 30.63
C GLU A 170 -5.61 -25.19 29.61
N LYS A 171 -6.93 -25.05 29.65
CA LYS A 171 -7.77 -25.73 28.68
C LYS A 171 -7.45 -25.27 27.27
N ALA A 172 -7.28 -23.96 27.07
CA ALA A 172 -7.00 -23.44 25.75
C ALA A 172 -5.67 -23.97 25.22
N ILE A 173 -4.65 -23.99 26.07
CA ILE A 173 -3.36 -24.53 25.65
C ILE A 173 -3.49 -26.00 25.31
N HIS A 174 -4.22 -26.75 26.12
CA HIS A 174 -4.36 -28.18 25.89
C HIS A 174 -5.04 -28.45 24.55
N LEU A 175 -6.11 -27.71 24.26
CA LEU A 175 -6.73 -27.85 22.94
C LEU A 175 -5.77 -27.46 21.84
N LEU A 176 -5.05 -26.35 22.00
CA LEU A 176 -4.22 -25.86 20.91
C LEU A 176 -3.10 -26.83 20.60
N GLU A 177 -2.60 -27.55 21.60
CA GLU A 177 -1.55 -28.52 21.34
C GLU A 177 -2.02 -29.64 20.43
N ASN A 178 -3.32 -29.86 20.32
CA ASN A 178 -3.88 -30.87 19.43
C ASN A 178 -4.52 -30.25 18.20
N ASP A 179 -3.93 -29.17 17.70
CA ASP A 179 -4.44 -28.46 16.54
C ASP A 179 -3.25 -27.89 15.81
N TYR A 180 -3.47 -26.92 14.94
CA TYR A 180 -2.39 -26.39 14.14
C TYR A 180 -2.38 -24.86 14.16
N LEU A 181 -1.19 -24.30 14.05
CA LEU A 181 -0.99 -22.91 13.66
C LEU A 181 -0.50 -22.86 12.22
N GLY A 182 -0.44 -21.66 11.68
CA GLY A 182 -0.06 -21.57 10.29
C GLY A 182 -1.18 -22.11 9.42
N GLY A 183 -0.79 -22.50 8.20
CA GLY A 183 -1.73 -22.96 7.21
C GLY A 183 -1.44 -24.39 6.78
N GLY A 184 -2.36 -24.93 5.99
CA GLY A 184 -2.25 -26.32 5.58
C GLY A 184 -2.23 -27.26 6.75
N GLY A 185 -2.81 -26.87 7.88
CA GLY A 185 -2.75 -27.70 9.06
C GLY A 185 -3.42 -29.04 8.86
N THR A 186 -4.59 -29.03 8.20
CA THR A 186 -5.25 -30.27 7.88
C THR A 186 -4.44 -31.11 6.90
N ARG A 187 -3.48 -30.50 6.23
CA ARG A 187 -2.66 -31.18 5.24
C ARG A 187 -1.30 -31.58 5.80
N GLY A 188 -1.09 -31.44 7.11
CA GLY A 188 0.12 -31.91 7.78
C GLY A 188 0.92 -30.81 8.43
N ASN A 189 0.90 -29.61 7.86
CA ASN A 189 1.79 -28.56 8.31
C ASN A 189 1.40 -28.05 9.69
N GLY A 190 2.35 -27.39 10.34
CA GLY A 190 2.08 -26.53 11.47
C GLY A 190 1.54 -27.14 12.75
N ARG A 191 2.11 -28.24 13.21
CA ARG A 191 1.79 -28.77 14.52
C ARG A 191 2.85 -28.31 15.52
N ILE A 192 2.41 -27.93 16.72
CA ILE A 192 3.35 -27.50 17.75
C ILE A 192 3.00 -28.18 19.06
N GLN A 193 3.94 -28.09 19.99
CA GLN A 193 3.74 -28.49 21.37
C GLN A 193 4.42 -27.48 22.27
N PHE A 194 3.89 -27.32 23.48
CA PHE A 194 4.43 -26.38 24.46
C PHE A 194 5.29 -27.14 25.45
N LYS A 195 6.34 -26.47 25.94
CA LYS A 195 7.19 -27.05 26.95
C LYS A 195 7.95 -25.95 27.66
N ASP A 196 8.48 -26.27 28.82
CA ASP A 196 9.31 -25.36 29.61
C ASP A 196 8.56 -24.07 29.92
N THR A 197 7.48 -24.21 30.66
CA THR A 197 6.65 -23.07 31.03
C THR A 197 7.04 -22.57 32.42
N ASN A 198 6.97 -21.25 32.57
CA ASN A 198 7.28 -20.60 33.85
C ASN A 198 6.23 -19.55 34.14
N ILE A 199 5.73 -19.54 35.39
CA ILE A 199 4.69 -18.56 35.82
C ILE A 199 5.26 -17.73 36.97
N GLU A 200 5.33 -16.41 36.81
CA GLU A 200 5.89 -15.54 37.85
C GLU A 200 5.18 -14.19 37.84
N THR A 201 4.96 -13.65 39.03
CA THR A 201 4.32 -12.36 39.20
C THR A 201 5.37 -11.28 38.97
N VAL A 202 5.37 -10.71 37.76
CA VAL A 202 6.43 -9.80 37.39
C VAL A 202 6.26 -8.44 38.08
N VAL A 203 5.03 -8.00 38.29
CA VAL A 203 4.75 -6.76 39.03
C VAL A 203 3.57 -7.03 39.95
N GLY A 204 3.65 -6.51 41.16
CA GLY A 204 2.55 -6.60 42.10
C GLY A 204 2.88 -7.44 43.31
N GLU A 205 1.81 -7.88 43.98
CA GLU A 205 1.95 -8.56 45.27
C GLU A 205 1.03 -9.78 45.36
N TYR A 206 0.86 -10.48 44.24
CA TYR A 206 0.04 -11.68 44.22
C TYR A 206 0.93 -12.90 44.00
N ASP A 207 0.75 -13.92 44.83
CA ASP A 207 1.52 -15.14 44.68
C ASP A 207 1.04 -15.97 43.50
N SER A 208 1.95 -16.79 42.96
CA SER A 208 1.61 -17.60 41.81
C SER A 208 2.21 -19.00 41.89
N THR A 209 2.56 -19.47 43.08
CA THR A 209 3.16 -20.78 43.22
C THR A 209 2.17 -21.91 43.00
N ASN A 210 0.87 -21.61 43.10
CA ASN A 210 -0.16 -22.63 42.99
C ASN A 210 -0.75 -22.72 41.59
N LEU A 211 -0.17 -22.01 40.62
CA LEU A 211 -0.74 -21.87 39.30
C LEU A 211 0.12 -22.61 38.29
N LYS A 212 -0.51 -23.43 37.45
CA LYS A 212 0.23 -24.26 36.51
C LYS A 212 -0.49 -24.34 35.18
N ILE A 213 0.29 -24.27 34.10
CA ILE A 213 -0.20 -24.47 32.74
C ILE A 213 0.68 -25.53 32.10
N LYS A 214 0.06 -26.60 31.61
CA LYS A 214 0.83 -27.67 30.98
C LYS A 214 1.15 -27.33 29.53
N TYR B 2 15.30 27.25 43.24
CA TYR B 2 14.56 26.53 42.21
C TYR B 2 15.51 25.85 41.24
N SER B 3 15.08 24.72 40.67
CA SER B 3 15.97 24.00 39.77
C SER B 3 15.14 23.13 38.83
N LYS B 4 15.80 22.67 37.76
CA LYS B 4 15.20 21.79 36.77
C LYS B 4 16.07 20.56 36.60
N ILE B 5 15.43 19.41 36.39
CA ILE B 5 16.11 18.13 36.27
C ILE B 5 15.80 17.54 34.91
N LYS B 6 16.82 17.12 34.19
CA LYS B 6 16.65 16.52 32.87
C LYS B 6 16.82 15.02 32.95
N ILE B 7 15.88 14.29 32.35
CA ILE B 7 15.95 12.85 32.21
C ILE B 7 16.08 12.56 30.73
N SER B 8 17.21 11.99 30.32
CA SER B 8 17.47 11.72 28.92
C SER B 8 17.90 10.27 28.74
N GLY B 9 17.60 9.73 27.56
CA GLY B 9 17.95 8.36 27.29
C GLY B 9 17.39 7.91 25.95
N THR B 10 17.38 6.59 25.76
CA THR B 10 16.91 5.98 24.53
C THR B 10 15.94 4.86 24.86
N ILE B 11 15.05 4.57 23.92
CA ILE B 11 14.07 3.50 24.06
C ILE B 11 14.16 2.59 22.85
N GLU B 12 14.00 1.29 23.07
CA GLU B 12 14.00 0.29 22.00
C GLU B 12 12.65 -0.37 21.91
N VAL B 13 12.27 -0.75 20.69
CA VAL B 13 11.08 -1.55 20.48
C VAL B 13 11.48 -3.02 20.49
N VAL B 14 11.08 -3.73 21.54
CA VAL B 14 11.33 -5.17 21.58
C VAL B 14 10.57 -5.85 20.46
N THR B 15 9.32 -5.50 20.29
CA THR B 15 8.55 -5.84 19.11
C THR B 15 8.05 -4.56 18.47
N GLY B 16 7.58 -4.67 17.23
CA GLY B 16 7.28 -3.49 16.45
C GLY B 16 6.23 -2.62 17.10
N LEU B 17 6.32 -1.33 16.81
CA LEU B 17 5.46 -0.32 17.40
C LEU B 17 4.54 0.25 16.32
N HIS B 18 3.31 0.58 16.70
CA HIS B 18 2.31 1.10 15.76
C HIS B 18 1.50 2.18 16.46
N ILE B 19 1.94 3.43 16.34
CA ILE B 19 1.15 4.53 16.86
C ILE B 19 0.05 4.89 15.89
N GLY B 20 0.40 5.02 14.60
CA GLY B 20 -0.61 5.08 13.55
C GLY B 20 -1.60 6.22 13.64
N GLY B 21 -1.08 7.45 13.74
CA GLY B 21 -1.97 8.59 13.72
C GLY B 21 -2.76 8.71 12.43
N GLY B 22 -2.14 8.33 11.30
CA GLY B 22 -2.84 8.40 10.03
C GLY B 22 -4.02 7.46 9.96
N GLY B 23 -3.89 6.27 10.54
CA GLY B 23 -4.96 5.29 10.53
C GLY B 23 -6.14 5.67 11.42
N SER B 33 -2.94 1.61 6.37
CA SER B 33 -2.92 1.92 7.79
C SER B 33 -1.54 2.43 8.18
N PRO B 34 -1.34 3.72 8.03
CA PRO B 34 0.02 4.27 8.18
C PRO B 34 0.48 4.35 9.62
N VAL B 35 1.68 4.90 9.81
CA VAL B 35 2.23 5.22 11.11
C VAL B 35 2.67 6.68 11.07
N VAL B 36 2.72 7.30 12.25
CA VAL B 36 3.10 8.71 12.32
C VAL B 36 4.49 8.90 11.75
N ARG B 37 4.65 9.93 10.93
CA ARG B 37 5.93 10.29 10.35
C ARG B 37 6.06 11.80 10.36
N ASP B 38 7.19 12.30 9.91
CA ASP B 38 7.37 13.72 9.61
C ASP B 38 7.18 13.91 8.12
N LEU B 39 6.29 14.82 7.75
CA LEU B 39 5.81 14.89 6.36
C LEU B 39 6.91 15.22 5.36
N GLN B 40 8.12 15.54 5.81
CA GLN B 40 9.23 15.78 4.89
C GLN B 40 10.33 14.75 5.05
N THR B 41 10.83 14.53 6.27
CA THR B 41 11.89 13.55 6.45
C THR B 41 11.38 12.13 6.29
N LYS B 42 10.09 11.91 6.50
CA LYS B 42 9.47 10.59 6.49
C LYS B 42 10.12 9.63 7.47
N LEU B 43 10.81 10.15 8.47
CA LEU B 43 11.19 9.12 9.43
C LEU B 43 10.20 9.07 10.58
N PRO B 44 9.80 7.89 11.00
CA PRO B 44 8.79 7.78 12.06
C PRO B 44 9.26 8.29 13.40
N ILE B 45 8.30 8.75 14.22
CA ILE B 45 8.58 9.34 15.51
C ILE B 45 7.73 8.63 16.56
N ILE B 46 7.76 9.16 17.77
CA ILE B 46 6.83 8.75 18.83
C ILE B 46 6.27 10.00 19.50
N PRO B 47 4.99 10.32 19.32
CA PRO B 47 4.43 11.51 19.98
C PRO B 47 4.51 11.38 21.48
N GLY B 48 4.82 12.50 22.14
CA GLY B 48 4.88 12.50 23.59
C GLY B 48 3.53 12.30 24.25
N SER B 49 2.45 12.60 23.54
CA SER B 49 1.12 12.38 24.10
C SER B 49 0.90 10.91 24.40
N SER B 50 1.38 10.03 23.54
CA SER B 50 1.23 8.60 23.78
C SER B 50 1.94 8.19 25.07
N ILE B 51 3.19 8.61 25.22
CA ILE B 51 3.96 8.26 26.40
C ILE B 51 3.27 8.78 27.64
N LYS B 52 2.88 10.05 27.62
CA LYS B 52 2.25 10.67 28.78
C LYS B 52 0.96 9.98 29.14
N GLY B 53 0.12 9.70 28.15
CA GLY B 53 -1.16 9.07 28.43
C GLY B 53 -1.01 7.67 28.97
N LYS B 54 -0.11 6.89 28.39
CA LYS B 54 0.05 5.53 28.89
C LYS B 54 0.60 5.52 30.31
N MET B 55 1.59 6.38 30.60
CA MET B 55 2.08 6.45 31.96
C MET B 55 0.99 6.88 32.92
N ARG B 56 0.19 7.88 32.55
CA ARG B 56 -0.83 8.36 33.46
C ARG B 56 -1.87 7.29 33.74
N ASN B 57 -2.32 6.60 32.69
CA ASN B 57 -3.30 5.54 32.88
C ASN B 57 -2.75 4.45 33.78
N LEU B 58 -1.53 3.98 33.50
CA LEU B 58 -0.97 2.90 34.29
C LEU B 58 -0.80 3.32 35.74
N LEU B 59 -0.30 4.52 35.98
CA LEU B 59 -0.04 4.94 37.35
C LEU B 59 -1.34 5.13 38.12
N ALA B 60 -2.33 5.76 37.49
CA ALA B 60 -3.61 5.92 38.17
C ALA B 60 -4.23 4.57 38.50
N LYS B 61 -4.15 3.63 37.57
CA LYS B 61 -4.68 2.30 37.78
C LYS B 61 -3.79 1.47 38.71
N HIS B 62 -2.63 1.99 39.09
CA HIS B 62 -1.80 1.32 40.10
C HIS B 62 -2.22 1.66 41.52
N PHE B 63 -3.14 2.60 41.72
CA PHE B 63 -3.56 3.01 43.05
C PHE B 63 -4.97 2.55 43.41
N ASP B 76 -5.68 9.96 44.87
CA ASP B 76 -5.55 10.58 43.52
C ASP B 76 -4.81 11.92 43.65
N GLU B 77 -3.87 12.02 44.60
CA GLU B 77 -3.10 13.25 44.77
C GLU B 77 -1.79 13.20 44.01
N ARG B 78 -1.13 12.05 44.01
CA ARG B 78 0.19 11.96 43.38
C ARG B 78 0.10 12.01 41.86
N VAL B 79 -0.84 11.26 41.28
CA VAL B 79 -1.03 11.33 39.83
C VAL B 79 -1.51 12.71 39.42
N LEU B 80 -2.33 13.34 40.26
CA LEU B 80 -2.67 14.75 40.06
C LEU B 80 -1.41 15.60 40.09
N ARG B 81 -0.45 15.25 40.93
CA ARG B 81 0.70 16.09 41.14
C ARG B 81 1.67 16.04 39.97
N LEU B 82 1.91 14.84 39.43
CA LEU B 82 2.90 14.72 38.36
C LEU B 82 2.44 15.42 37.09
N PHE B 83 1.31 14.99 36.54
CA PHE B 83 0.88 15.49 35.25
C PHE B 83 -0.02 16.71 35.34
N GLY B 84 -0.81 16.81 36.41
CA GLY B 84 -1.61 18.00 36.59
C GLY B 84 -2.92 17.90 35.85
N SER B 85 -4.05 17.99 36.57
CA SER B 85 -5.35 17.99 35.92
C SER B 85 -5.86 19.40 35.73
N SER B 86 -5.95 20.17 36.80
CA SER B 86 -6.34 21.57 36.75
C SER B 86 -7.68 21.73 36.01
N GLU B 87 -8.64 20.90 36.41
CA GLU B 87 -9.99 21.00 35.87
C GLU B 87 -11.08 20.82 36.92
N LYS B 88 -10.73 20.48 38.15
CA LYS B 88 -11.70 20.01 39.12
C LYS B 88 -11.92 21.04 40.24
N GLY B 89 -11.95 22.32 39.87
CA GLY B 89 -12.06 23.38 40.85
C GLY B 89 -10.81 23.66 41.64
N ASN B 90 -9.86 22.73 41.66
CA ASN B 90 -8.52 22.97 42.17
C ASN B 90 -7.51 22.75 41.05
N ILE B 91 -6.48 23.60 41.01
CA ILE B 91 -5.65 23.77 39.84
C ILE B 91 -4.23 23.36 40.20
N GLN B 92 -3.63 22.48 39.41
CA GLN B 92 -2.25 22.06 39.61
C GLN B 92 -1.50 22.13 38.30
N ARG B 93 -0.41 22.89 38.29
CA ARG B 93 0.44 22.97 37.11
C ARG B 93 1.22 21.67 36.95
N ALA B 94 1.40 21.25 35.70
CA ALA B 94 2.13 20.03 35.42
C ALA B 94 3.56 20.14 35.93
N ARG B 95 4.06 19.06 36.50
CA ARG B 95 5.40 19.04 37.06
C ARG B 95 6.40 18.25 36.22
N LEU B 96 5.94 17.43 35.30
CA LEU B 96 6.81 16.60 34.48
C LEU B 96 6.40 16.73 33.03
N GLN B 97 7.34 17.17 32.19
CA GLN B 97 7.08 17.46 30.79
C GLN B 97 7.70 16.37 29.93
N ILE B 98 6.91 15.78 29.06
CA ILE B 98 7.36 14.78 28.10
C ILE B 98 7.64 15.49 26.79
N SER B 99 8.63 15.02 26.06
CA SER B 99 8.93 15.56 24.74
C SER B 99 8.92 14.42 23.72
N ASP B 100 8.77 14.79 22.45
CA ASP B 100 8.68 13.81 21.39
C ASP B 100 10.00 13.07 21.23
N ALA B 101 9.97 12.04 20.39
CA ALA B 101 11.11 11.18 20.14
C ALA B 101 11.43 11.13 18.65
N PHE B 102 12.67 10.75 18.35
CA PHE B 102 13.13 10.62 16.98
C PHE B 102 14.11 9.44 16.93
N PHE B 103 14.37 8.93 15.72
CA PHE B 103 15.38 7.89 15.59
C PHE B 103 16.73 8.37 16.06
N SER B 104 17.47 7.45 16.68
CA SER B 104 18.86 7.71 17.01
C SER B 104 19.71 7.64 15.73
N GLU B 105 20.79 8.41 15.71
CA GLU B 105 21.73 8.34 14.60
C GLU B 105 22.33 6.96 14.47
N LYS B 106 22.50 6.26 15.60
CA LYS B 106 23.08 4.93 15.57
C LYS B 106 22.25 3.99 14.72
N THR B 107 20.92 4.04 14.89
CA THR B 107 20.06 3.15 14.11
C THR B 107 20.07 3.50 12.63
N LYS B 108 20.06 4.80 12.31
CA LYS B 108 20.10 5.17 10.90
C LYS B 108 21.38 4.68 10.26
N GLU B 109 22.52 4.87 10.94
CA GLU B 109 23.77 4.38 10.39
C GLU B 109 23.75 2.86 10.23
N HIS B 110 23.26 2.15 11.24
CA HIS B 110 23.27 0.69 11.22
C HIS B 110 22.40 0.16 10.08
N PHE B 111 21.19 0.69 9.95
CA PHE B 111 20.28 0.22 8.91
C PHE B 111 20.77 0.61 7.52
N ALA B 112 21.35 1.79 7.38
CA ALA B 112 21.91 2.18 6.08
C ALA B 112 23.05 1.24 5.69
N GLN B 113 23.92 0.91 6.64
CA GLN B 113 25.00 -0.03 6.34
C GLN B 113 24.47 -1.40 5.96
N ASN B 114 23.47 -1.89 6.70
CA ASN B 114 22.95 -3.22 6.44
C ASN B 114 21.82 -3.25 5.43
N ASP B 115 21.45 -2.10 4.86
CA ASP B 115 20.42 -2.02 3.84
C ASP B 115 19.11 -2.64 4.33
N ILE B 116 18.53 -2.01 5.34
CA ILE B 116 17.31 -2.49 5.98
C ILE B 116 16.24 -1.41 5.85
N ALA B 117 15.07 -1.82 5.38
CA ALA B 117 13.95 -0.88 5.28
C ALA B 117 13.55 -0.38 6.66
N TYR B 118 13.15 0.88 6.73
CA TYR B 118 12.82 1.48 8.02
C TYR B 118 11.56 0.89 8.62
N THR B 119 10.58 0.53 7.80
CA THR B 119 9.26 0.19 8.31
C THR B 119 8.68 -1.00 7.55
N GLU B 120 8.19 -1.99 8.29
CA GLU B 120 7.64 -3.21 7.72
C GLU B 120 6.16 -3.04 7.44
N THR B 121 5.59 -4.06 6.78
CA THR B 121 4.16 -4.09 6.45
C THR B 121 3.65 -5.51 6.66
N LYS B 122 3.02 -5.78 7.79
CA LYS B 122 2.50 -7.11 8.04
C LYS B 122 1.11 -7.26 7.43
N PHE B 123 0.83 -8.45 6.93
CA PHE B 123 -0.46 -8.80 6.37
C PHE B 123 -1.26 -9.60 7.37
N GLU B 124 -2.57 -9.31 7.46
CA GLU B 124 -3.44 -9.98 8.42
C GLU B 124 -4.80 -10.27 7.80
N ASN B 125 -5.64 -10.98 8.55
CA ASN B 125 -6.94 -11.40 8.07
C ASN B 125 -7.93 -11.34 9.23
N THR B 126 -9.11 -11.92 9.02
CA THR B 126 -10.13 -12.08 10.05
C THR B 126 -11.12 -13.12 9.55
N ILE B 127 -11.62 -13.94 10.46
CA ILE B 127 -12.44 -15.10 10.11
C ILE B 127 -13.89 -14.79 10.44
N ASN B 128 -14.76 -14.91 9.45
CA ASN B 128 -16.19 -14.72 9.63
C ASN B 128 -16.78 -16.03 10.14
N ARG B 129 -17.50 -15.98 11.26
CA ARG B 129 -18.10 -17.18 11.80
C ARG B 129 -19.39 -17.51 11.05
N LEU B 130 -19.61 -18.82 10.83
CA LEU B 130 -20.63 -19.38 9.94
C LEU B 130 -20.22 -19.19 8.49
N THR B 131 -19.20 -18.41 8.24
CA THR B 131 -18.82 -18.13 6.86
C THR B 131 -17.40 -18.56 6.56
N ALA B 132 -16.48 -18.33 7.50
CA ALA B 132 -15.10 -18.77 7.38
C ALA B 132 -14.45 -18.27 6.10
N VAL B 133 -14.91 -17.14 5.58
CA VAL B 133 -14.22 -16.46 4.50
C VAL B 133 -13.41 -15.33 5.11
N ALA B 134 -12.15 -15.23 4.72
CA ALA B 134 -11.24 -14.28 5.34
C ALA B 134 -11.17 -13.01 4.51
N ASN B 135 -11.34 -11.91 5.16
CA ASN B 135 -11.07 -10.64 4.49
C ASN B 135 -9.70 -10.14 4.90
N PRO B 136 -8.85 -9.77 3.96
CA PRO B 136 -7.47 -9.46 4.26
C PRO B 136 -7.35 -8.17 5.04
N ARG B 137 -6.12 -7.85 5.44
CA ARG B 137 -5.85 -6.62 6.17
C ARG B 137 -4.38 -6.29 5.98
N GLN B 138 -4.09 -4.99 5.91
CA GLN B 138 -2.74 -4.51 5.75
C GLN B 138 -2.44 -3.53 6.87
N ILE B 139 -1.31 -3.71 7.54
CA ILE B 139 -0.92 -2.84 8.64
C ILE B 139 0.56 -2.50 8.51
N GLU B 140 0.93 -1.30 8.91
CA GLU B 140 2.29 -0.80 8.81
C GLU B 140 2.89 -0.73 10.20
N ARG B 141 4.12 -1.24 10.34
CA ARG B 141 4.70 -1.47 11.65
C ARG B 141 6.16 -1.00 11.67
N VAL B 142 6.55 -0.31 12.73
CA VAL B 142 7.94 0.12 12.87
C VAL B 142 8.84 -1.08 13.07
N THR B 143 9.98 -1.08 12.39
CA THR B 143 10.88 -2.23 12.40
C THR B 143 11.36 -2.53 13.81
N ARG B 144 11.51 -3.82 14.10
CA ARG B 144 12.03 -4.25 15.40
C ARG B 144 13.45 -3.76 15.60
N GLY B 145 13.78 -3.45 16.85
CA GLY B 145 15.14 -3.11 17.22
C GLY B 145 15.55 -1.67 16.99
N SER B 146 14.66 -0.84 16.44
CA SER B 146 15.02 0.56 16.31
C SER B 146 15.17 1.21 17.68
N GLU B 147 15.86 2.34 17.71
CA GLU B 147 16.09 3.08 18.94
C GLU B 147 15.55 4.48 18.75
N PHE B 148 14.78 4.96 19.72
CA PHE B 148 14.32 6.35 19.73
C PHE B 148 14.99 7.10 20.86
N ASP B 149 15.11 8.42 20.68
CA ASP B 149 15.73 9.29 21.66
C ASP B 149 14.65 10.07 22.39
N PHE B 150 14.70 10.08 23.72
CA PHE B 150 13.68 10.74 24.50
C PHE B 150 14.29 11.62 25.58
N VAL B 151 13.57 12.68 25.93
CA VAL B 151 13.99 13.60 26.98
C VAL B 151 12.79 13.94 27.86
N PHE B 152 12.98 13.87 29.18
CA PHE B 152 12.00 14.30 30.16
C PHE B 152 12.57 15.49 30.93
N ILE B 153 11.72 16.46 31.24
CA ILE B 153 12.08 17.58 32.07
C ILE B 153 11.21 17.55 33.31
N TYR B 154 11.83 17.61 34.47
CA TYR B 154 11.10 17.65 35.74
C TYR B 154 11.40 18.98 36.42
N ASN B 155 10.36 19.63 36.92
CA ASN B 155 10.48 20.94 37.55
C ASN B 155 10.21 20.78 39.03
N VAL B 156 11.25 20.79 39.85
CA VAL B 156 11.09 20.59 41.29
C VAL B 156 10.54 21.89 41.89
N ASP B 157 9.30 21.86 42.35
CA ASP B 157 8.70 22.99 43.04
C ASP B 157 8.56 22.79 44.53
N GLU B 158 8.61 21.55 45.01
CA GLU B 158 8.60 21.25 46.43
C GLU B 158 9.79 20.36 46.73
N GLU B 159 10.65 20.78 47.65
CA GLU B 159 11.86 20.04 47.94
C GLU B 159 11.54 18.66 48.49
N SER B 160 10.58 18.56 49.40
CA SER B 160 10.34 17.34 50.14
C SER B 160 9.59 16.29 49.36
N GLN B 161 9.50 16.41 48.04
CA GLN B 161 8.67 15.52 47.26
C GLN B 161 9.42 14.83 46.13
N VAL B 162 10.68 15.17 45.89
CA VAL B 162 11.36 14.69 44.70
C VAL B 162 11.58 13.18 44.77
N GLU B 163 11.93 12.66 45.95
CA GLU B 163 12.17 11.23 46.06
C GLU B 163 10.91 10.43 45.79
N ASP B 164 9.79 10.85 46.39
CA ASP B 164 8.53 10.16 46.15
C ASP B 164 8.13 10.25 44.68
N ASP B 165 8.31 11.43 44.08
CA ASP B 165 7.91 11.60 42.69
C ASP B 165 8.74 10.72 41.77
N PHE B 166 10.04 10.63 42.02
CA PHE B 166 10.87 9.78 41.17
C PHE B 166 10.61 8.31 41.42
N GLU B 167 10.26 7.94 42.65
CA GLU B 167 9.83 6.57 42.89
C GLU B 167 8.60 6.24 42.08
N ASN B 168 7.63 7.16 42.06
CA ASN B 168 6.43 6.94 41.27
C ASN B 168 6.74 6.85 39.78
N ILE B 169 7.65 7.70 39.29
CA ILE B 169 7.94 7.66 37.86
C ILE B 169 8.70 6.38 37.51
N GLU B 170 9.54 5.88 38.42
CA GLU B 170 10.15 4.58 38.21
C GLU B 170 9.10 3.49 38.15
N LYS B 171 8.10 3.54 39.03
CA LYS B 171 7.02 2.57 38.98
C LYS B 171 6.29 2.64 37.64
N ALA B 172 6.08 3.86 37.15
CA ALA B 172 5.43 4.02 35.86
C ALA B 172 6.26 3.42 34.73
N ILE B 173 7.56 3.65 34.74
CA ILE B 173 8.43 3.04 33.75
C ILE B 173 8.37 1.52 33.85
N HIS B 174 8.33 1.01 35.08
CA HIS B 174 8.30 -0.43 35.29
C HIS B 174 7.05 -1.04 34.69
N LEU B 175 5.91 -0.42 34.94
CA LEU B 175 4.67 -0.91 34.34
C LEU B 175 4.71 -0.79 32.82
N LEU B 176 5.25 0.31 32.30
CA LEU B 176 5.27 0.51 30.86
C LEU B 176 6.12 -0.55 30.18
N GLU B 177 7.26 -0.90 30.80
CA GLU B 177 8.09 -1.97 30.25
C GLU B 177 7.33 -3.28 30.14
N ASN B 178 6.33 -3.48 31.00
CA ASN B 178 5.55 -4.70 31.03
C ASN B 178 4.19 -4.51 30.38
N ASP B 179 4.10 -3.57 29.45
CA ASP B 179 2.84 -3.24 28.78
C ASP B 179 3.19 -2.85 27.36
N TYR B 180 2.28 -2.18 26.68
CA TYR B 180 2.46 -1.86 25.28
C TYR B 180 2.19 -0.39 25.04
N LEU B 181 2.74 0.12 23.94
CA LEU B 181 2.40 1.43 23.42
C LEU B 181 1.70 1.29 22.09
N GLY B 182 0.79 2.20 21.81
CA GLY B 182 0.15 2.21 20.51
C GLY B 182 -1.00 1.24 20.40
N GLY B 183 -1.17 0.64 19.23
CA GLY B 183 -2.37 -0.13 18.95
C GLY B 183 -2.18 -1.63 18.91
N GLY B 184 -3.26 -2.35 19.15
CA GLY B 184 -3.23 -3.81 19.07
C GLY B 184 -2.28 -4.45 20.05
N GLY B 185 -2.10 -3.85 21.22
CA GLY B 185 -1.12 -4.38 22.16
C GLY B 185 -1.40 -5.80 22.56
N THR B 186 -2.67 -6.15 22.76
CA THR B 186 -3.01 -7.53 23.07
C THR B 186 -2.73 -8.45 21.91
N ARG B 187 -2.55 -7.92 20.70
CA ARG B 187 -2.29 -8.72 19.53
C ARG B 187 -0.81 -8.96 19.29
N GLY B 188 0.07 -8.37 20.10
CA GLY B 188 1.47 -8.71 19.98
C GLY B 188 2.36 -7.64 19.38
N ASN B 189 2.12 -6.37 19.70
CA ASN B 189 3.04 -5.32 19.27
C ASN B 189 3.01 -4.19 20.30
N GLY B 190 4.07 -3.39 20.29
CA GLY B 190 4.16 -2.26 21.17
C GLY B 190 5.03 -2.45 22.39
N ARG B 191 5.56 -3.65 22.60
CA ARG B 191 6.44 -3.86 23.74
C ARG B 191 7.73 -3.10 23.55
N ILE B 192 8.14 -2.35 24.57
CA ILE B 192 9.29 -1.48 24.49
C ILE B 192 10.24 -1.78 25.64
N GLN B 193 11.35 -1.06 25.67
CA GLN B 193 12.36 -1.20 26.71
C GLN B 193 13.12 0.10 26.80
N PHE B 194 13.65 0.40 27.99
CA PHE B 194 14.37 1.63 28.25
C PHE B 194 15.81 1.32 28.57
N LYS B 195 16.74 2.02 27.91
CA LYS B 195 18.16 1.86 28.22
C LYS B 195 18.86 3.21 28.14
N ASP B 196 20.04 3.26 28.75
CA ASP B 196 20.96 4.40 28.67
C ASP B 196 20.29 5.67 29.21
N THR B 197 19.83 5.58 30.44
CA THR B 197 19.13 6.68 31.09
C THR B 197 20.06 7.36 32.08
N ASN B 198 20.19 8.67 31.95
CA ASN B 198 20.98 9.47 32.88
C ASN B 198 20.11 10.60 33.42
N ILE B 199 20.47 11.08 34.61
CA ILE B 199 19.72 12.10 35.32
C ILE B 199 20.67 13.27 35.53
N GLU B 200 20.38 14.40 34.91
CA GLU B 200 21.27 15.54 34.95
C GLU B 200 20.50 16.79 35.32
N THR B 201 20.98 17.52 36.32
CA THR B 201 20.41 18.81 36.66
C THR B 201 21.02 19.87 35.75
N VAL B 202 20.17 20.71 35.19
CA VAL B 202 20.61 21.66 34.18
C VAL B 202 20.32 23.12 34.55
N VAL B 203 19.32 23.38 35.39
CA VAL B 203 19.10 24.69 35.95
C VAL B 203 19.06 24.52 37.47
N GLY B 204 19.67 25.44 38.18
CA GLY B 204 19.64 25.37 39.62
C GLY B 204 20.77 24.54 40.19
N GLU B 205 20.64 24.22 41.47
CA GLU B 205 21.69 23.58 42.25
C GLU B 205 21.13 22.43 43.07
N TYR B 206 20.37 21.55 42.44
CA TYR B 206 19.91 20.33 43.08
C TYR B 206 20.71 19.14 42.60
N ASP B 207 21.21 18.34 43.53
CA ASP B 207 21.97 17.15 43.17
C ASP B 207 21.03 16.12 42.61
N SER B 208 21.35 15.61 41.43
CA SER B 208 20.56 14.59 40.75
C SER B 208 21.40 13.35 40.46
N THR B 209 22.21 12.94 41.44
CA THR B 209 23.02 11.75 41.29
C THR B 209 22.51 10.58 42.12
N ASN B 210 21.61 10.82 43.06
CA ASN B 210 21.02 9.76 43.87
C ASN B 210 19.67 9.30 43.34
N LEU B 211 19.28 9.76 42.16
CA LEU B 211 18.00 9.41 41.55
C LEU B 211 18.22 8.40 40.44
N LYS B 212 17.35 7.40 40.39
CA LYS B 212 17.51 6.30 39.44
C LYS B 212 16.22 6.04 38.70
N ILE B 213 16.37 5.62 37.44
CA ILE B 213 15.26 5.15 36.61
C ILE B 213 15.78 3.99 35.78
N LYS B 214 15.24 2.80 36.01
CA LYS B 214 15.64 1.63 35.23
C LYS B 214 14.57 1.25 34.22
N TYR C 2 -18.01 -30.65 22.80
CA TYR C 2 -16.85 -30.61 21.92
C TYR C 2 -15.77 -31.57 22.41
N SER C 3 -15.09 -32.21 21.49
CA SER C 3 -14.06 -33.20 21.84
C SER C 3 -13.16 -33.42 20.64
N LYS C 4 -12.06 -34.12 20.88
CA LYS C 4 -11.15 -34.53 19.82
C LYS C 4 -10.78 -36.00 20.01
N ILE C 5 -10.61 -36.70 18.91
CA ILE C 5 -10.32 -38.14 18.92
C ILE C 5 -9.02 -38.37 18.16
N LYS C 6 -8.12 -39.13 18.75
CA LYS C 6 -6.79 -39.37 18.20
C LYS C 6 -6.75 -40.73 17.52
N ILE C 7 -6.32 -40.75 16.26
CA ILE C 7 -6.16 -41.98 15.51
C ILE C 7 -4.67 -42.15 15.28
N SER C 8 -4.09 -43.17 15.88
CA SER C 8 -2.65 -43.37 15.81
C SER C 8 -2.35 -44.78 15.35
N GLY C 9 -1.18 -44.93 14.73
CA GLY C 9 -0.78 -46.25 14.25
C GLY C 9 0.56 -46.19 13.57
N THR C 10 0.85 -47.25 12.83
CA THR C 10 2.09 -47.34 12.06
C THR C 10 1.79 -47.83 10.66
N ILE C 11 2.53 -47.29 9.69
CA ILE C 11 2.45 -47.70 8.30
C ILE C 11 3.73 -48.45 7.98
N GLU C 12 3.61 -49.69 7.52
CA GLU C 12 4.78 -50.38 7.00
C GLU C 12 4.79 -50.27 5.48
N VAL C 13 5.95 -50.50 4.90
CA VAL C 13 6.18 -50.29 3.48
C VAL C 13 6.47 -51.65 2.84
N VAL C 14 5.59 -52.07 1.93
CA VAL C 14 5.64 -53.44 1.43
C VAL C 14 6.51 -53.55 0.18
N THR C 15 6.51 -52.53 -0.67
CA THR C 15 7.43 -52.49 -1.80
C THR C 15 8.14 -51.14 -1.79
N GLY C 16 8.80 -50.77 -2.88
CA GLY C 16 9.50 -49.49 -2.90
C GLY C 16 8.55 -48.33 -2.69
N LEU C 17 9.10 -47.23 -2.16
CA LEU C 17 8.34 -46.01 -1.96
C LEU C 17 9.19 -44.85 -2.44
N HIS C 18 8.64 -44.07 -3.37
CA HIS C 18 9.34 -42.94 -3.97
C HIS C 18 8.37 -41.76 -3.99
N ILE C 19 8.34 -41.00 -2.90
CA ILE C 19 7.50 -39.80 -2.89
C ILE C 19 8.13 -38.70 -3.74
N GLY C 20 9.44 -38.54 -3.65
CA GLY C 20 10.16 -37.68 -4.58
C GLY C 20 9.65 -36.26 -4.68
N GLY C 21 9.07 -35.74 -3.61
CA GLY C 21 8.50 -34.40 -3.66
C GLY C 21 9.55 -33.33 -3.91
N GLY C 22 10.75 -33.50 -3.34
CA GLY C 22 11.81 -32.56 -3.59
C GLY C 22 12.41 -32.62 -4.97
N GLY C 23 12.13 -33.69 -5.71
CA GLY C 23 12.64 -33.84 -7.06
C GLY C 23 11.56 -34.05 -8.10
N ASP C 32 20.06 -39.35 -7.78
CA ASP C 32 19.84 -38.63 -9.02
C ASP C 32 18.51 -37.89 -8.97
N SER C 33 17.48 -38.58 -8.49
CA SER C 33 16.18 -37.97 -8.20
C SER C 33 15.80 -38.39 -6.79
N PRO C 34 16.14 -37.61 -5.80
CA PRO C 34 16.04 -38.08 -4.42
C PRO C 34 14.60 -38.10 -3.92
N VAL C 35 14.42 -38.37 -2.63
CA VAL C 35 13.11 -38.40 -2.03
C VAL C 35 13.02 -37.29 -0.99
N VAL C 36 11.79 -37.03 -0.53
CA VAL C 36 11.58 -36.06 0.54
C VAL C 36 12.25 -36.57 1.80
N ARG C 37 13.10 -35.72 2.40
CA ARG C 37 13.84 -36.10 3.58
C ARG C 37 13.87 -34.93 4.54
N ASP C 38 13.77 -35.22 5.83
CA ASP C 38 13.87 -34.18 6.84
C ASP C 38 15.27 -33.57 6.84
N LEU C 39 15.39 -32.42 7.49
CA LEU C 39 16.69 -31.77 7.61
C LEU C 39 17.11 -31.57 9.05
N GLN C 40 16.35 -32.07 10.01
CA GLN C 40 16.88 -32.13 11.36
C GLN C 40 17.68 -33.41 11.59
N THR C 41 17.13 -34.54 11.14
CA THR C 41 17.78 -35.82 11.29
C THR C 41 18.09 -36.50 9.96
N LYS C 42 17.51 -36.02 8.86
CA LYS C 42 17.84 -36.48 7.51
C LYS C 42 17.46 -37.97 7.32
N LEU C 43 16.18 -38.23 7.52
CA LEU C 43 15.55 -39.49 7.16
C LEU C 43 14.29 -39.22 6.36
N PRO C 44 13.94 -40.11 5.42
CA PRO C 44 12.80 -39.84 4.54
C PRO C 44 11.49 -39.84 5.30
N ILE C 45 10.55 -39.04 4.80
CA ILE C 45 9.24 -38.92 5.40
C ILE C 45 8.18 -39.03 4.32
N ILE C 46 6.97 -39.37 4.74
CA ILE C 46 5.80 -39.38 3.87
C ILE C 46 5.03 -38.10 4.14
N PRO C 47 5.04 -37.12 3.24
CA PRO C 47 4.32 -35.88 3.49
C PRO C 47 2.85 -36.15 3.68
N GLY C 48 2.26 -35.51 4.70
CA GLY C 48 0.84 -35.67 4.94
C GLY C 48 0.00 -35.26 3.76
N SER C 49 0.53 -34.37 2.93
CA SER C 49 -0.18 -33.96 1.72
C SER C 49 -0.41 -35.16 0.80
N SER C 50 0.60 -36.02 0.67
CA SER C 50 0.43 -37.21 -0.15
C SER C 50 -0.61 -38.16 0.44
N ILE C 51 -0.56 -38.36 1.76
CA ILE C 51 -1.57 -39.21 2.40
C ILE C 51 -2.95 -38.68 2.12
N LYS C 52 -3.15 -37.38 2.33
CA LYS C 52 -4.48 -36.80 2.15
C LYS C 52 -4.91 -36.86 0.71
N GLY C 53 -4.01 -36.59 -0.24
CA GLY C 53 -4.39 -36.63 -1.63
C GLY C 53 -4.82 -38.02 -2.06
N LYS C 54 -4.01 -39.02 -1.70
CA LYS C 54 -4.39 -40.39 -2.03
C LYS C 54 -5.74 -40.75 -1.42
N MET C 55 -5.90 -40.49 -0.12
CA MET C 55 -7.12 -40.88 0.56
C MET C 55 -8.33 -40.19 -0.07
N ARG C 56 -8.21 -38.89 -0.32
CA ARG C 56 -9.31 -38.14 -0.88
C ARG C 56 -9.68 -38.66 -2.26
N ASN C 57 -8.69 -38.77 -3.15
CA ASN C 57 -8.99 -39.18 -4.51
C ASN C 57 -9.63 -40.56 -4.53
N LEU C 58 -9.08 -41.50 -3.76
CA LEU C 58 -9.58 -42.86 -3.83
C LEU C 58 -10.96 -42.98 -3.21
N LEU C 59 -11.16 -42.42 -2.01
CA LEU C 59 -12.47 -42.57 -1.39
C LEU C 59 -13.51 -41.80 -2.20
N ALA C 60 -13.11 -40.72 -2.87
CA ALA C 60 -14.05 -39.98 -3.69
C ALA C 60 -14.44 -40.78 -4.93
N LYS C 61 -13.45 -41.39 -5.59
CA LYS C 61 -13.75 -42.17 -6.78
C LYS C 61 -14.53 -43.43 -6.43
N HIS C 62 -14.39 -43.95 -5.21
CA HIS C 62 -15.03 -45.22 -4.91
C HIS C 62 -16.54 -45.06 -4.85
N PHE C 63 -17.03 -43.95 -4.29
CA PHE C 63 -18.39 -43.53 -4.57
C PHE C 63 -18.43 -42.71 -5.84
N GLY C 64 -19.59 -42.08 -6.09
CA GLY C 64 -19.83 -41.48 -7.38
C GLY C 64 -18.83 -40.42 -7.77
N LEU C 65 -18.62 -40.28 -9.09
CA LEU C 65 -17.71 -39.29 -9.67
C LEU C 65 -18.21 -38.98 -11.08
N LYS C 66 -18.94 -37.88 -11.21
CA LYS C 66 -19.43 -37.45 -12.51
C LYS C 66 -18.42 -36.54 -13.20
N MET C 67 -18.60 -36.36 -14.51
CA MET C 67 -17.70 -35.48 -15.25
C MET C 67 -17.84 -34.03 -14.79
N LYS C 68 -19.07 -33.59 -14.52
CA LYS C 68 -19.25 -32.29 -13.88
C LYS C 68 -18.69 -32.32 -12.47
N GLN C 69 -18.82 -33.45 -11.78
CA GLN C 69 -18.13 -33.63 -10.51
C GLN C 69 -16.62 -33.64 -10.72
N GLU C 70 -16.16 -34.24 -11.81
CA GLU C 70 -14.74 -34.27 -12.12
C GLU C 70 -14.18 -32.90 -12.45
N SER C 71 -15.03 -31.93 -12.76
CA SER C 71 -14.54 -30.67 -13.32
C SER C 71 -13.61 -29.94 -12.35
N HIS C 72 -14.13 -29.47 -11.22
CA HIS C 72 -13.42 -28.48 -10.41
C HIS C 72 -13.34 -28.91 -8.94
N ASN C 73 -12.95 -30.16 -8.70
CA ASN C 73 -12.59 -30.62 -7.36
C ASN C 73 -13.72 -30.42 -6.35
N GLN C 74 -14.96 -30.60 -6.80
CA GLN C 74 -16.13 -30.65 -5.95
C GLN C 74 -16.74 -32.04 -6.06
N ASP C 75 -17.00 -32.66 -4.92
CA ASP C 75 -17.29 -34.08 -4.87
C ASP C 75 -18.47 -34.28 -3.93
N ASP C 76 -18.79 -35.53 -3.63
CA ASP C 76 -19.99 -35.87 -2.87
C ASP C 76 -19.87 -35.37 -1.43
N GLU C 77 -21.03 -35.27 -0.78
CA GLU C 77 -21.17 -34.48 0.45
C GLU C 77 -20.29 -35.01 1.57
N ARG C 78 -20.21 -36.32 1.75
CA ARG C 78 -19.39 -36.86 2.81
C ARG C 78 -17.88 -36.59 2.64
N VAL C 79 -17.30 -36.70 1.45
CA VAL C 79 -15.89 -36.29 1.32
C VAL C 79 -15.72 -34.82 1.62
N LEU C 80 -16.58 -33.99 1.04
CA LEU C 80 -16.51 -32.55 1.27
C LEU C 80 -16.70 -32.23 2.75
N ARG C 81 -17.34 -33.11 3.51
CA ARG C 81 -17.39 -32.95 4.96
C ARG C 81 -16.10 -33.42 5.61
N LEU C 82 -15.64 -34.60 5.23
CA LEU C 82 -14.56 -35.26 5.96
C LEU C 82 -13.24 -34.57 5.75
N PHE C 83 -13.01 -34.06 4.55
CA PHE C 83 -11.74 -33.44 4.19
C PHE C 83 -11.86 -31.93 3.97
N GLY C 84 -13.07 -31.41 3.81
CA GLY C 84 -13.29 -29.98 3.77
C GLY C 84 -13.05 -29.37 2.42
N SER C 85 -14.00 -28.59 1.91
CA SER C 85 -13.77 -27.79 0.72
C SER C 85 -13.91 -26.30 1.00
N SER C 86 -15.09 -25.84 1.41
CA SER C 86 -15.35 -24.45 1.74
C SER C 86 -14.92 -23.50 0.63
N GLU C 87 -15.56 -23.64 -0.54
CA GLU C 87 -15.48 -22.61 -1.56
C GLU C 87 -16.86 -22.24 -2.08
N LYS C 88 -17.76 -23.22 -2.15
CA LYS C 88 -19.03 -23.03 -2.82
C LYS C 88 -20.01 -22.27 -1.93
N GLY C 89 -19.56 -21.15 -1.37
CA GLY C 89 -20.43 -20.37 -0.49
C GLY C 89 -20.96 -21.18 0.67
N ASN C 90 -20.13 -22.04 1.24
CA ASN C 90 -20.59 -22.98 2.26
C ASN C 90 -19.61 -22.99 3.43
N ILE C 91 -20.11 -23.46 4.57
CA ILE C 91 -19.33 -23.61 5.80
C ILE C 91 -18.98 -25.08 5.96
N GLN C 92 -17.69 -25.41 5.87
CA GLN C 92 -17.23 -26.77 6.13
C GLN C 92 -15.72 -26.75 6.29
N ARG C 93 -15.23 -27.28 7.39
CA ARG C 93 -13.80 -27.44 7.61
C ARG C 93 -13.48 -28.92 7.72
N ALA C 94 -12.25 -29.27 7.33
CA ALA C 94 -11.84 -30.66 7.41
C ALA C 94 -11.97 -31.19 8.82
N ARG C 95 -12.58 -32.35 8.95
CA ARG C 95 -12.75 -32.96 10.26
C ARG C 95 -11.64 -33.94 10.61
N LEU C 96 -10.74 -34.24 9.66
CA LEU C 96 -9.53 -35.00 9.92
C LEU C 96 -8.33 -34.08 9.82
N GLN C 97 -7.40 -34.26 10.75
CA GLN C 97 -6.11 -33.59 10.71
C GLN C 97 -5.08 -34.66 10.40
N ILE C 98 -4.72 -34.79 9.13
CA ILE C 98 -3.72 -35.76 8.71
C ILE C 98 -2.36 -35.10 8.78
N SER C 99 -1.45 -35.70 9.55
CA SER C 99 -0.13 -35.15 9.79
C SER C 99 0.90 -35.84 8.91
N ASP C 100 2.16 -35.54 9.15
CA ASP C 100 3.24 -36.20 8.43
C ASP C 100 3.58 -37.53 9.09
N ALA C 101 4.34 -38.34 8.36
CA ALA C 101 4.78 -39.63 8.85
C ALA C 101 6.28 -39.62 9.08
N PHE C 102 6.71 -40.24 10.17
CA PHE C 102 8.11 -40.21 10.58
C PHE C 102 8.64 -41.62 10.68
N PHE C 103 9.84 -41.83 10.14
CA PHE C 103 10.48 -43.13 10.09
C PHE C 103 10.81 -43.54 11.52
N SER C 104 10.07 -44.52 12.06
CA SER C 104 10.01 -44.72 13.50
C SER C 104 11.34 -45.21 14.06
N GLU C 105 11.38 -45.29 15.40
CA GLU C 105 12.61 -45.63 16.12
C GLU C 105 12.95 -47.10 16.03
N LYS C 106 11.94 -47.97 16.05
CA LYS C 106 12.22 -49.39 15.91
C LYS C 106 12.88 -49.67 14.57
N THR C 107 12.47 -48.95 13.52
CA THR C 107 13.15 -49.07 12.25
C THR C 107 14.58 -48.55 12.33
N LYS C 108 14.78 -47.40 12.97
CA LYS C 108 16.13 -46.93 13.26
C LYS C 108 17.00 -48.06 13.76
N GLU C 109 16.61 -48.65 14.89
CA GLU C 109 17.47 -49.63 15.53
C GLU C 109 17.58 -50.89 14.69
N HIS C 110 16.50 -51.30 14.02
CA HIS C 110 16.55 -52.50 13.22
C HIS C 110 17.58 -52.39 12.11
N PHE C 111 17.51 -51.30 11.34
CA PHE C 111 18.46 -51.15 10.25
C PHE C 111 19.84 -50.78 10.74
N ALA C 112 19.95 -50.15 11.91
CA ALA C 112 21.27 -49.80 12.43
C ALA C 112 22.02 -51.04 12.91
N GLN C 113 21.32 -51.97 13.57
CA GLN C 113 21.97 -53.18 14.08
C GLN C 113 21.91 -54.32 13.07
N ASN C 114 21.22 -54.15 11.95
CA ASN C 114 21.30 -55.11 10.87
C ASN C 114 22.16 -54.59 9.72
N ASP C 115 22.68 -53.37 9.82
CA ASP C 115 23.56 -52.78 8.82
C ASP C 115 22.91 -52.83 7.44
N ILE C 116 21.62 -52.48 7.40
CA ILE C 116 20.84 -52.44 6.17
C ILE C 116 20.58 -50.99 5.83
N ALA C 117 20.75 -50.64 4.56
CA ALA C 117 20.64 -49.24 4.15
C ALA C 117 19.23 -48.72 4.40
N TYR C 118 19.13 -47.39 4.47
CA TYR C 118 17.84 -46.72 4.62
C TYR C 118 17.13 -46.53 3.30
N THR C 119 17.81 -46.78 2.19
CA THR C 119 17.21 -46.60 0.88
C THR C 119 18.02 -47.37 -0.15
N GLU C 120 17.34 -47.99 -1.08
CA GLU C 120 18.01 -48.69 -2.17
C GLU C 120 18.35 -47.67 -3.25
N THR C 121 18.78 -48.15 -4.40
CA THR C 121 18.88 -47.31 -5.59
C THR C 121 18.78 -48.24 -6.79
N LYS C 122 17.55 -48.38 -7.31
CA LYS C 122 17.34 -49.25 -8.49
C LYS C 122 17.67 -48.45 -9.75
N PHE C 123 18.26 -49.11 -10.73
CA PHE C 123 18.64 -48.46 -11.96
C PHE C 123 17.62 -48.80 -13.04
N GLU C 124 17.34 -47.85 -13.92
CA GLU C 124 16.33 -48.05 -14.94
C GLU C 124 16.91 -47.87 -16.33
N ASN C 125 16.06 -48.10 -17.33
CA ASN C 125 16.51 -48.02 -18.71
C ASN C 125 15.32 -47.64 -19.58
N THR C 126 15.63 -47.22 -20.81
CA THR C 126 14.63 -46.69 -21.75
C THR C 126 14.92 -47.28 -23.12
N ILE C 127 14.40 -48.47 -23.38
CA ILE C 127 14.68 -49.16 -24.64
C ILE C 127 13.77 -48.59 -25.70
N ASN C 128 14.36 -47.95 -26.69
CA ASN C 128 13.57 -47.33 -27.75
C ASN C 128 13.18 -48.36 -28.81
N ARG C 129 11.97 -48.19 -29.35
CA ARG C 129 11.43 -49.16 -30.29
C ARG C 129 12.14 -49.05 -31.63
N LEU C 130 12.45 -50.21 -32.21
CA LEU C 130 13.10 -50.32 -33.52
C LEU C 130 14.42 -49.59 -33.57
N THR C 131 14.90 -49.10 -32.43
CA THR C 131 16.18 -48.44 -32.32
C THR C 131 17.09 -49.09 -31.29
N ALA C 132 16.52 -49.75 -30.28
CA ALA C 132 17.25 -50.57 -29.31
C ALA C 132 18.37 -49.80 -28.63
N VAL C 133 18.32 -48.49 -28.67
CA VAL C 133 19.29 -47.68 -27.95
C VAL C 133 18.75 -47.40 -26.55
N ALA C 134 19.60 -47.58 -25.56
CA ALA C 134 19.20 -47.51 -24.16
C ALA C 134 19.46 -46.12 -23.60
N ASN C 135 18.60 -45.69 -22.69
CA ASN C 135 18.77 -44.42 -22.00
C ASN C 135 18.78 -44.68 -20.50
N PRO C 136 19.90 -44.54 -19.82
CA PRO C 136 20.00 -44.95 -18.42
C PRO C 136 19.15 -44.05 -17.52
N ARG C 137 19.11 -44.42 -16.22
CA ARG C 137 18.31 -43.66 -15.22
C ARG C 137 18.60 -44.16 -13.80
N GLN C 138 19.02 -43.30 -12.88
CA GLN C 138 19.22 -43.67 -11.49
C GLN C 138 18.05 -43.13 -10.69
N ILE C 139 17.43 -43.97 -9.87
CA ILE C 139 16.31 -43.56 -9.04
C ILE C 139 16.48 -44.17 -7.66
N GLU C 140 15.94 -43.51 -6.66
CA GLU C 140 16.14 -43.87 -5.26
C GLU C 140 14.80 -44.10 -4.59
N ARG C 141 14.75 -45.04 -3.66
CA ARG C 141 13.49 -45.37 -3.02
C ARG C 141 13.71 -45.87 -1.61
N VAL C 142 12.72 -45.62 -0.75
CA VAL C 142 12.74 -46.14 0.60
C VAL C 142 12.67 -47.66 0.56
N THR C 143 13.45 -48.31 1.40
CA THR C 143 13.57 -49.75 1.35
C THR C 143 12.29 -50.43 1.84
N ARG C 144 12.21 -51.73 1.56
CA ARG C 144 11.11 -52.55 2.03
C ARG C 144 11.18 -52.68 3.54
N GLY C 145 10.01 -52.92 4.14
CA GLY C 145 9.94 -53.19 5.56
C GLY C 145 10.05 -51.97 6.44
N SER C 146 10.27 -50.80 5.88
CA SER C 146 10.31 -49.59 6.67
C SER C 146 8.94 -49.31 7.27
N GLU C 147 8.94 -48.71 8.46
CA GLU C 147 7.71 -48.37 9.14
C GLU C 147 7.76 -46.91 9.59
N PHE C 148 6.65 -46.22 9.40
CA PHE C 148 6.49 -44.85 9.88
C PHE C 148 5.33 -44.80 10.86
N ASP C 149 5.35 -43.80 11.73
CA ASP C 149 4.25 -43.54 12.64
C ASP C 149 3.45 -42.33 12.16
N PHE C 150 2.13 -42.43 12.27
CA PHE C 150 1.23 -41.39 11.79
C PHE C 150 0.17 -41.12 12.85
N VAL C 151 -0.37 -39.91 12.85
CA VAL C 151 -1.47 -39.56 13.74
C VAL C 151 -2.52 -38.81 12.96
N PHE C 152 -3.78 -39.18 13.17
CA PHE C 152 -4.93 -38.42 12.71
C PHE C 152 -5.66 -37.89 13.94
N ILE C 153 -6.16 -36.66 13.84
CA ILE C 153 -6.96 -36.05 14.91
C ILE C 153 -8.37 -35.86 14.37
N TYR C 154 -9.35 -36.45 15.02
CA TYR C 154 -10.74 -36.31 14.62
C TYR C 154 -11.45 -35.34 15.54
N ASN C 155 -11.68 -34.13 15.05
CA ASN C 155 -12.54 -33.19 15.75
C ASN C 155 -13.98 -33.68 15.67
N VAL C 156 -14.73 -33.46 16.74
CA VAL C 156 -16.12 -33.87 16.79
C VAL C 156 -16.96 -32.60 16.73
N ASP C 157 -17.50 -32.31 15.55
CA ASP C 157 -18.33 -31.12 15.38
C ASP C 157 -19.80 -31.41 15.68
N GLU C 158 -20.33 -32.53 15.17
CA GLU C 158 -21.70 -32.92 15.42
C GLU C 158 -21.71 -34.32 16.02
N GLU C 159 -22.46 -34.47 17.11
CA GLU C 159 -22.43 -35.70 17.88
C GLU C 159 -22.86 -36.92 17.07
N SER C 160 -23.77 -36.75 16.13
CA SER C 160 -24.53 -37.86 15.57
C SER C 160 -23.89 -38.49 14.35
N GLN C 161 -22.70 -38.05 13.94
CA GLN C 161 -22.09 -38.56 12.73
C GLN C 161 -20.72 -39.20 12.98
N VAL C 162 -20.36 -39.45 14.23
CA VAL C 162 -19.06 -40.05 14.51
C VAL C 162 -18.98 -41.46 13.93
N GLU C 163 -20.02 -42.25 14.15
CA GLU C 163 -20.00 -43.65 13.74
C GLU C 163 -19.87 -43.79 12.23
N ASP C 164 -20.70 -43.07 11.50
CA ASP C 164 -20.66 -43.17 10.05
C ASP C 164 -19.34 -42.66 9.49
N ASP C 165 -18.82 -41.57 10.07
CA ASP C 165 -17.55 -41.04 9.59
C ASP C 165 -16.41 -42.02 9.82
N PHE C 166 -16.39 -42.69 10.97
CA PHE C 166 -15.34 -43.69 11.16
C PHE C 166 -15.55 -44.91 10.27
N GLU C 167 -16.79 -45.24 9.93
CA GLU C 167 -16.97 -46.29 8.92
C GLU C 167 -16.35 -45.88 7.59
N ASN C 168 -16.59 -44.64 7.16
CA ASN C 168 -15.97 -44.18 5.93
C ASN C 168 -14.45 -44.14 6.04
N ILE C 169 -13.93 -43.73 7.20
CA ILE C 169 -12.49 -43.68 7.39
C ILE C 169 -11.88 -45.08 7.30
N GLU C 170 -12.53 -46.07 7.91
CA GLU C 170 -11.98 -47.41 7.82
C GLU C 170 -12.08 -47.96 6.41
N LYS C 171 -13.14 -47.62 5.67
CA LYS C 171 -13.16 -48.02 4.27
C LYS C 171 -12.04 -47.36 3.49
N ALA C 172 -11.74 -46.09 3.79
CA ALA C 172 -10.63 -45.42 3.12
C ALA C 172 -9.32 -46.13 3.40
N ILE C 173 -9.09 -46.47 4.66
CA ILE C 173 -7.87 -47.17 5.03
C ILE C 173 -7.77 -48.50 4.30
N HIS C 174 -8.87 -49.25 4.24
CA HIS C 174 -8.84 -50.53 3.55
C HIS C 174 -8.51 -50.36 2.07
N LEU C 175 -9.21 -49.44 1.40
CA LEU C 175 -9.00 -49.28 -0.02
C LEU C 175 -7.58 -48.81 -0.30
N LEU C 176 -7.04 -47.95 0.56
CA LEU C 176 -5.64 -47.56 0.44
C LEU C 176 -4.73 -48.76 0.60
N GLU C 177 -5.02 -49.63 1.57
CA GLU C 177 -4.23 -50.83 1.75
C GLU C 177 -4.19 -51.66 0.47
N ASN C 178 -5.26 -51.64 -0.31
CA ASN C 178 -5.27 -52.35 -1.58
C ASN C 178 -4.92 -51.46 -2.76
N ASP C 179 -4.05 -50.49 -2.56
CA ASP C 179 -3.64 -49.58 -3.63
C ASP C 179 -2.29 -49.01 -3.22
N TYR C 180 -1.66 -48.28 -4.13
CA TYR C 180 -0.30 -47.80 -3.92
C TYR C 180 -0.29 -46.38 -3.37
N LEU C 181 0.90 -45.92 -3.04
CA LEU C 181 1.12 -44.56 -2.55
C LEU C 181 2.44 -44.04 -3.11
N GLY C 182 2.44 -42.78 -3.52
CA GLY C 182 3.66 -42.18 -4.01
C GLY C 182 3.74 -42.07 -5.50
N GLY C 183 4.93 -42.30 -6.05
CA GLY C 183 5.18 -42.07 -7.46
C GLY C 183 5.52 -43.36 -8.19
N GLY C 184 5.17 -43.40 -9.47
CA GLY C 184 5.45 -44.56 -10.28
C GLY C 184 4.77 -45.82 -9.80
N GLY C 185 3.61 -45.68 -9.16
CA GLY C 185 2.96 -46.83 -8.57
C GLY C 185 2.62 -47.93 -9.55
N THR C 186 2.46 -47.58 -10.83
CA THR C 186 2.13 -48.59 -11.82
C THR C 186 3.31 -49.50 -12.14
N ARG C 187 4.53 -49.12 -11.75
CA ARG C 187 5.70 -49.95 -11.99
C ARG C 187 6.14 -50.69 -10.73
N GLY C 188 5.29 -50.75 -9.73
CA GLY C 188 5.47 -51.70 -8.64
C GLY C 188 6.05 -51.18 -7.35
N ASN C 189 6.05 -49.88 -7.15
CA ASN C 189 6.56 -49.34 -5.89
C ASN C 189 5.53 -48.40 -5.30
N GLY C 190 5.25 -48.58 -4.00
CA GLY C 190 4.30 -47.74 -3.32
C GLY C 190 3.28 -48.47 -2.47
N ARG C 191 3.45 -49.78 -2.31
CA ARG C 191 2.49 -50.55 -1.53
C ARG C 191 2.75 -50.34 -0.03
N ILE C 192 1.67 -50.17 0.73
CA ILE C 192 1.74 -49.97 2.17
C ILE C 192 0.67 -50.83 2.84
N GLN C 193 0.79 -50.99 4.15
CA GLN C 193 -0.24 -51.66 4.93
C GLN C 193 -0.28 -51.07 6.32
N PHE C 194 -1.47 -51.08 6.91
CA PHE C 194 -1.75 -50.42 8.19
C PHE C 194 -1.87 -51.46 9.28
N LYS C 195 -1.30 -51.17 10.45
CA LYS C 195 -1.48 -52.03 11.59
C LYS C 195 -1.44 -51.20 12.87
N ASP C 196 -1.67 -51.88 13.99
CA ASP C 196 -1.44 -51.31 15.31
C ASP C 196 -2.16 -49.99 15.47
N THR C 197 -3.45 -49.99 15.16
CA THR C 197 -4.28 -48.80 15.28
C THR C 197 -4.81 -48.70 16.70
N ASN C 198 -4.70 -47.52 17.29
CA ASN C 198 -5.21 -47.24 18.62
C ASN C 198 -6.07 -46.00 18.56
N ILE C 199 -7.19 -46.01 19.29
CA ILE C 199 -8.13 -44.90 19.30
C ILE C 199 -8.28 -44.42 20.73
N GLU C 200 -8.03 -43.13 20.95
CA GLU C 200 -8.12 -42.55 22.28
C GLU C 200 -8.81 -41.20 22.18
N THR C 201 -9.51 -40.83 23.25
CA THR C 201 -10.11 -39.52 23.38
C THR C 201 -9.14 -38.64 24.15
N VAL C 202 -8.66 -37.58 23.49
CA VAL C 202 -7.60 -36.78 24.07
C VAL C 202 -8.16 -35.60 24.85
N VAL C 203 -9.22 -34.97 24.37
CA VAL C 203 -9.85 -33.85 25.05
C VAL C 203 -11.36 -34.10 25.08
N GLY C 204 -11.94 -34.06 26.26
CA GLY C 204 -13.38 -34.08 26.36
C GLY C 204 -13.97 -35.25 27.11
N GLU C 205 -15.25 -35.54 26.85
CA GLU C 205 -15.98 -36.61 27.53
C GLU C 205 -16.75 -37.45 26.52
N TYR C 206 -16.08 -37.83 25.43
CA TYR C 206 -16.61 -38.76 24.45
C TYR C 206 -15.96 -40.12 24.64
N ASP C 207 -16.74 -41.18 24.45
CA ASP C 207 -16.28 -42.54 24.70
C ASP C 207 -15.75 -43.16 23.41
N SER C 208 -14.64 -43.86 23.52
CA SER C 208 -13.95 -44.45 22.38
C SER C 208 -13.71 -45.93 22.59
N THR C 209 -14.75 -46.65 23.03
CA THR C 209 -14.63 -48.08 23.24
C THR C 209 -15.22 -48.89 22.10
N ASN C 210 -16.47 -48.63 21.74
CA ASN C 210 -17.15 -49.41 20.71
C ASN C 210 -16.66 -49.09 19.32
N LEU C 211 -15.53 -48.40 19.19
CA LEU C 211 -15.07 -47.86 17.93
C LEU C 211 -13.81 -48.60 17.50
N LYS C 212 -13.81 -49.13 16.28
CA LYS C 212 -12.69 -49.94 15.81
C LYS C 212 -12.34 -49.58 14.39
N ILE C 213 -11.08 -49.79 14.04
CA ILE C 213 -10.58 -49.61 12.68
C ILE C 213 -9.61 -50.75 12.38
N LYS C 214 -9.76 -51.36 11.21
CA LYS C 214 -8.87 -52.44 10.80
C LYS C 214 -7.73 -51.91 9.94
N LYS D 4 -9.36 -55.97 -11.54
CA LYS D 4 -9.37 -56.14 -10.10
C LYS D 4 -7.96 -56.43 -9.62
N ASN D 5 -7.76 -57.58 -8.98
CA ASN D 5 -6.45 -57.96 -8.48
C ASN D 5 -6.23 -59.46 -8.61
N TYR D 6 -5.03 -59.85 -9.04
CA TYR D 6 -4.71 -61.24 -9.33
C TYR D 6 -3.28 -61.56 -8.93
N GLU D 7 -3.07 -62.80 -8.53
CA GLU D 7 -1.75 -63.31 -8.18
C GLU D 7 -1.19 -64.11 -9.34
N VAL D 8 0.03 -63.78 -9.75
CA VAL D 8 0.64 -64.37 -10.93
C VAL D 8 1.85 -65.18 -10.49
N VAL D 9 1.94 -66.40 -10.99
CA VAL D 9 3.08 -67.28 -10.72
C VAL D 9 4.01 -67.26 -11.91
N ILE D 10 5.31 -67.32 -11.65
CA ILE D 10 6.33 -67.35 -12.70
C ILE D 10 7.18 -68.58 -12.49
N LYS D 11 7.26 -69.42 -13.51
CA LYS D 11 8.06 -70.63 -13.47
C LYS D 11 9.18 -70.50 -14.49
N THR D 12 10.41 -70.36 -14.01
CA THR D 12 11.55 -70.03 -14.85
C THR D 12 12.01 -71.26 -15.61
N LEU D 13 11.68 -71.33 -16.89
CA LEU D 13 12.16 -72.42 -17.73
C LEU D 13 13.67 -72.38 -17.84
N GLY D 14 14.25 -71.21 -18.04
CA GLY D 14 15.66 -71.08 -18.25
C GLY D 14 16.25 -69.90 -17.50
N PRO D 15 17.56 -69.72 -17.66
CA PRO D 15 18.23 -68.56 -17.06
C PRO D 15 17.51 -67.25 -17.33
N ILE D 16 17.37 -66.45 -16.29
CA ILE D 16 16.71 -65.15 -16.35
C ILE D 16 17.71 -64.12 -15.84
N HIS D 17 17.87 -63.02 -16.58
CA HIS D 17 18.79 -61.97 -16.18
C HIS D 17 18.09 -60.64 -16.21
N ILE D 18 18.17 -59.91 -15.11
CA ILE D 18 17.66 -58.55 -15.01
C ILE D 18 18.84 -57.68 -14.58
N GLY D 19 19.48 -57.04 -15.55
CA GLY D 19 20.70 -56.32 -15.26
C GLY D 19 20.58 -55.24 -14.20
N SER D 20 21.51 -55.23 -13.27
CA SER D 20 21.62 -54.15 -12.30
C SER D 20 22.75 -53.18 -12.64
N GLY D 21 23.53 -53.47 -13.67
CA GLY D 21 24.63 -52.62 -14.06
C GLY D 21 25.91 -52.81 -13.27
N GLN D 22 25.97 -53.78 -12.38
CA GLN D 22 27.17 -54.06 -11.60
C GLN D 22 27.94 -55.19 -12.26
N VAL D 23 29.12 -54.89 -12.78
CA VAL D 23 29.99 -55.86 -13.43
C VAL D 23 31.09 -56.20 -12.43
N MET D 24 31.01 -57.40 -11.83
CA MET D 24 31.97 -57.74 -10.79
C MET D 24 33.31 -57.95 -11.47
N LYS D 25 34.37 -57.42 -10.88
CA LYS D 25 35.67 -57.33 -11.48
C LYS D 25 36.56 -58.44 -10.89
N LYS D 26 37.87 -58.41 -11.21
CA LYS D 26 38.77 -59.44 -10.70
C LYS D 26 38.91 -59.33 -9.19
N GLN D 27 37.83 -59.59 -8.47
CA GLN D 27 37.83 -59.44 -7.03
C GLN D 27 36.62 -60.14 -6.46
N ASP D 28 36.71 -60.50 -5.17
CA ASP D 28 35.59 -60.99 -4.39
C ASP D 28 35.01 -62.29 -4.93
N TYR D 29 35.82 -63.09 -5.61
CA TYR D 29 35.37 -64.40 -6.06
C TYR D 29 36.52 -65.39 -5.98
N ILE D 30 36.17 -66.66 -5.91
CA ILE D 30 37.11 -67.74 -6.11
C ILE D 30 36.52 -68.64 -7.17
N TYR D 31 37.00 -68.50 -8.40
CA TYR D 31 36.61 -69.40 -9.48
C TYR D 31 37.34 -70.72 -9.29
N ASP D 32 36.60 -71.78 -8.99
CA ASP D 32 37.21 -73.09 -8.78
C ASP D 32 37.14 -73.83 -10.11
N PHE D 33 38.29 -73.92 -10.78
CA PHE D 33 38.36 -74.65 -12.04
C PHE D 33 37.97 -76.11 -11.87
N TYR D 34 38.45 -76.76 -10.82
CA TYR D 34 38.31 -78.20 -10.69
C TYR D 34 37.00 -78.60 -10.05
N ASN D 35 36.24 -77.65 -9.50
CA ASN D 35 34.93 -77.95 -8.93
C ASN D 35 33.81 -77.11 -9.51
N SER D 36 34.12 -76.09 -10.32
CA SER D 36 33.12 -75.33 -11.06
C SER D 36 32.15 -74.60 -10.14
N LYS D 37 32.70 -73.92 -9.13
CA LYS D 37 31.91 -73.05 -8.27
C LYS D 37 32.68 -71.76 -8.01
N VAL D 38 31.94 -70.65 -7.95
CA VAL D 38 32.50 -69.32 -7.72
C VAL D 38 31.93 -68.79 -6.42
N TYR D 39 32.79 -68.28 -5.56
CA TYR D 39 32.42 -67.96 -4.18
C TYR D 39 32.52 -66.45 -3.98
N MET D 40 31.36 -65.79 -3.91
CA MET D 40 31.35 -64.38 -3.54
C MET D 40 31.83 -64.20 -2.11
N ILE D 41 32.54 -63.11 -1.86
CA ILE D 41 33.22 -62.90 -0.59
C ILE D 41 32.67 -61.65 0.08
N ASN D 42 32.21 -61.81 1.32
CA ASN D 42 31.76 -60.68 2.12
C ASN D 42 32.92 -59.71 2.35
N GLY D 43 32.69 -58.44 2.07
CA GLY D 43 33.74 -57.45 2.23
C GLY D 43 34.15 -57.27 3.67
N ASN D 44 33.16 -57.17 4.57
CA ASN D 44 33.45 -56.85 5.97
C ASN D 44 34.18 -57.98 6.67
N LYS D 45 33.67 -59.21 6.54
CA LYS D 45 34.26 -60.34 7.25
C LYS D 45 35.66 -60.66 6.71
N LEU D 46 35.84 -60.57 5.39
CA LEU D 46 37.17 -60.83 4.82
C LEU D 46 38.20 -59.83 5.34
N VAL D 47 37.87 -58.53 5.32
CA VAL D 47 38.85 -57.55 5.74
C VAL D 47 39.05 -57.59 7.25
N LYS D 48 38.02 -57.92 8.01
CA LYS D 48 38.22 -58.08 9.45
C LYS D 48 39.10 -59.28 9.77
N PHE D 49 39.00 -60.35 8.95
CA PHE D 49 39.96 -61.45 9.06
C PHE D 49 41.37 -60.99 8.70
N LEU D 50 41.49 -60.19 7.64
CA LEU D 50 42.79 -59.64 7.27
C LEU D 50 43.39 -58.84 8.42
N LYS D 51 42.55 -58.13 9.17
CA LYS D 51 43.05 -57.26 10.26
C LYS D 51 43.37 -58.09 11.51
N ARG D 52 42.53 -59.08 11.85
CA ARG D 52 42.73 -59.86 13.11
C ARG D 52 43.95 -60.80 12.98
N LYS D 53 44.36 -61.14 11.76
CA LYS D 53 45.56 -62.00 11.56
C LYS D 53 46.73 -61.17 11.03
N ASN D 54 46.59 -59.83 11.02
CA ASN D 54 47.67 -58.91 10.55
C ASN D 54 48.10 -59.31 9.13
N LEU D 55 47.16 -59.74 8.30
CA LEU D 55 47.46 -60.12 6.89
C LEU D 55 47.03 -58.99 5.95
N LEU D 56 46.34 -57.98 6.47
CA LEU D 56 45.87 -56.82 5.66
C LEU D 56 47.04 -56.20 4.90
N TYR D 57 48.17 -55.98 5.58
CA TYR D 57 49.35 -55.33 4.95
C TYR D 57 49.88 -56.19 3.79
N THR D 58 50.11 -57.48 4.03
CA THR D 58 50.59 -58.39 2.96
C THR D 58 49.55 -58.43 1.83
N TYR D 59 48.27 -58.60 2.17
CA TYR D 59 47.18 -58.63 1.17
C TYR D 59 47.24 -57.36 0.31
N GLN D 60 47.44 -56.20 0.94
CA GLN D 60 47.53 -54.92 0.20
C GLN D 60 48.62 -55.04 -0.86
N ASN D 61 49.88 -55.24 -0.47
CA ASN D 61 50.99 -55.26 -1.49
C ASN D 61 50.75 -56.36 -2.53
N PHE D 62 50.14 -57.49 -2.14
CA PHE D 62 49.80 -58.56 -3.12
C PHE D 62 48.89 -57.99 -4.21
N LEU D 63 47.72 -57.48 -3.80
CA LEU D 63 46.74 -56.88 -4.76
C LEU D 63 47.35 -55.67 -5.44
N ARG D 64 47.98 -54.76 -4.68
CA ARG D 64 48.48 -53.48 -5.24
C ARG D 64 49.63 -53.70 -6.24
N TYR D 65 50.35 -54.82 -6.18
CA TYR D 65 51.36 -55.10 -7.23
C TYR D 65 50.71 -56.14 -8.16
N PRO D 66 50.15 -55.74 -9.32
CA PRO D 66 49.57 -56.71 -10.26
C PRO D 66 50.70 -57.49 -10.93
N PRO D 67 50.88 -58.80 -10.65
CA PRO D 67 51.98 -59.57 -11.25
C PRO D 67 51.85 -59.60 -12.77
N LYS D 68 50.69 -59.22 -13.33
CA LYS D 68 50.46 -59.18 -14.78
C LYS D 68 50.51 -60.62 -15.31
N ASN D 69 50.96 -61.52 -14.46
CA ASN D 69 50.91 -62.95 -14.76
C ASN D 69 49.46 -63.40 -14.67
N PRO D 70 48.86 -63.94 -15.73
CA PRO D 70 47.44 -64.32 -15.65
C PRO D 70 47.13 -65.35 -14.58
N ARG D 71 48.07 -66.24 -14.26
CA ARG D 71 47.83 -67.20 -13.19
C ARG D 71 47.91 -66.56 -11.81
N GLU D 72 48.48 -65.36 -11.70
CA GLU D 72 48.65 -64.68 -10.42
C GLU D 72 47.83 -63.40 -10.33
N ASN D 73 46.68 -63.35 -11.00
CA ASN D 73 45.82 -62.19 -10.97
C ASN D 73 44.42 -62.55 -10.48
N GLY D 74 44.34 -63.40 -9.47
CA GLY D 74 43.07 -63.73 -8.87
C GLY D 74 43.05 -63.46 -7.38
N LEU D 75 42.01 -63.93 -6.70
CA LEU D 75 41.91 -63.80 -5.25
C LEU D 75 42.28 -65.08 -4.52
N LYS D 76 42.03 -66.23 -5.14
CA LYS D 76 42.37 -67.49 -4.50
C LYS D 76 43.88 -67.64 -4.34
N ASP D 77 44.65 -67.24 -5.36
CA ASP D 77 46.10 -67.28 -5.23
C ASP D 77 46.60 -66.32 -4.17
N TYR D 78 46.00 -65.13 -4.07
CA TYR D 78 46.34 -64.20 -3.01
C TYR D 78 46.09 -64.81 -1.64
N LEU D 79 44.94 -65.46 -1.46
CA LEU D 79 44.63 -66.08 -0.19
C LEU D 79 45.56 -67.25 0.11
N ASP D 80 45.90 -68.04 -0.91
CA ASP D 80 46.75 -69.21 -0.69
C ASP D 80 48.18 -68.81 -0.36
N ALA D 81 48.67 -67.71 -0.96
CA ALA D 81 50.01 -67.25 -0.65
C ALA D 81 50.16 -66.93 0.83
N GLN D 82 49.08 -66.52 1.47
CA GLN D 82 49.05 -66.30 2.91
C GLN D 82 48.75 -67.57 3.68
N ASN D 83 48.58 -68.70 3.00
CA ASN D 83 48.35 -70.00 3.62
C ASN D 83 47.11 -69.99 4.51
N VAL D 84 46.06 -69.31 4.04
CA VAL D 84 44.81 -69.24 4.80
C VAL D 84 44.10 -70.57 4.69
N LYS D 85 43.74 -71.15 5.84
CA LYS D 85 43.12 -72.51 5.87
C LYS D 85 41.89 -72.58 4.97
N GLN D 86 41.65 -73.74 4.35
CA GLN D 86 40.46 -73.93 3.48
C GLN D 86 39.19 -73.80 4.33
N SER D 87 39.19 -74.37 5.53
CA SER D 87 38.03 -74.22 6.45
C SER D 87 37.77 -72.73 6.71
N GLU D 88 38.83 -71.98 7.08
CA GLU D 88 38.70 -70.52 7.30
C GLU D 88 38.17 -69.86 6.03
N TRP D 89 38.83 -70.08 4.89
CA TRP D 89 38.43 -69.48 3.59
C TRP D 89 36.94 -69.74 3.32
N GLU D 90 36.47 -70.97 3.51
CA GLU D 90 35.04 -71.34 3.23
C GLU D 90 34.10 -70.53 4.14
N ALA D 91 34.52 -70.19 5.36
CA ALA D 91 33.69 -69.36 6.27
C ALA D 91 33.60 -67.92 5.75
N PHE D 92 34.68 -67.39 5.18
CA PHE D 92 34.68 -65.96 4.72
C PHE D 92 33.88 -65.82 3.42
N VAL D 93 33.12 -66.86 3.06
CA VAL D 93 32.34 -66.85 1.82
C VAL D 93 30.91 -66.44 2.18
N SER D 94 30.46 -65.30 1.63
CA SER D 94 29.13 -64.82 1.93
C SER D 94 28.06 -65.69 1.28
N TYR D 95 28.23 -65.99 -0.02
CA TYR D 95 27.26 -66.81 -0.74
C TYR D 95 27.91 -67.32 -2.01
N SER D 96 27.39 -68.43 -2.53
CA SER D 96 28.08 -69.19 -3.56
C SER D 96 27.12 -69.56 -4.68
N GLU D 97 27.71 -69.79 -5.85
CA GLU D 97 26.99 -70.18 -7.05
C GLU D 97 27.87 -71.13 -7.84
N LYS D 98 27.25 -72.05 -8.57
CA LYS D 98 28.01 -73.09 -9.25
C LYS D 98 28.71 -72.57 -10.50
N LEU D 113 36.10 -66.98 -15.24
CA LEU D 113 35.25 -65.83 -15.01
C LEU D 113 36.06 -64.54 -14.97
N ASN D 114 36.25 -63.91 -16.13
CA ASN D 114 36.94 -62.62 -16.17
C ASN D 114 36.15 -61.56 -15.41
N ASP D 115 34.87 -61.40 -15.71
CA ASP D 115 33.98 -60.53 -14.99
C ASP D 115 32.75 -61.32 -14.56
N LEU D 116 31.88 -60.65 -13.80
CA LEU D 116 30.60 -61.25 -13.44
C LEU D 116 29.57 -60.13 -13.32
N HIS D 117 28.50 -60.25 -14.09
CA HIS D 117 27.41 -59.28 -14.03
C HIS D 117 26.44 -59.70 -12.93
N LEU D 118 26.21 -58.81 -11.98
CA LEU D 118 25.32 -59.12 -10.86
C LEU D 118 23.87 -58.79 -11.19
N MET D 119 22.98 -59.41 -10.44
CA MET D 119 21.54 -59.23 -10.56
C MET D 119 21.10 -57.98 -9.78
N VAL D 120 19.83 -57.64 -9.91
CA VAL D 120 19.25 -56.64 -9.01
C VAL D 120 18.92 -57.28 -7.68
N ARG D 121 19.16 -56.57 -6.59
CA ARG D 121 18.91 -57.10 -5.26
C ARG D 121 18.21 -56.03 -4.42
N ASP D 122 17.51 -56.48 -3.38
CA ASP D 122 16.68 -55.59 -2.57
C ASP D 122 17.51 -54.91 -1.50
N GLY D 123 16.83 -54.25 -0.56
CA GLY D 123 17.53 -53.59 0.53
C GLY D 123 18.29 -54.54 1.41
N GLN D 124 17.85 -55.80 1.48
CA GLN D 124 18.56 -56.83 2.21
C GLN D 124 19.28 -57.80 1.29
N ASN D 125 19.60 -57.36 0.07
CA ASN D 125 20.41 -58.10 -0.89
C ASN D 125 19.76 -59.41 -1.34
N LYS D 126 18.46 -59.59 -1.07
CA LYS D 126 17.73 -60.66 -1.73
C LYS D 126 17.25 -60.19 -3.10
N VAL D 127 17.11 -61.14 -4.00
CA VAL D 127 16.80 -60.84 -5.39
C VAL D 127 15.30 -60.88 -5.60
N TYR D 128 14.80 -59.94 -6.40
CA TYR D 128 13.39 -59.83 -6.71
C TYR D 128 13.25 -59.44 -8.17
N LEU D 129 12.11 -59.74 -8.75
CA LEU D 129 11.85 -59.31 -10.11
C LEU D 129 11.28 -57.90 -10.08
N PRO D 130 11.93 -56.94 -10.71
CA PRO D 130 11.37 -55.58 -10.75
C PRO D 130 10.05 -55.56 -11.48
N GLY D 131 9.20 -54.61 -11.11
CA GLY D 131 7.99 -54.40 -11.87
C GLY D 131 8.22 -53.83 -13.23
N SER D 132 9.35 -53.16 -13.44
CA SER D 132 9.62 -52.57 -14.75
C SER D 132 9.84 -53.67 -15.79
N SER D 133 10.74 -54.61 -15.49
CA SER D 133 11.07 -55.62 -16.49
C SER D 133 9.88 -56.51 -16.81
N ILE D 134 9.14 -56.92 -15.78
CA ILE D 134 7.99 -57.79 -16.00
C ILE D 134 6.96 -57.05 -16.84
N LYS D 135 6.62 -55.82 -16.42
CA LYS D 135 5.68 -54.99 -17.21
C LYS D 135 6.31 -54.67 -18.57
N GLY D 136 7.63 -54.42 -18.63
CA GLY D 136 8.23 -54.06 -19.91
C GLY D 136 8.05 -55.14 -20.95
N ALA D 137 8.30 -56.38 -20.58
CA ALA D 137 8.06 -57.48 -21.52
C ALA D 137 6.59 -57.61 -21.85
N ILE D 138 5.72 -57.42 -20.84
CA ILE D 138 4.29 -57.43 -21.14
C ILE D 138 3.95 -56.36 -22.18
N LYS D 139 4.58 -55.20 -22.08
CA LYS D 139 4.29 -54.11 -23.01
C LYS D 139 4.82 -54.44 -24.40
N THR D 140 5.98 -55.07 -24.47
CA THR D 140 6.48 -55.54 -25.76
C THR D 140 5.47 -56.49 -26.41
N THR D 141 4.88 -57.38 -25.63
CA THR D 141 3.89 -58.29 -26.16
C THR D 141 2.62 -57.54 -26.61
N LEU D 142 2.12 -56.65 -25.78
CA LEU D 142 0.87 -55.97 -26.08
C LEU D 142 0.99 -55.09 -27.32
N VAL D 143 2.14 -54.44 -27.50
CA VAL D 143 2.32 -53.59 -28.66
C VAL D 143 2.22 -54.41 -29.94
N SER D 144 2.86 -55.58 -29.98
CA SER D 144 2.81 -56.40 -31.18
C SER D 144 1.39 -56.88 -31.48
N LYS D 145 0.66 -57.33 -30.45
CA LYS D 145 -0.67 -57.89 -30.68
C LYS D 145 -1.62 -56.84 -31.21
N TYR D 146 -1.58 -55.62 -30.65
CA TYR D 146 -2.49 -54.55 -31.06
C TYR D 146 -1.79 -53.46 -31.86
N ASN D 147 -0.60 -53.73 -32.38
CA ASN D 147 0.09 -52.80 -33.28
C ASN D 147 0.21 -51.42 -32.64
N ASN D 148 0.37 -51.42 -31.32
CA ASN D 148 0.35 -50.21 -30.49
C ASN D 148 -1.00 -49.47 -30.66
N GLU D 149 -2.06 -50.15 -30.22
CA GLU D 149 -3.39 -49.54 -30.22
C GLU D 149 -3.51 -48.70 -28.95
N LYS D 150 -2.94 -47.49 -29.04
CA LYS D 150 -2.87 -46.56 -27.90
C LYS D 150 -2.35 -47.25 -26.65
N ASN D 151 -1.45 -48.23 -26.83
CA ASN D 151 -0.93 -48.98 -25.69
C ASN D 151 -0.16 -48.10 -24.73
N LYS D 152 0.38 -46.97 -25.21
CA LYS D 152 1.02 -46.02 -24.33
C LYS D 152 0.04 -45.42 -23.33
N ASP D 153 -1.18 -45.12 -23.78
CA ASP D 153 -2.20 -44.58 -22.89
C ASP D 153 -2.71 -45.64 -21.93
N ILE D 154 -2.88 -46.88 -22.41
CA ILE D 154 -3.45 -47.94 -21.59
C ILE D 154 -2.44 -48.54 -20.63
N TYR D 155 -1.21 -48.05 -20.60
CA TYR D 155 -0.39 -48.32 -19.43
C TYR D 155 -1.06 -47.82 -18.16
N SER D 156 -1.25 -46.50 -18.03
CA SER D 156 -1.43 -45.87 -16.74
C SER D 156 -2.54 -46.53 -15.93
N LYS D 157 -3.33 -47.38 -16.58
CA LYS D 157 -4.41 -48.11 -15.94
C LYS D 157 -4.10 -49.60 -15.82
N ILE D 158 -2.84 -49.99 -15.97
CA ILE D 158 -2.40 -51.36 -15.70
C ILE D 158 -1.25 -51.28 -14.70
N LYS D 159 -1.31 -52.10 -13.66
CA LYS D 159 -0.41 -51.97 -12.53
C LYS D 159 0.17 -53.32 -12.14
N VAL D 160 1.50 -53.38 -12.02
CA VAL D 160 2.22 -54.59 -11.67
C VAL D 160 3.01 -54.33 -10.42
N SER D 161 2.94 -55.24 -9.46
CA SER D 161 3.68 -55.11 -8.21
C SER D 161 4.96 -55.93 -8.30
N ASP D 162 5.94 -55.54 -7.49
CA ASP D 162 7.21 -56.23 -7.50
C ASP D 162 7.05 -57.64 -6.95
N SER D 163 7.96 -58.51 -7.35
CA SER D 163 7.91 -59.88 -6.88
C SER D 163 8.33 -59.98 -5.43
N LYS D 164 7.99 -61.09 -4.81
CA LYS D 164 8.50 -61.39 -3.49
C LYS D 164 9.96 -61.80 -3.58
N PRO D 165 10.71 -61.70 -2.49
CA PRO D 165 12.12 -62.04 -2.54
C PRO D 165 12.34 -63.49 -2.94
N ILE D 166 13.53 -63.74 -3.47
CA ILE D 166 13.92 -65.06 -3.97
C ILE D 166 15.15 -65.47 -3.19
N ASP D 167 15.10 -66.65 -2.57
CA ASP D 167 16.24 -67.11 -1.79
C ASP D 167 17.43 -67.42 -2.70
N GLU D 168 18.62 -67.35 -2.11
CA GLU D 168 19.86 -67.52 -2.89
C GLU D 168 19.93 -68.88 -3.57
N SER D 169 19.33 -69.90 -2.95
CA SER D 169 19.52 -71.28 -3.39
C SER D 169 19.15 -71.49 -4.85
N ASN D 170 18.55 -70.51 -5.51
CA ASN D 170 18.16 -70.63 -6.91
C ASN D 170 18.92 -69.64 -7.79
N LEU D 171 20.19 -69.40 -7.48
CA LEU D 171 21.06 -68.57 -8.30
C LEU D 171 22.28 -69.37 -8.74
N ALA D 172 22.75 -69.11 -9.96
CA ALA D 172 23.89 -69.84 -10.50
C ALA D 172 24.56 -69.01 -11.58
N ILE D 173 25.78 -69.42 -11.94
CA ILE D 173 26.55 -68.80 -13.00
C ILE D 173 26.22 -69.46 -14.32
N TYR D 174 26.23 -68.68 -15.40
CA TYR D 174 26.04 -69.22 -16.74
C TYR D 174 26.80 -68.36 -17.74
N GLN D 175 27.42 -69.02 -18.71
CA GLN D 175 28.11 -68.33 -19.79
C GLN D 175 27.13 -67.99 -20.90
N LYS D 176 27.35 -66.86 -21.55
CA LYS D 176 26.59 -66.51 -22.75
C LYS D 176 27.23 -67.20 -23.94
N ILE D 177 26.42 -67.94 -24.70
CA ILE D 177 26.89 -68.68 -25.87
C ILE D 177 26.20 -68.10 -27.09
N ASP D 178 26.98 -67.84 -28.13
CA ASP D 178 26.41 -67.37 -29.39
C ASP D 178 26.06 -68.62 -30.20
N ILE D 179 24.78 -68.98 -30.20
CA ILE D 179 24.31 -70.20 -30.85
C ILE D 179 23.91 -69.84 -32.28
N ASN D 180 24.76 -70.19 -33.23
CA ASN D 180 24.50 -70.13 -34.66
C ASN D 180 24.61 -71.56 -35.19
N LYS D 181 24.65 -71.70 -36.52
CA LYS D 181 24.91 -73.02 -37.09
C LYS D 181 26.21 -73.61 -36.57
N SER D 182 27.21 -72.77 -36.30
CA SER D 182 28.44 -73.16 -35.63
C SER D 182 28.54 -72.38 -34.33
N GLU D 183 28.60 -73.10 -33.22
CA GLU D 183 28.57 -72.44 -31.93
C GLU D 183 29.87 -71.72 -31.65
N LYS D 184 29.75 -70.62 -30.91
CA LYS D 184 30.88 -69.83 -30.46
C LYS D 184 30.66 -69.48 -28.99
N SER D 185 31.74 -69.46 -28.22
CA SER D 185 31.65 -69.10 -26.82
C SER D 185 31.92 -67.61 -26.64
N MET D 186 31.08 -66.96 -25.86
CA MET D 186 31.36 -65.57 -25.54
C MET D 186 32.25 -65.50 -24.31
N PRO D 187 33.04 -64.42 -24.18
CA PRO D 187 33.99 -64.34 -23.07
C PRO D 187 33.37 -64.16 -21.69
N LEU D 188 32.10 -63.76 -21.57
CA LEU D 188 31.62 -63.22 -20.30
C LEU D 188 30.43 -64.02 -19.75
N TYR D 189 30.23 -63.88 -18.43
CA TYR D 189 29.26 -64.64 -17.66
C TYR D 189 28.22 -63.72 -17.04
N ARG D 190 27.00 -64.24 -16.89
CA ARG D 190 25.90 -63.53 -16.24
C ARG D 190 25.26 -64.41 -15.17
N GLU D 191 24.89 -63.79 -14.05
CA GLU D 191 24.11 -64.48 -13.04
C GLU D 191 22.65 -64.60 -13.46
N CYS D 192 22.01 -65.70 -13.05
CA CYS D 192 20.66 -66.00 -13.50
C CYS D 192 19.89 -66.72 -12.40
N ILE D 193 18.56 -66.67 -12.52
CA ILE D 193 17.69 -67.45 -11.64
C ILE D 193 17.57 -68.87 -12.20
N ASP D 194 17.63 -69.85 -11.32
CA ASP D 194 17.76 -71.23 -11.75
C ASP D 194 16.50 -71.72 -12.46
N VAL D 195 16.61 -72.92 -13.02
CA VAL D 195 15.49 -73.54 -13.72
C VAL D 195 14.39 -73.88 -12.74
N ASN D 196 13.14 -73.81 -13.22
CA ASN D 196 11.96 -74.30 -12.52
C ASN D 196 11.71 -73.55 -11.21
N THR D 197 12.32 -72.40 -11.02
CA THR D 197 12.00 -71.57 -9.87
C THR D 197 10.59 -71.00 -10.01
N GLU D 198 9.84 -71.03 -8.92
CA GLU D 198 8.48 -70.49 -8.90
C GLU D 198 8.49 -69.10 -8.26
N ILE D 199 7.92 -68.12 -8.95
CA ILE D 199 8.01 -66.73 -8.56
C ILE D 199 6.62 -66.12 -8.52
N LYS D 200 6.36 -65.31 -7.49
CA LYS D 200 5.04 -64.75 -7.22
C LYS D 200 5.04 -63.25 -7.45
N PHE D 201 3.99 -62.73 -8.08
CA PHE D 201 3.71 -61.31 -7.97
C PHE D 201 2.23 -61.07 -8.18
N LYS D 202 1.78 -59.90 -7.74
CA LYS D 202 0.38 -59.51 -7.77
C LYS D 202 0.14 -58.50 -8.87
N LEU D 203 -0.94 -58.69 -9.61
CA LEU D 203 -1.32 -57.83 -10.71
C LEU D 203 -2.55 -57.02 -10.31
N THR D 204 -2.65 -55.81 -10.85
CA THR D 204 -3.82 -54.97 -10.63
C THR D 204 -4.35 -54.48 -11.96
N ILE D 205 -5.67 -54.58 -12.14
CA ILE D 205 -6.33 -54.27 -13.41
C ILE D 205 -7.24 -53.07 -13.15
N GLU D 206 -7.08 -52.02 -13.95
CA GLU D 206 -7.98 -50.88 -13.86
C GLU D 206 -8.88 -50.75 -15.07
N ASP D 207 -8.52 -51.36 -16.21
CA ASP D 207 -9.35 -51.39 -17.40
C ASP D 207 -9.77 -52.83 -17.66
N GLU D 208 -11.09 -53.06 -17.68
CA GLU D 208 -11.60 -54.40 -17.95
C GLU D 208 -11.46 -54.80 -19.42
N ILE D 209 -11.30 -53.82 -20.32
CA ILE D 209 -11.25 -54.13 -21.75
C ILE D 209 -10.10 -55.09 -22.05
N TYR D 210 -8.92 -54.81 -21.51
CA TYR D 210 -7.78 -55.71 -21.67
C TYR D 210 -7.77 -56.71 -20.52
N SER D 211 -8.70 -57.66 -20.60
CA SER D 211 -8.92 -58.61 -19.52
C SER D 211 -7.72 -59.54 -19.37
N ILE D 212 -7.77 -60.39 -18.34
CA ILE D 212 -6.67 -61.28 -18.05
C ILE D 212 -6.49 -62.31 -19.16
N ASN D 213 -7.59 -62.90 -19.63
CA ASN D 213 -7.51 -63.81 -20.76
C ASN D 213 -7.00 -63.08 -21.99
N GLU D 214 -7.38 -61.80 -22.12
CA GLU D 214 -6.85 -60.99 -23.21
C GLU D 214 -5.33 -60.92 -23.16
N ILE D 215 -4.77 -60.65 -21.98
CA ILE D 215 -3.32 -60.56 -21.85
C ILE D 215 -2.68 -61.90 -22.19
N GLU D 216 -3.23 -62.98 -21.66
CA GLU D 216 -2.65 -64.30 -21.90
C GLU D 216 -2.64 -64.64 -23.37
N GLN D 217 -3.77 -64.45 -24.04
CA GLN D 217 -3.84 -64.74 -25.47
C GLN D 217 -2.87 -63.85 -26.24
N SER D 218 -2.76 -62.59 -25.85
CA SER D 218 -1.91 -61.67 -26.59
C SER D 218 -0.45 -62.13 -26.53
N ILE D 219 0.03 -62.45 -25.33
CA ILE D 219 1.44 -62.84 -25.20
C ILE D 219 1.68 -64.20 -25.85
N GLN D 220 0.71 -65.11 -25.75
CA GLN D 220 0.82 -66.38 -26.46
C GLN D 220 0.94 -66.17 -27.96
N ASP D 221 0.14 -65.25 -28.50
CA ASP D 221 0.21 -64.95 -29.92
C ASP D 221 1.56 -64.37 -30.28
N PHE D 222 2.11 -63.52 -29.39
CA PHE D 222 3.47 -63.04 -29.62
C PHE D 222 4.46 -64.19 -29.68
N TYR D 223 4.31 -65.18 -28.79
CA TYR D 223 5.21 -66.32 -28.82
C TYR D 223 5.06 -67.11 -30.11
N LYS D 224 3.83 -67.30 -30.58
CA LYS D 224 3.62 -68.08 -31.80
C LYS D 224 4.22 -67.36 -33.01
N ASN D 225 4.03 -66.04 -33.09
CA ASN D 225 4.65 -65.27 -34.16
C ASN D 225 6.17 -65.32 -34.04
N TYR D 226 6.69 -65.29 -32.81
CA TYR D 226 8.12 -65.44 -32.60
C TYR D 226 8.63 -66.77 -33.11
N TYR D 227 7.87 -67.85 -32.86
CA TYR D 227 8.24 -69.15 -33.38
C TYR D 227 8.31 -69.12 -34.91
N ASP D 228 7.17 -68.84 -35.55
CA ASP D 228 7.14 -69.00 -37.00
C ASP D 228 7.94 -67.93 -37.73
N LYS D 229 8.44 -66.92 -37.02
CA LYS D 229 9.42 -66.03 -37.65
C LYS D 229 10.85 -66.46 -37.37
N TRP D 230 11.15 -66.87 -36.15
CA TRP D 230 12.56 -66.91 -35.78
C TRP D 230 13.00 -68.22 -35.15
N LEU D 231 12.14 -68.89 -34.38
CA LEU D 231 12.55 -70.09 -33.67
C LEU D 231 12.61 -71.33 -34.57
N VAL D 232 12.04 -71.27 -35.77
CA VAL D 232 12.20 -72.39 -36.70
C VAL D 232 13.54 -72.35 -37.42
N GLY D 233 14.23 -71.21 -37.42
CA GLY D 233 15.38 -71.04 -38.29
C GLY D 233 16.66 -71.71 -37.82
N PHE D 234 16.81 -71.89 -36.51
CA PHE D 234 18.04 -72.41 -35.95
C PHE D 234 18.09 -73.95 -35.92
N LYS D 235 17.25 -74.61 -36.71
CA LYS D 235 17.32 -76.06 -36.81
C LYS D 235 18.57 -76.47 -37.60
N GLU D 236 18.94 -77.75 -37.45
CA GLU D 236 20.16 -78.40 -37.90
C GLU D 236 21.35 -78.09 -36.99
N THR D 237 21.14 -77.35 -35.92
CA THR D 237 22.18 -77.09 -34.92
C THR D 237 22.04 -78.10 -33.79
N LYS D 238 23.18 -78.62 -33.33
CA LYS D 238 23.14 -79.66 -32.30
C LYS D 238 22.45 -79.15 -31.04
N GLY D 239 22.90 -78.01 -30.52
CA GLY D 239 22.26 -77.45 -29.33
C GLY D 239 20.87 -76.92 -29.60
N GLY D 240 20.67 -76.31 -30.75
CA GLY D 240 19.38 -75.75 -31.11
C GLY D 240 18.27 -76.79 -31.06
N ARG D 241 18.42 -77.85 -31.85
CA ARG D 241 17.47 -78.96 -31.76
C ARG D 241 17.55 -79.64 -30.40
N ARG D 242 18.67 -79.53 -29.70
CA ARG D 242 18.71 -80.04 -28.34
C ARG D 242 17.79 -79.23 -27.43
N PHE D 243 17.78 -77.91 -27.58
CA PHE D 243 16.96 -77.09 -26.69
C PHE D 243 15.49 -77.13 -27.10
N ALA D 244 15.21 -76.92 -28.38
CA ALA D 244 13.82 -76.78 -28.82
C ALA D 244 13.00 -78.02 -28.50
N LEU D 245 13.57 -79.21 -28.72
CA LEU D 245 12.83 -80.44 -28.42
C LEU D 245 12.67 -80.63 -26.92
N GLU D 246 13.72 -80.34 -26.13
CA GLU D 246 13.63 -80.53 -24.69
C GLU D 246 12.60 -79.58 -24.08
N GLY D 247 12.54 -78.35 -24.57
CA GLY D 247 11.50 -77.42 -24.14
C GLY D 247 10.12 -77.76 -24.66
N GLY D 248 10.01 -78.64 -25.64
CA GLY D 248 8.71 -79.03 -26.16
C GLY D 248 7.95 -77.90 -26.82
N ILE D 249 8.62 -77.10 -27.64
CA ILE D 249 8.03 -75.90 -28.21
C ILE D 249 6.82 -76.18 -29.12
N PRO D 250 6.66 -77.36 -29.74
CA PRO D 250 5.37 -77.61 -30.41
C PRO D 250 4.18 -77.54 -29.46
N ASP D 251 4.32 -78.05 -28.24
CA ASP D 251 3.25 -77.94 -27.25
C ASP D 251 3.24 -76.57 -26.57
N VAL D 252 4.41 -75.92 -26.50
CA VAL D 252 4.52 -74.60 -25.90
C VAL D 252 3.67 -73.56 -26.63
N LEU D 253 3.36 -73.79 -27.91
CA LEU D 253 2.46 -72.88 -28.61
C LEU D 253 1.11 -72.76 -27.92
N ASN D 254 0.70 -73.81 -27.20
CA ASN D 254 -0.46 -73.74 -26.32
C ASN D 254 -0.11 -73.21 -24.93
N GLN D 255 1.17 -73.08 -24.61
CA GLN D 255 1.62 -72.65 -23.30
C GLN D 255 1.97 -71.17 -23.28
N ASN D 256 2.02 -70.63 -22.06
CA ASN D 256 2.07 -69.19 -21.86
C ASN D 256 3.49 -68.82 -21.46
N ILE D 257 4.27 -68.30 -22.43
CA ILE D 257 5.71 -68.14 -22.30
C ILE D 257 6.14 -66.73 -22.66
N LEU D 258 7.14 -66.22 -21.96
CA LEU D 258 7.65 -64.88 -22.24
C LEU D 258 9.11 -64.76 -21.86
N PHE D 259 9.88 -64.05 -22.68
CA PHE D 259 11.28 -63.74 -22.41
C PHE D 259 11.36 -62.49 -21.54
N LEU D 260 12.14 -62.56 -20.47
CA LEU D 260 12.21 -61.48 -19.50
C LEU D 260 13.59 -60.87 -19.46
N GLY D 261 13.65 -59.55 -19.50
CA GLY D 261 14.90 -58.83 -19.31
C GLY D 261 15.93 -59.15 -20.37
N ALA D 262 17.19 -59.25 -19.93
CA ALA D 262 18.31 -59.41 -20.83
C ALA D 262 18.38 -60.83 -21.37
N GLY D 263 19.33 -61.06 -22.26
CA GLY D 263 19.59 -62.38 -22.77
C GLY D 263 18.69 -62.83 -23.89
N THR D 264 17.69 -62.04 -24.25
CA THR D 264 16.83 -62.38 -25.37
C THR D 264 17.24 -61.59 -26.60
N GLY D 265 16.99 -62.17 -27.76
CA GLY D 265 17.36 -61.54 -29.01
C GLY D 265 16.51 -60.32 -29.31
N PHE D 266 16.91 -59.59 -30.35
CA PHE D 266 16.16 -58.41 -30.76
C PHE D 266 14.71 -58.77 -31.08
N VAL D 267 14.51 -59.88 -31.79
CA VAL D 267 13.18 -60.24 -32.26
C VAL D 267 12.20 -60.51 -31.13
N SER D 268 12.65 -60.43 -29.88
CA SER D 268 11.74 -60.43 -28.74
C SER D 268 11.55 -59.01 -28.22
N ASN D 277 8.61 -58.81 -42.39
CA ASN D 277 9.31 -59.60 -43.39
C ASN D 277 10.80 -59.69 -43.08
N ARG D 278 11.44 -60.70 -43.66
CA ARG D 278 12.86 -60.92 -43.41
C ARG D 278 13.70 -59.74 -43.87
N LYS D 279 13.31 -59.09 -44.97
CA LYS D 279 14.10 -57.97 -45.46
C LYS D 279 14.03 -56.77 -44.53
N GLN D 280 12.82 -56.43 -44.06
CA GLN D 280 12.73 -55.31 -43.13
C GLN D 280 13.43 -55.65 -41.83
N ALA D 281 13.32 -56.90 -41.37
CA ALA D 281 14.04 -57.30 -40.17
C ALA D 281 15.54 -57.15 -40.38
N LYS D 282 16.04 -57.52 -41.55
CA LYS D 282 17.45 -57.41 -41.85
C LYS D 282 17.92 -55.97 -41.80
N GLN D 283 17.16 -55.07 -42.44
CA GLN D 283 17.53 -53.65 -42.43
C GLN D 283 17.50 -53.09 -41.02
N ASP D 284 16.47 -53.45 -40.24
CA ASP D 284 16.37 -52.94 -38.87
C ASP D 284 17.54 -53.44 -38.04
N SER D 285 17.91 -54.72 -38.19
CA SER D 285 19.03 -55.27 -37.46
C SER D 285 20.32 -54.57 -37.85
N PHE D 286 20.51 -54.29 -39.13
CA PHE D 286 21.71 -53.57 -39.56
C PHE D 286 21.78 -52.19 -38.92
N GLU D 287 20.66 -51.46 -38.90
CA GLU D 287 20.68 -50.14 -38.28
C GLU D 287 20.96 -50.22 -36.78
N ILE D 288 20.33 -51.17 -36.09
CA ILE D 288 20.54 -51.30 -34.66
C ILE D 288 21.99 -51.66 -34.36
N LEU D 289 22.57 -52.57 -35.16
CA LEU D 289 23.95 -52.96 -34.93
C LEU D 289 24.91 -51.83 -35.30
N THR D 290 24.53 -50.98 -36.27
CA THR D 290 25.31 -49.78 -36.55
C THR D 290 25.37 -48.89 -35.31
N LYS D 291 24.23 -48.71 -34.66
CA LYS D 291 24.20 -47.86 -33.48
C LYS D 291 24.89 -48.51 -32.29
N LYS D 292 24.98 -49.84 -32.26
CA LYS D 292 25.54 -50.55 -31.11
C LYS D 292 27.04 -50.86 -31.21
N PHE D 293 27.44 -51.64 -32.23
CA PHE D 293 28.79 -52.19 -32.30
C PHE D 293 29.77 -51.34 -33.12
N ARG D 294 29.42 -50.10 -33.43
CA ARG D 294 30.31 -49.26 -34.24
C ARG D 294 31.64 -49.00 -33.55
N GLY D 295 31.69 -49.11 -32.22
CA GLY D 295 32.92 -48.87 -31.49
C GLY D 295 33.83 -50.07 -31.38
N THR D 296 33.30 -51.27 -31.59
CA THR D 296 34.09 -52.48 -31.39
C THR D 296 34.21 -53.33 -32.64
N TYR D 297 33.09 -53.72 -33.27
CA TYR D 297 33.12 -54.57 -34.46
C TYR D 297 32.28 -53.94 -35.57
N GLY D 298 32.93 -53.18 -36.44
CA GLY D 298 32.28 -52.56 -37.57
C GLY D 298 32.06 -53.49 -38.74
N LYS D 299 32.25 -54.80 -38.51
CA LYS D 299 32.05 -55.77 -39.58
C LYS D 299 30.60 -55.89 -40.00
N MET D 300 29.67 -55.39 -39.18
CA MET D 300 28.26 -55.49 -39.54
C MET D 300 27.97 -54.66 -40.80
N LYS D 301 28.59 -53.48 -40.91
CA LYS D 301 28.37 -52.61 -42.07
C LYS D 301 28.70 -53.30 -43.39
N GLU D 302 29.38 -54.45 -43.35
CA GLU D 302 29.64 -55.24 -44.54
C GLU D 302 29.11 -56.67 -44.42
N ILE D 303 28.51 -57.04 -43.30
CA ILE D 303 27.70 -58.26 -43.26
C ILE D 303 26.60 -58.18 -44.30
N ALA D 310 22.95 -65.53 -34.87
CA ALA D 310 23.40 -64.97 -33.60
C ALA D 310 22.29 -65.03 -32.56
N LEU D 311 22.22 -66.15 -31.83
CA LEU D 311 21.21 -66.36 -30.81
C LEU D 311 21.87 -66.56 -29.45
N LYS D 312 21.19 -66.08 -28.41
CA LYS D 312 21.76 -66.04 -27.06
C LYS D 312 21.31 -67.28 -26.32
N GLY D 313 22.27 -68.05 -25.81
CA GLY D 313 21.94 -69.26 -25.10
C GLY D 313 22.95 -69.57 -24.03
N THR D 314 22.57 -70.50 -23.16
CA THR D 314 23.43 -70.98 -22.09
C THR D 314 23.56 -72.49 -22.23
N THR D 315 24.79 -72.98 -22.17
CA THR D 315 25.08 -74.40 -22.25
C THR D 315 25.62 -74.84 -20.89
N ASN D 316 24.97 -75.83 -20.28
CA ASN D 316 25.33 -76.29 -18.96
C ASN D 316 26.31 -77.46 -19.07
N GLN D 317 27.50 -77.28 -18.51
CA GLN D 317 28.49 -78.37 -18.50
C GLN D 317 27.99 -79.55 -17.68
N SER D 318 27.16 -79.29 -16.68
CA SER D 318 26.66 -80.36 -15.82
C SER D 318 25.82 -81.36 -16.58
N ARG D 319 25.03 -80.89 -17.54
CA ARG D 319 24.04 -81.74 -18.15
C ARG D 319 24.16 -81.85 -19.67
N HIS D 320 25.09 -81.13 -20.30
CA HIS D 320 25.16 -81.04 -21.75
C HIS D 320 23.80 -80.65 -22.34
N THR D 321 23.09 -79.81 -21.59
CA THR D 321 21.80 -79.28 -21.99
C THR D 321 21.93 -77.78 -22.18
N SER D 322 21.58 -77.29 -23.36
CA SER D 322 21.63 -75.87 -23.65
C SER D 322 20.25 -75.27 -23.49
N TYR D 323 20.17 -74.19 -22.75
CA TYR D 323 18.93 -73.46 -22.59
C TYR D 323 19.08 -72.08 -23.22
N GLN D 324 17.96 -71.52 -23.68
CA GLN D 324 17.96 -70.13 -24.11
C GLN D 324 17.47 -69.24 -22.99
N GLN D 325 18.11 -68.08 -22.87
CA GLN D 325 17.93 -67.18 -21.75
C GLN D 325 16.66 -66.36 -21.92
N GLY D 326 15.73 -66.48 -20.99
CA GLY D 326 14.57 -65.60 -20.97
C GLY D 326 13.21 -66.20 -20.74
N MET D 327 12.95 -67.41 -21.25
CA MET D 327 11.58 -67.88 -21.29
C MET D 327 11.14 -68.49 -19.96
N CYS D 328 9.86 -68.27 -19.64
CA CYS D 328 9.26 -68.77 -18.41
C CYS D 328 7.76 -68.81 -18.57
N LYS D 329 7.11 -69.71 -17.82
CA LYS D 329 5.66 -69.79 -17.87
C LYS D 329 5.03 -68.74 -16.98
N VAL D 330 3.88 -68.23 -17.43
CA VAL D 330 3.10 -67.25 -16.70
C VAL D 330 1.68 -67.77 -16.59
N SER D 331 1.14 -67.78 -15.38
CA SER D 331 -0.24 -68.21 -15.15
C SER D 331 -0.93 -67.20 -14.25
N PHE D 332 -2.22 -66.99 -14.49
CA PHE D 332 -3.00 -66.02 -13.74
C PHE D 332 -3.93 -66.75 -12.75
N GLN D 333 -4.61 -65.96 -11.93
CA GLN D 333 -5.54 -66.52 -10.93
C GLN D 333 -6.60 -65.49 -10.53
N MET E 1 -47.56 62.18 -10.48
CA MET E 1 -46.32 61.46 -10.29
C MET E 1 -45.15 62.40 -10.07
N ASN E 2 -44.25 62.02 -9.16
CA ASN E 2 -43.06 62.81 -8.92
C ASN E 2 -42.19 62.84 -10.17
N LYS E 3 -41.64 64.01 -10.47
CA LYS E 3 -40.89 64.19 -11.70
C LYS E 3 -39.77 63.18 -11.84
N LYS E 4 -39.18 62.77 -10.72
CA LYS E 4 -38.12 61.77 -10.78
C LYS E 4 -38.66 60.42 -11.26
N ASN E 5 -39.83 60.01 -10.76
CA ASN E 5 -40.41 58.76 -11.22
C ASN E 5 -40.76 58.83 -12.70
N ILE E 6 -41.30 59.96 -13.13
CA ILE E 6 -41.56 60.17 -14.55
C ILE E 6 -40.28 60.01 -15.34
N LEU E 7 -39.19 60.56 -14.83
CA LEU E 7 -37.93 60.51 -15.56
C LEU E 7 -37.43 59.08 -15.69
N MET E 8 -37.42 58.30 -14.60
CA MET E 8 -36.99 56.91 -14.75
C MET E 8 -37.89 56.15 -15.70
N TYR E 9 -39.20 56.33 -15.59
CA TYR E 9 -40.11 55.61 -16.46
C TYR E 9 -39.85 55.94 -17.92
N GLY E 10 -39.61 57.22 -18.23
CA GLY E 10 -39.29 57.57 -19.60
C GLY E 10 -37.96 57.00 -20.04
N SER E 11 -36.94 57.10 -19.18
CA SER E 11 -35.60 56.73 -19.58
C SER E 11 -35.50 55.25 -19.87
N LEU E 12 -36.08 54.41 -19.02
CA LEU E 12 -35.92 52.98 -19.20
C LEU E 12 -36.55 52.52 -20.50
N LEU E 13 -37.51 53.26 -21.04
CA LEU E 13 -38.32 52.81 -22.17
C LEU E 13 -38.17 53.70 -23.40
N HIS E 14 -37.05 54.40 -23.53
CA HIS E 14 -36.88 55.26 -24.70
C HIS E 14 -36.69 54.44 -25.97
N ASP E 15 -35.83 53.42 -25.93
CA ASP E 15 -35.57 52.60 -27.10
C ASP E 15 -36.41 51.33 -27.11
N ILE E 16 -37.63 51.40 -26.58
CA ILE E 16 -38.50 50.22 -26.54
C ILE E 16 -38.90 49.79 -27.93
N GLY E 17 -38.95 50.73 -28.88
CA GLY E 17 -39.46 50.41 -30.20
C GLY E 17 -38.58 49.47 -30.98
N LYS E 18 -37.28 49.45 -30.69
CA LYS E 18 -36.33 48.73 -31.53
C LYS E 18 -36.72 47.27 -31.70
N ILE E 19 -37.21 46.64 -30.64
CA ILE E 19 -37.62 45.24 -30.73
C ILE E 19 -38.76 45.10 -31.74
N ILE E 20 -39.72 46.02 -31.70
CA ILE E 20 -40.88 45.92 -32.57
C ILE E 20 -40.53 46.22 -34.02
N TYR E 21 -39.71 47.26 -34.25
CA TYR E 21 -39.16 47.46 -35.59
C TYR E 21 -38.49 46.20 -36.09
N ARG E 22 -37.67 45.59 -35.25
CA ARG E 22 -37.05 44.34 -35.65
C ARG E 22 -38.07 43.21 -35.75
N SER E 23 -39.27 43.38 -35.18
CA SER E 23 -40.30 42.35 -35.30
C SER E 23 -40.80 42.26 -36.74
N GLY E 24 -41.15 43.39 -37.34
CA GLY E 24 -41.50 43.42 -38.74
C GLY E 24 -42.89 42.91 -39.06
N ASP E 25 -43.30 41.82 -38.39
CA ASP E 25 -44.53 41.14 -38.74
C ASP E 25 -45.76 42.02 -38.53
N HIS E 26 -45.80 42.78 -37.45
CA HIS E 26 -46.99 43.51 -37.08
C HIS E 26 -47.10 44.83 -37.82
N THR E 27 -48.34 45.25 -38.05
CA THR E 27 -48.65 46.46 -38.80
C THR E 27 -48.18 47.73 -38.11
N PHE E 28 -47.82 47.66 -36.83
CA PHE E 28 -47.30 48.84 -36.16
C PHE E 28 -45.88 49.18 -36.58
N SER E 29 -45.06 48.16 -36.86
CA SER E 29 -43.62 48.26 -37.06
C SER E 29 -43.21 48.97 -38.36
N ARG E 30 -44.09 49.64 -39.10
CA ARG E 30 -43.71 50.23 -40.38
C ARG E 30 -42.97 51.55 -40.25
N GLY E 31 -42.99 52.20 -39.09
CA GLY E 31 -42.38 53.49 -38.91
C GLY E 31 -41.25 53.47 -37.88
N THR E 32 -40.49 54.57 -37.87
CA THR E 32 -39.24 54.66 -37.12
C THR E 32 -39.45 54.44 -35.62
N HIS E 33 -38.33 54.31 -34.92
CA HIS E 33 -38.32 53.78 -33.56
C HIS E 33 -39.16 54.62 -32.61
N SER E 34 -38.90 55.93 -32.59
CA SER E 34 -39.45 56.78 -31.54
C SER E 34 -40.97 56.80 -31.57
N LYS E 35 -41.54 57.11 -32.73
CA LYS E 35 -42.99 57.21 -32.77
C LYS E 35 -43.63 55.85 -32.57
N LEU E 36 -42.96 54.79 -33.04
CA LEU E 36 -43.41 53.42 -32.80
C LEU E 36 -43.62 53.16 -31.32
N GLY E 37 -42.56 53.36 -30.53
CA GLY E 37 -42.70 53.23 -29.09
C GLY E 37 -43.78 54.15 -28.55
N HIS E 38 -43.97 55.31 -29.18
CA HIS E 38 -45.02 56.22 -28.72
C HIS E 38 -46.39 55.56 -28.81
N GLN E 39 -46.76 55.01 -29.97
CA GLN E 39 -48.12 54.50 -30.00
C GLN E 39 -48.23 53.24 -29.16
N PHE E 40 -47.11 52.51 -29.01
CA PHE E 40 -47.15 51.21 -28.29
C PHE E 40 -47.35 51.42 -26.79
N LEU E 41 -46.67 52.41 -26.21
CA LEU E 41 -46.93 52.71 -24.80
C LEU E 41 -48.24 53.46 -24.59
N SER E 42 -48.88 53.94 -25.66
CA SER E 42 -50.20 54.53 -25.53
C SER E 42 -51.30 53.49 -25.57
N GLN E 43 -50.97 52.23 -25.81
CA GLN E 43 -51.96 51.18 -25.90
C GLN E 43 -52.47 50.73 -24.54
N PHE E 44 -51.81 51.12 -23.46
CA PHE E 44 -52.11 50.62 -22.12
C PHE E 44 -52.51 51.76 -21.22
N SER E 45 -53.47 51.49 -20.32
CA SER E 45 -54.01 52.53 -19.46
C SER E 45 -52.99 52.99 -18.42
N GLU E 46 -52.27 52.04 -17.81
CA GLU E 46 -51.35 52.41 -16.73
C GLU E 46 -50.22 53.29 -17.24
N PHE E 47 -49.66 52.95 -18.39
CA PHE E 47 -48.58 53.73 -18.99
C PHE E 47 -49.10 54.88 -19.85
N LYS E 48 -50.31 55.34 -19.59
CA LYS E 48 -50.89 56.45 -20.31
C LYS E 48 -50.31 57.80 -19.87
N ASP E 49 -49.30 57.78 -19.00
CA ASP E 49 -48.66 59.02 -18.56
C ASP E 49 -48.06 59.74 -19.77
N ASN E 50 -48.53 60.97 -20.00
CA ASN E 50 -48.16 61.69 -21.21
C ASN E 50 -46.67 62.00 -21.25
N GLU E 51 -46.10 62.40 -20.12
CA GLU E 51 -44.69 62.81 -20.12
C GLU E 51 -43.78 61.64 -20.45
N VAL E 52 -44.09 60.44 -19.96
CA VAL E 52 -43.31 59.26 -20.29
C VAL E 52 -43.39 58.99 -21.79
N LEU E 53 -44.59 59.13 -22.35
CA LEU E 53 -44.76 58.99 -23.79
C LEU E 53 -43.87 59.96 -24.55
N ASP E 54 -43.84 61.22 -24.10
CA ASP E 54 -43.00 62.22 -24.75
C ASP E 54 -41.53 61.82 -24.66
N ASN E 55 -41.10 61.38 -23.48
CA ASN E 55 -39.71 60.97 -23.29
C ASN E 55 -39.34 59.88 -24.28
N VAL E 56 -40.23 58.90 -24.47
CA VAL E 56 -39.97 57.83 -25.43
C VAL E 56 -39.90 58.40 -26.83
N ALA E 57 -40.86 59.25 -27.19
CA ALA E 57 -40.99 59.67 -28.58
C ALA E 57 -39.92 60.66 -29.01
N TYR E 58 -39.23 61.30 -28.07
CA TYR E 58 -38.30 62.36 -28.42
C TYR E 58 -36.93 62.09 -27.83
N HIS E 59 -36.42 60.89 -28.02
CA HIS E 59 -35.16 60.47 -27.41
C HIS E 59 -33.94 60.61 -28.33
N HIS E 60 -34.10 61.10 -29.55
CA HIS E 60 -32.98 61.34 -30.46
C HIS E 60 -33.02 62.75 -31.03
N TYR E 61 -32.01 63.03 -31.86
CA TYR E 61 -31.69 64.41 -32.25
C TYR E 61 -32.74 65.01 -33.17
N LYS E 62 -33.10 64.29 -34.24
CA LYS E 62 -33.97 64.88 -35.25
C LYS E 62 -35.34 65.20 -34.67
N GLU E 63 -35.91 64.28 -33.90
CA GLU E 63 -37.19 64.57 -33.26
C GLU E 63 -37.09 65.78 -32.35
N LEU E 64 -36.04 65.86 -31.55
CA LEU E 64 -35.89 66.97 -30.64
C LEU E 64 -35.66 68.29 -31.36
N ALA E 65 -35.16 68.23 -32.60
CA ALA E 65 -34.94 69.44 -33.36
C ALA E 65 -36.24 70.18 -33.62
N LYS E 66 -37.35 69.44 -33.73
CA LYS E 66 -38.67 70.04 -33.95
C LYS E 66 -39.61 69.75 -32.79
N ALA E 67 -39.10 69.22 -31.68
CA ALA E 67 -39.97 68.67 -30.65
C ALA E 67 -40.83 69.72 -29.96
N ASN E 68 -40.48 71.00 -30.09
CA ASN E 68 -41.11 72.14 -29.42
C ASN E 68 -41.53 71.81 -27.99
N LEU E 69 -40.69 71.08 -27.27
CA LEU E 69 -40.93 70.75 -25.87
C LEU E 69 -40.66 71.96 -24.98
N ASP E 70 -41.18 71.89 -23.77
CA ASP E 70 -41.00 72.98 -22.82
C ASP E 70 -39.53 73.14 -22.46
N ASN E 71 -39.16 74.36 -22.07
CA ASN E 71 -37.75 74.65 -21.81
C ASN E 71 -37.20 73.78 -20.69
N ASP E 72 -38.06 73.25 -19.83
CA ASP E 72 -37.69 72.22 -18.88
C ASP E 72 -38.54 70.97 -19.13
N ASN E 73 -37.88 69.83 -19.27
CA ASN E 73 -38.56 68.55 -19.45
C ASN E 73 -37.51 67.44 -19.38
N THR E 74 -37.96 66.27 -18.93
CA THR E 74 -37.05 65.14 -18.75
C THR E 74 -36.54 64.58 -20.06
N ALA E 75 -37.16 64.95 -21.19
CA ALA E 75 -36.77 64.33 -22.45
C ALA E 75 -35.33 64.63 -22.81
N TYR E 76 -34.88 65.86 -22.55
CA TYR E 76 -33.51 66.25 -22.91
C TYR E 76 -32.50 65.46 -22.07
N ILE E 77 -32.79 65.30 -20.79
CA ILE E 77 -31.96 64.46 -19.94
C ILE E 77 -31.89 63.05 -20.49
N THR E 78 -33.01 62.53 -20.97
CA THR E 78 -33.02 61.19 -21.55
C THR E 78 -32.13 61.13 -22.77
N TYR E 79 -32.21 62.15 -23.62
CA TYR E 79 -31.33 62.23 -24.78
C TYR E 79 -29.88 62.13 -24.39
N ILE E 80 -29.48 62.94 -23.41
CA ILE E 80 -28.08 62.98 -23.04
C ILE E 80 -27.65 61.67 -22.38
N ALA E 81 -28.55 61.07 -21.60
CA ALA E 81 -28.23 59.80 -20.97
C ALA E 81 -28.01 58.72 -22.01
N ASP E 82 -28.87 58.67 -23.04
CA ASP E 82 -28.67 57.67 -24.08
C ASP E 82 -27.36 57.91 -24.82
N ASN E 83 -27.06 59.18 -25.09
CA ASN E 83 -25.82 59.48 -25.80
C ASN E 83 -24.61 59.01 -25.00
N ILE E 84 -24.58 59.32 -23.71
CA ILE E 84 -23.44 58.90 -22.90
C ILE E 84 -23.43 57.40 -22.70
N ALA E 85 -24.60 56.76 -22.73
CA ALA E 85 -24.63 55.31 -22.66
C ALA E 85 -23.98 54.69 -23.89
N SER E 86 -24.24 55.27 -25.06
CA SER E 86 -23.65 54.76 -26.30
C SER E 86 -22.13 54.88 -26.29
N LEU E 105 -24.44 53.90 -43.38
CA LEU E 105 -23.66 54.18 -42.18
C LEU E 105 -24.40 53.71 -40.94
N PHE E 106 -25.71 53.89 -40.92
CA PHE E 106 -26.57 53.50 -39.80
C PHE E 106 -27.69 52.59 -40.27
N ASN E 107 -27.34 51.59 -41.09
CA ASN E 107 -28.30 50.59 -41.53
C ASN E 107 -28.40 49.52 -40.45
N PHE E 108 -29.56 49.41 -39.82
CA PHE E 108 -29.78 48.48 -38.72
C PHE E 108 -30.40 47.20 -39.27
N ASP E 109 -29.71 46.08 -39.07
CA ASP E 109 -30.20 44.78 -39.48
C ASP E 109 -31.09 44.22 -38.37
N LYS E 110 -32.32 43.87 -38.72
CA LYS E 110 -33.28 43.45 -37.69
C LYS E 110 -32.97 42.07 -37.14
N TYR E 111 -32.13 41.28 -37.80
CA TYR E 111 -31.79 39.93 -37.35
C TYR E 111 -30.41 39.84 -36.72
N THR E 112 -29.82 40.98 -36.35
CA THR E 112 -28.47 40.97 -35.78
C THR E 112 -28.47 40.23 -34.45
N PRO E 113 -27.63 39.21 -34.27
CA PRO E 113 -27.52 38.53 -32.98
C PRO E 113 -26.56 39.22 -32.03
N LEU E 114 -26.83 39.03 -30.74
CA LEU E 114 -25.96 39.60 -29.71
C LEU E 114 -24.66 38.81 -29.65
N TYR E 115 -23.54 39.53 -29.59
CA TYR E 115 -22.22 38.92 -29.48
C TYR E 115 -21.76 38.95 -28.03
N SER E 116 -21.05 37.89 -27.64
CA SER E 116 -20.49 37.83 -26.29
C SER E 116 -19.30 38.77 -26.17
N VAL E 117 -19.26 39.53 -25.07
CA VAL E 117 -18.14 40.43 -24.86
C VAL E 117 -16.87 39.66 -24.54
N PHE E 118 -16.99 38.47 -23.94
CA PHE E 118 -15.82 37.74 -23.45
C PHE E 118 -14.83 37.46 -24.57
N ASN E 119 -15.33 37.05 -25.74
CA ASN E 119 -14.44 36.81 -26.87
C ASN E 119 -13.70 38.07 -27.26
N ILE E 120 -14.38 39.22 -27.20
CA ILE E 120 -13.74 40.49 -27.50
C ILE E 120 -12.70 40.85 -26.44
N VAL E 121 -12.87 40.35 -25.21
CA VAL E 121 -12.01 40.78 -24.10
C VAL E 121 -10.55 40.42 -24.37
N ASN E 122 -10.33 39.16 -24.77
CA ASN E 122 -8.95 38.71 -25.08
C ASN E 122 -8.82 38.40 -26.57
N SER E 123 -9.42 39.23 -27.44
CA SER E 123 -9.26 39.06 -28.90
C SER E 123 -7.95 39.72 -29.36
N GLU E 124 -7.31 40.50 -28.49
CA GLU E 124 -6.07 41.22 -28.86
C GLU E 124 -4.94 40.20 -28.99
N LYS E 125 -4.81 39.29 -28.02
CA LYS E 125 -3.79 38.23 -28.09
C LYS E 125 -4.19 37.25 -29.22
N LEU E 126 -5.33 36.58 -29.08
CA LEU E 126 -5.80 35.62 -30.10
C LEU E 126 -7.24 35.97 -30.51
N LYS E 127 -7.41 36.62 -31.67
CA LYS E 127 -8.78 36.91 -32.17
C LYS E 127 -9.39 35.61 -32.71
N GLN E 128 -10.44 35.09 -32.07
CA GLN E 128 -11.08 33.82 -32.53
C GLN E 128 -12.46 34.14 -33.11
N THR E 129 -13.01 33.25 -33.96
CA THR E 129 -14.33 33.52 -34.60
C THR E 129 -15.30 34.04 -33.53
N ASN E 130 -15.82 35.26 -33.71
CA ASN E 130 -16.70 35.90 -32.68
C ASN E 130 -17.96 35.06 -32.47
N GLY E 131 -18.27 34.73 -31.20
CA GLY E 131 -19.47 33.95 -30.87
C GLY E 131 -20.72 34.80 -30.84
N LYS E 132 -21.87 34.23 -31.21
CA LYS E 132 -23.12 34.98 -31.24
C LYS E 132 -24.22 34.15 -30.59
N PHE E 133 -25.13 34.84 -29.91
CA PHE E 133 -26.16 34.19 -29.10
C PHE E 133 -27.36 33.83 -29.97
N LYS E 134 -28.44 33.39 -29.34
CA LYS E 134 -29.64 32.95 -30.04
C LYS E 134 -30.86 33.75 -29.63
N GLU E 147 -20.78 29.10 -33.35
CA GLU E 147 -21.61 28.89 -34.52
C GLU E 147 -22.25 30.20 -34.97
N ASN E 148 -22.69 30.24 -36.23
CA ASN E 148 -23.28 31.45 -36.81
C ASN E 148 -24.79 31.41 -36.61
N ILE E 149 -25.20 31.81 -35.40
CA ILE E 149 -26.62 31.85 -35.05
C ILE E 149 -27.23 33.16 -35.52
N GLN E 150 -28.45 33.09 -36.03
CA GLN E 150 -29.15 34.26 -36.54
C GLN E 150 -30.54 34.34 -35.92
N TYR E 151 -31.02 35.56 -35.68
CA TYR E 151 -32.30 35.78 -35.04
C TYR E 151 -33.42 35.82 -36.08
N SER E 152 -34.62 35.49 -35.63
CA SER E 152 -35.80 35.44 -36.48
C SER E 152 -36.81 36.48 -36.03
N SER E 153 -37.42 37.17 -36.99
CA SER E 153 -38.39 38.20 -36.65
C SER E 153 -39.62 37.63 -35.97
N GLY E 154 -39.88 36.33 -36.14
CA GLY E 154 -40.96 35.71 -35.39
C GLY E 154 -40.70 35.72 -33.90
N ASN E 155 -39.45 35.50 -33.51
CA ASN E 155 -39.10 35.57 -32.09
C ASN E 155 -39.42 36.96 -31.54
N TYR E 156 -39.14 38.01 -32.31
CA TYR E 156 -39.45 39.36 -31.86
C TYR E 156 -40.96 39.57 -31.75
N THR E 157 -41.72 38.98 -32.66
CA THR E 157 -43.17 39.05 -32.55
C THR E 157 -43.64 38.40 -31.25
N THR E 158 -43.09 37.22 -30.95
CA THR E 158 -43.46 36.52 -29.72
C THR E 158 -43.11 37.35 -28.50
N LEU E 159 -41.92 37.96 -28.51
CA LEU E 159 -41.50 38.79 -27.40
C LEU E 159 -42.42 40.00 -27.24
N MET E 160 -42.86 40.57 -28.35
CA MET E 160 -43.77 41.71 -28.27
C MET E 160 -45.11 41.28 -27.69
N LYS E 161 -45.59 40.10 -28.09
CA LYS E 161 -46.82 39.59 -27.48
C LYS E 161 -46.64 39.39 -25.99
N ASP E 162 -45.49 38.86 -25.58
CA ASP E 162 -45.22 38.66 -24.16
C ASP E 162 -45.20 39.98 -23.40
N MET E 163 -44.57 41.00 -23.96
CA MET E 163 -44.52 42.28 -23.27
C MET E 163 -45.87 42.97 -23.27
N SER E 164 -46.67 42.79 -24.33
CA SER E 164 -48.04 43.26 -24.29
C SER E 164 -48.82 42.59 -23.17
N HIS E 165 -48.62 41.28 -23.02
CA HIS E 165 -49.27 40.54 -21.93
C HIS E 165 -48.87 41.11 -20.57
N ASP E 166 -47.56 41.33 -20.38
CA ASP E 166 -47.09 41.87 -19.10
C ASP E 166 -47.67 43.24 -18.82
N LEU E 167 -47.56 44.15 -19.80
CA LEU E 167 -48.10 45.50 -19.66
C LEU E 167 -49.60 45.49 -19.48
N GLU E 168 -50.28 44.43 -19.91
CA GLU E 168 -51.72 44.32 -19.83
C GLU E 168 -52.20 43.80 -18.49
N HIS E 169 -51.51 42.81 -17.94
CA HIS E 169 -51.97 42.14 -16.73
C HIS E 169 -50.99 42.24 -15.57
N LYS E 170 -49.69 42.08 -15.83
CA LYS E 170 -48.70 42.02 -14.77
C LYS E 170 -48.20 43.40 -14.34
N LEU E 171 -48.32 44.41 -15.19
CA LEU E 171 -47.68 45.69 -14.95
C LEU E 171 -48.72 46.77 -14.68
N SER E 172 -48.33 47.72 -13.83
CA SER E 172 -49.18 48.86 -13.50
C SER E 172 -48.31 49.93 -12.87
N ILE E 173 -48.53 51.18 -13.26
CA ILE E 173 -47.66 52.26 -12.80
C ILE E 173 -48.07 52.73 -11.42
N LYS E 174 -47.19 52.50 -10.44
CA LYS E 174 -47.22 53.16 -9.15
C LYS E 174 -45.79 53.49 -8.77
N GLU E 175 -45.64 54.39 -7.81
CA GLU E 175 -44.30 54.85 -7.42
C GLU E 175 -43.43 53.68 -6.98
N GLY E 176 -44.02 52.71 -6.30
CA GLY E 176 -43.27 51.55 -5.86
C GLY E 176 -43.16 50.42 -6.86
N THR E 177 -43.83 50.54 -8.01
CA THR E 177 -43.80 49.49 -9.01
C THR E 177 -42.60 49.57 -9.95
N PHE E 178 -41.89 50.68 -9.94
CA PHE E 178 -40.73 50.83 -10.80
C PHE E 178 -39.75 49.67 -10.64
N PRO E 179 -39.42 49.21 -9.43
CA PRO E 179 -38.60 47.99 -9.33
C PRO E 179 -39.21 46.80 -10.04
N SER E 180 -40.53 46.64 -9.99
CA SER E 180 -41.15 45.55 -10.73
C SER E 180 -40.97 45.73 -12.22
N LEU E 181 -41.07 46.97 -12.69
CA LEU E 181 -40.80 47.24 -14.09
C LEU E 181 -39.40 46.81 -14.46
N LEU E 182 -38.42 47.17 -13.64
CA LEU E 182 -37.05 46.76 -13.88
C LEU E 182 -36.94 45.24 -13.92
N GLN E 183 -37.64 44.56 -13.01
CA GLN E 183 -37.56 43.12 -12.96
C GLN E 183 -38.09 42.48 -14.25
N TRP E 184 -39.21 42.98 -14.76
CA TRP E 184 -39.75 42.42 -15.99
C TRP E 184 -38.87 42.75 -17.19
N THR E 185 -38.30 43.95 -17.23
CA THR E 185 -37.39 44.27 -18.32
C THR E 185 -36.19 43.34 -18.32
N GLU E 186 -35.63 43.07 -17.14
CA GLU E 186 -34.52 42.12 -17.07
C GLU E 186 -34.98 40.73 -17.48
N SER E 187 -36.18 40.34 -17.06
CA SER E 187 -36.68 39.01 -17.38
C SER E 187 -36.82 38.81 -18.87
N LEU E 188 -37.23 39.85 -19.60
CA LEU E 188 -37.52 39.68 -21.01
C LEU E 188 -36.31 39.96 -21.92
N TRP E 189 -35.68 41.12 -21.78
CA TRP E 189 -34.82 41.64 -22.82
C TRP E 189 -33.36 41.28 -22.66
N GLN E 190 -33.00 40.41 -21.71
CA GLN E 190 -31.61 40.33 -21.28
C GLN E 190 -30.65 39.84 -22.38
N TYR E 191 -31.15 39.47 -23.56
CA TYR E 191 -30.24 39.05 -24.63
C TYR E 191 -30.59 39.59 -26.00
N VAL E 192 -31.62 40.42 -26.13
CA VAL E 192 -31.89 41.10 -27.40
C VAL E 192 -30.86 42.22 -27.57
N PRO E 193 -30.13 42.27 -28.67
CA PRO E 193 -29.11 43.32 -28.84
C PRO E 193 -29.73 44.70 -28.85
N SER E 194 -29.02 45.65 -28.25
CA SER E 194 -29.52 47.03 -28.18
C SER E 194 -29.36 47.72 -29.52
N SER E 195 -28.12 47.88 -29.97
CA SER E 195 -27.84 48.40 -31.30
C SER E 195 -27.70 47.23 -32.26
N THR E 196 -27.99 47.50 -33.53
CA THR E 196 -27.87 46.49 -34.58
C THR E 196 -27.15 47.08 -35.79
N ASN E 197 -26.11 47.85 -35.54
CA ASN E 197 -25.34 48.47 -36.61
C ASN E 197 -24.39 47.45 -37.22
N LYS E 198 -24.46 47.30 -38.55
CA LYS E 198 -23.61 46.34 -39.24
C LYS E 198 -22.14 46.69 -39.12
N ASN E 199 -21.82 47.99 -39.03
CA ASN E 199 -20.45 48.45 -38.99
C ASN E 199 -19.90 48.55 -37.58
N GLN E 200 -20.71 48.29 -36.55
CA GLN E 200 -20.29 48.37 -35.17
C GLN E 200 -20.24 46.97 -34.56
N LEU E 201 -19.26 46.76 -33.67
CA LEU E 201 -19.11 45.49 -32.98
C LEU E 201 -20.17 45.41 -31.90
N ILE E 202 -21.33 44.87 -32.26
CA ILE E 202 -22.48 44.86 -31.38
C ILE E 202 -22.25 43.86 -30.25
N ASP E 203 -22.26 44.36 -29.00
CA ASP E 203 -22.20 43.48 -27.85
C ASP E 203 -23.00 44.00 -26.66
N ILE E 204 -23.99 44.86 -26.89
CA ILE E 204 -24.80 45.42 -25.81
C ILE E 204 -26.22 44.91 -25.97
N SER E 205 -26.73 44.25 -24.95
CA SER E 205 -28.14 43.89 -24.92
C SER E 205 -28.98 45.13 -24.64
N LEU E 206 -30.24 45.09 -25.07
CA LEU E 206 -31.10 46.24 -24.85
C LEU E 206 -31.33 46.47 -23.36
N TYR E 207 -31.29 45.40 -22.56
CA TYR E 207 -31.42 45.56 -21.11
C TYR E 207 -30.30 46.43 -20.56
N ASP E 208 -29.06 46.16 -20.97
CA ASP E 208 -27.93 46.92 -20.46
C ASP E 208 -28.04 48.39 -20.83
N HIS E 209 -28.29 48.65 -22.11
CA HIS E 209 -28.36 50.02 -22.59
C HIS E 209 -29.49 50.78 -21.90
N SER E 210 -30.66 50.14 -21.77
CA SER E 210 -31.76 50.80 -21.08
C SER E 210 -31.45 51.05 -19.61
N ARG E 211 -30.86 50.07 -18.94
CA ARG E 211 -30.63 50.19 -17.52
C ARG E 211 -29.61 51.28 -17.22
N ILE E 212 -28.51 51.30 -17.97
CA ILE E 212 -27.51 52.32 -17.75
C ILE E 212 -28.07 53.68 -18.11
N THR E 213 -28.93 53.75 -19.14
CA THR E 213 -29.57 55.01 -19.47
C THR E 213 -30.39 55.51 -18.29
N CYS E 214 -31.15 54.62 -17.66
CA CYS E 214 -31.97 55.04 -16.52
C CYS E 214 -31.11 55.57 -15.40
N ALA E 215 -30.05 54.84 -15.05
CA ALA E 215 -29.19 55.26 -13.94
C ALA E 215 -28.54 56.61 -14.24
N ILE E 216 -27.96 56.75 -15.42
CA ILE E 216 -27.28 57.98 -15.79
C ILE E 216 -28.25 59.14 -15.80
N ALA E 217 -29.44 58.92 -16.34
CA ALA E 217 -30.43 59.99 -16.39
C ALA E 217 -30.80 60.44 -14.98
N SER E 218 -30.96 59.49 -14.06
CA SER E 218 -31.27 59.86 -12.69
C SER E 218 -30.15 60.71 -12.10
N CYS E 219 -28.90 60.33 -12.34
CA CYS E 219 -27.78 61.12 -11.83
C CYS E 219 -27.79 62.53 -12.42
N ILE E 220 -28.03 62.64 -13.73
CA ILE E 220 -28.14 63.95 -14.36
C ILE E 220 -29.22 64.78 -13.70
N PHE E 221 -30.39 64.18 -13.46
CA PHE E 221 -31.49 64.95 -12.91
C PHE E 221 -31.14 65.48 -11.54
N ASP E 222 -30.58 64.64 -10.69
CA ASP E 222 -30.20 65.11 -9.36
C ASP E 222 -29.16 66.22 -9.45
N TYR E 223 -28.16 66.05 -10.32
CA TYR E 223 -27.11 67.05 -10.40
C TYR E 223 -27.65 68.39 -10.85
N LEU E 224 -28.52 68.39 -11.86
CA LEU E 224 -29.05 69.66 -12.34
C LEU E 224 -30.00 70.28 -11.32
N ASN E 225 -30.86 69.49 -10.70
CA ASN E 225 -31.86 70.06 -9.80
C ASN E 225 -31.20 70.62 -8.55
N GLU E 226 -30.30 69.85 -7.92
CA GLU E 226 -29.64 70.34 -6.72
C GLU E 226 -28.79 71.56 -7.01
N ASN E 227 -28.22 71.64 -8.21
CA ASN E 227 -27.33 72.75 -8.55
C ASN E 227 -28.09 74.01 -8.93
N ASN E 228 -29.43 73.98 -8.86
CA ASN E 228 -30.26 75.15 -9.11
C ASN E 228 -30.17 75.62 -10.56
N ILE E 229 -30.17 74.69 -11.49
CA ILE E 229 -30.37 74.97 -12.91
C ILE E 229 -31.67 74.34 -13.35
N HIS E 230 -32.50 75.11 -14.03
CA HIS E 230 -33.80 74.65 -14.48
C HIS E 230 -34.00 74.72 -15.99
N ASN E 231 -33.27 75.58 -16.68
CA ASN E 231 -33.42 75.75 -18.13
C ASN E 231 -32.52 74.77 -18.90
N TYR E 232 -32.80 73.49 -18.69
CA TYR E 232 -31.86 72.45 -19.12
C TYR E 232 -31.69 72.44 -20.64
N LYS E 233 -32.73 72.84 -21.37
CA LYS E 233 -32.59 73.04 -22.81
C LYS E 233 -31.47 74.02 -23.11
N ASP E 234 -31.52 75.18 -22.47
CA ASP E 234 -30.45 76.16 -22.65
C ASP E 234 -29.16 75.64 -22.05
N GLU E 235 -29.24 74.84 -20.99
CA GLU E 235 -28.04 74.35 -20.32
C GLU E 235 -27.22 73.47 -21.26
N LEU E 236 -27.88 72.59 -21.98
CA LEU E 236 -27.14 71.58 -22.73
C LEU E 236 -27.50 71.49 -24.20
N PHE E 237 -28.77 71.66 -24.56
CA PHE E 237 -29.15 71.47 -25.96
C PHE E 237 -28.69 72.61 -26.84
N SER E 238 -28.40 73.79 -26.27
CA SER E 238 -28.19 75.00 -27.05
C SER E 238 -27.13 74.83 -28.12
N LYS E 239 -25.89 74.58 -27.72
CA LYS E 239 -24.77 74.56 -28.66
C LYS E 239 -23.90 73.33 -28.41
N TYR E 240 -23.28 72.83 -29.48
CA TYR E 240 -22.43 71.65 -29.36
C TYR E 240 -21.20 71.91 -28.50
N GLU E 241 -20.70 73.14 -28.48
CA GLU E 241 -19.57 73.47 -27.60
C GLU E 241 -19.97 73.29 -26.14
N ASN E 242 -21.17 73.74 -25.77
CA ASN E 242 -21.67 73.46 -24.44
C ASN E 242 -21.94 71.97 -24.24
N THR E 243 -22.33 71.27 -25.31
CA THR E 243 -22.57 69.84 -25.21
C THR E 243 -21.32 69.10 -24.77
N LYS E 244 -20.18 69.42 -25.40
CA LYS E 244 -18.92 68.86 -24.94
C LYS E 244 -18.53 69.44 -23.57
N SER E 245 -18.96 70.67 -23.28
CA SER E 245 -18.63 71.27 -22.00
C SER E 245 -19.31 70.54 -20.86
N PHE E 246 -20.62 70.31 -20.96
CA PHE E 246 -21.31 69.57 -19.92
C PHE E 246 -20.81 68.14 -19.85
N TYR E 247 -20.50 67.55 -21.01
CA TYR E 247 -19.85 66.24 -21.00
C TYR E 247 -18.56 66.27 -20.21
N GLN E 248 -17.90 67.43 -20.16
CA GLN E 248 -16.64 67.55 -19.46
C GLN E 248 -16.80 67.88 -17.99
N LYS E 249 -17.91 68.48 -17.59
CA LYS E 249 -18.08 68.88 -16.20
C LYS E 249 -18.20 67.66 -15.30
N GLU E 250 -17.65 67.77 -14.10
CA GLU E 250 -17.67 66.67 -13.14
C GLU E 250 -19.06 66.50 -12.59
N ALA E 251 -19.87 65.66 -13.21
CA ALA E 251 -21.26 65.52 -12.83
C ALA E 251 -21.57 64.25 -12.06
N PHE E 252 -20.70 63.25 -12.09
CA PHE E 252 -20.97 61.94 -11.52
C PHE E 252 -20.01 61.63 -10.40
N LEU E 253 -20.43 60.72 -9.53
CA LEU E 253 -19.60 60.22 -8.45
C LEU E 253 -19.65 58.71 -8.45
N LEU E 254 -18.48 58.07 -8.43
CA LEU E 254 -18.37 56.62 -8.52
C LEU E 254 -18.00 56.09 -7.14
N LEU E 255 -18.94 55.39 -6.52
CA LEU E 255 -18.82 54.94 -5.14
C LEU E 255 -18.58 53.44 -5.10
N SER E 256 -17.63 53.03 -4.27
CA SER E 256 -17.23 51.62 -4.18
C SER E 256 -17.21 51.19 -2.72
N MET E 257 -17.67 49.96 -2.47
CA MET E 257 -17.75 49.41 -1.13
C MET E 257 -17.01 48.10 -1.07
N ASP E 258 -16.30 47.86 0.03
CA ASP E 258 -15.54 46.63 0.21
C ASP E 258 -15.83 46.06 1.58
N MET E 259 -16.12 44.76 1.62
CA MET E 259 -16.34 44.05 2.87
C MET E 259 -15.00 43.54 3.37
N SER E 260 -14.73 43.74 4.65
CA SER E 260 -13.38 43.51 5.16
C SER E 260 -13.08 42.03 5.30
N GLY E 261 -13.76 41.35 6.22
CA GLY E 261 -13.30 40.07 6.70
C GLY E 261 -14.13 38.85 6.33
N ILE E 262 -14.44 38.71 5.05
CA ILE E 262 -15.31 37.55 4.72
C ILE E 262 -14.51 36.27 4.87
N GLN E 263 -13.30 36.18 4.30
CA GLN E 263 -12.58 34.91 4.25
C GLN E 263 -12.25 34.38 5.64
N ASP E 264 -12.24 35.23 6.65
CA ASP E 264 -12.03 34.75 8.01
C ASP E 264 -13.34 34.36 8.66
N PHE E 265 -14.32 35.26 8.71
CA PHE E 265 -15.57 34.99 9.42
C PHE E 265 -16.33 33.82 8.83
N ILE E 266 -16.17 33.55 7.53
CA ILE E 266 -16.86 32.41 6.95
C ILE E 266 -16.19 31.11 7.32
N TYR E 267 -14.93 31.16 7.78
CA TYR E 267 -14.16 29.95 7.99
C TYR E 267 -13.71 29.80 9.43
N ASN E 268 -14.64 29.99 10.35
CA ASN E 268 -14.48 29.64 11.77
C ASN E 268 -15.50 28.59 12.17
N ILE E 269 -15.71 27.60 11.31
CA ILE E 269 -16.76 26.60 11.49
C ILE E 269 -16.11 25.25 11.74
N SER E 270 -16.49 24.61 12.84
CA SER E 270 -15.94 23.31 13.21
C SER E 270 -16.99 22.31 13.66
N GLY E 271 -18.27 22.69 13.75
CA GLY E 271 -19.28 21.83 14.31
C GLY E 271 -19.76 20.73 13.39
N SER E 272 -20.63 19.88 13.94
CA SER E 272 -21.19 18.77 13.18
C SER E 272 -22.19 19.25 12.12
N LYS E 273 -22.88 20.36 12.39
CA LYS E 273 -23.81 20.95 11.43
C LYS E 273 -23.13 21.89 10.46
N ALA E 274 -21.82 21.73 10.27
CA ALA E 274 -21.01 22.73 9.58
C ALA E 274 -21.59 23.06 8.21
N LEU E 275 -21.97 22.05 7.44
CA LEU E 275 -22.41 22.30 6.07
C LEU E 275 -23.65 23.18 6.05
N LYS E 276 -24.57 22.96 6.99
CA LYS E 276 -25.78 23.77 7.05
C LYS E 276 -25.44 25.23 7.30
N SER E 277 -24.48 25.50 8.19
CA SER E 277 -24.09 26.87 8.47
C SER E 277 -23.41 27.51 7.26
N LEU E 278 -22.50 26.79 6.60
CA LEU E 278 -21.76 27.37 5.50
C LEU E 278 -22.70 27.89 4.41
N ARG E 279 -23.67 27.07 4.02
CA ARG E 279 -24.70 27.56 3.11
C ARG E 279 -25.44 28.75 3.72
N SER E 280 -25.64 28.72 5.04
CA SER E 280 -26.30 29.84 5.70
C SER E 280 -25.36 31.02 5.89
N ARG E 281 -24.06 30.77 6.02
CA ARG E 281 -23.13 31.86 6.28
C ARG E 281 -22.81 32.65 5.02
N SER E 282 -22.53 31.96 3.93
CA SER E 282 -22.33 32.66 2.67
C SER E 282 -23.58 33.44 2.30
N PHE E 283 -24.75 32.81 2.48
CA PHE E 283 -25.99 33.52 2.22
C PHE E 283 -26.18 34.67 3.17
N TYR E 284 -25.68 34.55 4.39
CA TYR E 284 -25.85 35.63 5.36
C TYR E 284 -25.03 36.84 4.94
N LEU E 285 -23.78 36.62 4.55
CA LEU E 285 -22.97 37.74 4.09
C LEU E 285 -23.53 38.33 2.80
N GLU E 286 -23.97 37.47 1.88
CA GLU E 286 -24.57 37.96 0.65
C GLU E 286 -25.78 38.83 0.93
N LEU E 287 -26.67 38.37 1.81
CA LEU E 287 -27.86 39.14 2.12
C LEU E 287 -27.51 40.41 2.87
N MET E 288 -26.48 40.38 3.71
CA MET E 288 -25.99 41.60 4.33
C MET E 288 -25.65 42.63 3.26
N LEU E 289 -24.85 42.22 2.28
CA LEU E 289 -24.44 43.15 1.24
C LEU E 289 -25.65 43.65 0.47
N GLU E 290 -26.59 42.75 0.15
CA GLU E 290 -27.75 43.15 -0.63
C GLU E 290 -28.62 44.13 0.12
N VAL E 291 -28.90 43.84 1.39
CA VAL E 291 -29.79 44.72 2.14
C VAL E 291 -29.11 46.05 2.39
N ILE E 292 -27.80 46.05 2.63
CA ILE E 292 -27.12 47.32 2.87
C ILE E 292 -27.09 48.17 1.61
N VAL E 293 -26.86 47.54 0.45
CA VAL E 293 -26.85 48.35 -0.77
C VAL E 293 -28.25 48.88 -1.06
N ASP E 294 -29.27 48.05 -0.90
CA ASP E 294 -30.63 48.52 -1.13
C ASP E 294 -30.98 49.66 -0.19
N GLN E 295 -30.56 49.55 1.06
CA GLN E 295 -30.89 50.58 2.03
C GLN E 295 -30.19 51.88 1.65
N LEU E 296 -28.94 51.79 1.19
CA LEU E 296 -28.24 52.95 0.66
C LEU E 296 -29.02 53.61 -0.45
N LEU E 297 -29.41 52.82 -1.46
CA LEU E 297 -30.16 53.37 -2.58
C LEU E 297 -31.46 54.01 -2.13
N GLU E 298 -32.07 53.49 -1.06
CA GLU E 298 -33.22 54.18 -0.49
C GLU E 298 -32.82 55.55 0.05
N ARG E 299 -31.71 55.62 0.79
CA ARG E 299 -31.24 56.94 1.22
C ARG E 299 -31.07 57.88 0.04
N LEU E 300 -30.53 57.40 -1.03
CA LEU E 300 -30.32 58.34 -2.12
C LEU E 300 -31.58 58.67 -2.87
N GLU E 301 -32.76 58.22 -2.44
CA GLU E 301 -34.01 58.46 -3.16
C GLU E 301 -33.92 58.00 -4.61
N LEU E 302 -33.07 57.02 -4.86
CA LEU E 302 -32.58 56.71 -6.20
C LEU E 302 -33.06 55.32 -6.61
N ALA E 303 -32.73 54.94 -7.84
CA ALA E 303 -33.24 53.72 -8.45
C ALA E 303 -32.30 52.54 -8.25
N ARG E 304 -32.82 51.33 -8.46
CA ARG E 304 -32.00 50.14 -8.34
C ARG E 304 -31.05 49.98 -9.51
N ALA E 305 -31.37 50.58 -10.65
CA ALA E 305 -30.52 50.45 -11.83
C ALA E 305 -29.13 51.02 -11.60
N ASN E 306 -28.97 51.84 -10.57
CA ASN E 306 -27.70 52.50 -10.30
C ASN E 306 -26.64 51.56 -9.74
N LEU E 307 -26.98 50.34 -9.39
CA LEU E 307 -25.99 49.39 -8.88
C LEU E 307 -25.31 48.72 -10.07
N LEU E 308 -24.06 49.09 -10.35
CA LEU E 308 -23.38 48.52 -11.50
C LEU E 308 -22.96 47.08 -11.26
N TYR E 309 -22.35 46.82 -10.08
CA TYR E 309 -21.85 45.46 -9.82
C TYR E 309 -21.90 45.09 -8.34
N THR E 310 -22.31 43.86 -8.04
CA THR E 310 -22.22 43.31 -6.70
C THR E 310 -21.63 41.92 -6.79
N GLY E 311 -21.05 41.46 -5.71
CA GLY E 311 -20.47 40.14 -5.69
C GLY E 311 -19.25 40.09 -4.79
N GLY E 312 -19.06 38.94 -4.15
CA GLY E 312 -18.01 38.83 -3.16
C GLY E 312 -18.26 39.83 -2.05
N GLY E 313 -17.21 40.58 -1.70
CA GLY E 313 -17.35 41.66 -0.77
C GLY E 313 -17.36 43.04 -1.40
N HIS E 314 -17.55 43.13 -2.71
CA HIS E 314 -17.48 44.40 -3.42
C HIS E 314 -18.87 44.90 -3.77
N ALA E 315 -18.92 46.17 -4.14
CA ALA E 315 -20.10 46.78 -4.72
C ALA E 315 -19.66 48.05 -5.42
N TYR E 316 -20.32 48.35 -6.53
CA TYR E 316 -20.00 49.53 -7.32
C TYR E 316 -21.27 50.28 -7.63
N LEU E 317 -21.26 51.59 -7.42
CA LEU E 317 -22.41 52.43 -7.68
C LEU E 317 -22.00 53.65 -8.47
N LEU E 318 -22.93 54.18 -9.25
CA LEU E 318 -22.77 55.44 -9.96
C LEU E 318 -23.87 56.35 -9.47
N VAL E 319 -23.54 57.24 -8.55
CA VAL E 319 -24.53 58.11 -7.92
C VAL E 319 -24.25 59.54 -8.32
N SER E 320 -25.17 60.41 -7.95
CA SER E 320 -25.05 61.82 -8.30
C SER E 320 -23.90 62.47 -7.56
N ASN E 321 -23.23 63.41 -8.22
CA ASN E 321 -22.11 64.14 -7.64
C ASN E 321 -22.67 65.45 -7.11
N THR E 322 -23.23 65.37 -5.91
CA THR E 322 -23.83 66.51 -5.24
C THR E 322 -23.33 66.56 -3.81
N ASP E 323 -23.17 67.77 -3.28
CA ASP E 323 -22.80 67.90 -1.88
C ASP E 323 -23.80 67.20 -0.98
N LYS E 324 -25.09 67.26 -1.34
CA LYS E 324 -26.10 66.52 -0.60
C LYS E 324 -25.82 65.02 -0.62
N VAL E 325 -25.50 64.49 -1.80
CA VAL E 325 -25.17 63.07 -1.91
C VAL E 325 -24.00 62.75 -1.03
N LYS E 326 -22.97 63.60 -1.06
CA LYS E 326 -21.77 63.31 -0.29
C LYS E 326 -22.05 63.33 1.20
N LYS E 327 -22.85 64.30 1.68
CA LYS E 327 -23.12 64.34 3.10
C LYS E 327 -23.92 63.12 3.52
N LYS E 328 -24.89 62.71 2.70
CA LYS E 328 -25.64 61.51 3.04
C LYS E 328 -24.75 60.28 3.08
N ILE E 329 -23.84 60.16 2.11
CA ILE E 329 -22.94 59.00 2.10
C ILE E 329 -22.09 58.98 3.34
N THR E 330 -21.54 60.13 3.72
CA THR E 330 -20.68 60.17 4.90
C THR E 330 -21.47 59.82 6.16
N GLN E 331 -22.67 60.36 6.29
CA GLN E 331 -23.47 60.09 7.49
C GLN E 331 -23.85 58.62 7.57
N PHE E 332 -24.26 58.04 6.46
CA PHE E 332 -24.64 56.63 6.47
C PHE E 332 -23.44 55.75 6.71
N ASN E 333 -22.27 56.14 6.20
CA ASN E 333 -21.04 55.43 6.53
C ASN E 333 -20.80 55.45 8.03
N ASN E 334 -21.01 56.59 8.66
CA ASN E 334 -20.77 56.69 10.10
C ASN E 334 -21.69 55.76 10.87
N GLU E 335 -22.99 55.77 10.54
CA GLU E 335 -23.92 54.91 11.25
C GLU E 335 -23.61 53.44 11.00
N LEU E 336 -23.25 53.12 9.77
CA LEU E 336 -22.90 51.77 9.37
C LEU E 336 -21.71 51.25 10.15
N LYS E 337 -20.66 52.07 10.24
CA LYS E 337 -19.47 51.68 10.97
C LYS E 337 -19.80 51.49 12.43
N LYS E 338 -20.64 52.36 12.97
CA LYS E 338 -21.11 52.16 14.35
C LYS E 338 -21.73 50.79 14.51
N TRP E 339 -22.60 50.41 13.58
CA TRP E 339 -23.37 49.19 13.83
C TRP E 339 -22.45 47.97 13.79
N PHE E 340 -21.62 47.88 12.75
CA PHE E 340 -20.68 46.75 12.67
C PHE E 340 -19.74 46.72 13.86
N MET E 341 -19.28 47.88 14.33
CA MET E 341 -18.45 47.84 15.53
C MET E 341 -19.25 47.29 16.69
N SER E 342 -20.56 47.56 16.72
CA SER E 342 -21.37 47.07 17.81
C SER E 342 -21.56 45.55 17.76
N GLU E 343 -21.61 44.97 16.57
CA GLU E 343 -21.95 43.54 16.49
C GLU E 343 -20.76 42.60 16.33
N PHE E 344 -19.73 42.97 15.62
CA PHE E 344 -18.65 42.01 15.48
C PHE E 344 -17.30 42.59 15.87
N THR E 345 -17.07 43.86 15.55
CA THR E 345 -16.00 44.69 16.09
C THR E 345 -14.61 44.36 15.53
N THR E 346 -14.43 43.19 14.96
CA THR E 346 -13.22 42.98 14.15
C THR E 346 -13.51 42.07 12.97
N ASP E 347 -14.49 41.18 13.12
CA ASP E 347 -14.65 40.11 12.15
C ASP E 347 -15.19 40.64 10.83
N LEU E 348 -16.04 41.64 10.86
CA LEU E 348 -16.64 42.21 9.67
C LEU E 348 -16.55 43.72 9.75
N SER E 349 -16.06 44.34 8.68
CA SER E 349 -16.05 45.78 8.56
C SER E 349 -16.33 46.14 7.11
N LEU E 350 -16.82 47.36 6.89
CA LEU E 350 -17.09 47.82 5.53
C LEU E 350 -16.34 49.11 5.30
N SER E 351 -16.00 49.37 4.05
CA SER E 351 -15.29 50.58 3.67
C SER E 351 -16.05 51.33 2.60
N MET E 352 -15.97 52.65 2.64
CA MET E 352 -16.59 53.52 1.66
C MET E 352 -15.51 54.30 0.95
N ALA E 353 -15.71 54.56 -0.34
CA ALA E 353 -14.78 55.40 -1.07
C ALA E 353 -15.44 55.86 -2.36
N PHE E 354 -15.12 57.09 -2.77
CA PHE E 354 -15.64 57.60 -4.01
C PHE E 354 -14.68 58.62 -4.59
N GLU E 355 -14.72 58.77 -5.91
CA GLU E 355 -13.83 59.69 -6.59
C GLU E 355 -14.58 60.31 -7.77
N LYS E 356 -14.38 61.61 -7.97
CA LYS E 356 -15.16 62.33 -8.95
C LYS E 356 -14.93 61.80 -10.35
N CYS E 357 -16.00 61.78 -11.16
CA CYS E 357 -15.88 61.44 -12.56
C CYS E 357 -16.86 62.29 -13.35
N SER E 358 -16.55 62.49 -14.62
CA SER E 358 -17.36 63.33 -15.49
C SER E 358 -17.89 62.49 -16.65
N GLY E 359 -18.83 63.08 -17.40
CA GLY E 359 -19.38 62.39 -18.55
C GLY E 359 -18.32 62.06 -19.58
N ASP E 360 -17.39 62.98 -19.82
CA ASP E 360 -16.32 62.73 -20.77
C ASP E 360 -15.54 61.49 -20.37
N ASP E 361 -15.45 61.21 -19.07
CA ASP E 361 -14.73 60.03 -18.61
C ASP E 361 -15.46 58.75 -19.00
N LEU E 362 -16.77 58.72 -18.79
CA LEU E 362 -17.50 57.48 -19.03
C LEU E 362 -17.54 57.13 -20.51
N MET E 363 -17.55 58.13 -21.39
CA MET E 363 -17.71 57.85 -22.81
C MET E 363 -16.46 57.30 -23.45
N ASN E 364 -15.46 56.90 -22.66
CA ASN E 364 -14.27 56.24 -23.18
C ASN E 364 -13.54 57.12 -24.20
N THR E 365 -13.08 58.28 -23.72
CA THR E 365 -12.39 59.21 -24.60
C THR E 365 -10.96 58.76 -24.85
N SER E 366 -10.17 58.65 -23.79
CA SER E 366 -8.75 58.31 -23.93
C SER E 366 -8.35 57.27 -22.89
N GLY E 367 -9.23 56.30 -22.64
CA GLY E 367 -8.93 55.28 -21.66
C GLY E 367 -8.92 55.77 -20.23
N ASN E 368 -9.32 57.02 -20.00
CA ASN E 368 -9.36 57.55 -18.64
C ASN E 368 -10.37 56.81 -17.78
N TYR E 369 -11.28 56.05 -18.41
CA TYR E 369 -12.16 55.17 -17.65
C TYR E 369 -11.35 54.25 -16.75
N ARG E 370 -10.32 53.63 -17.32
CA ARG E 370 -9.44 52.76 -16.55
C ARG E 370 -8.68 53.53 -15.48
N THR E 371 -8.30 54.77 -15.78
CA THR E 371 -7.62 55.59 -14.78
C THR E 371 -8.50 55.83 -13.56
N ILE E 372 -9.75 56.23 -13.79
CA ILE E 372 -10.64 56.48 -12.67
C ILE E 372 -10.99 55.19 -11.95
N TRP E 373 -11.13 54.10 -12.69
CA TRP E 373 -11.41 52.82 -12.05
C TRP E 373 -10.29 52.47 -11.08
N ARG E 374 -9.04 52.63 -11.53
CA ARG E 374 -7.91 52.36 -10.65
C ARG E 374 -7.85 53.35 -9.49
N ASN E 375 -8.19 54.62 -9.73
CA ASN E 375 -8.16 55.60 -8.66
C ASN E 375 -9.14 55.24 -7.56
N VAL E 376 -10.36 54.85 -7.94
CA VAL E 376 -11.35 54.51 -6.92
C VAL E 376 -10.94 53.23 -6.20
N SER E 377 -10.37 52.28 -6.94
CA SER E 377 -9.87 51.07 -6.28
C SER E 377 -8.77 51.41 -5.28
N SER E 378 -7.87 52.31 -5.66
CA SER E 378 -6.76 52.68 -4.79
C SER E 378 -7.24 53.41 -3.54
N LYS E 379 -8.20 54.31 -3.70
CA LYS E 379 -8.71 55.03 -2.54
C LYS E 379 -9.46 54.09 -1.61
N LEU E 380 -10.24 53.16 -2.16
CA LEU E 380 -10.89 52.14 -1.34
C LEU E 380 -9.87 51.30 -0.61
N SER E 381 -8.77 50.96 -1.29
CA SER E 381 -7.79 50.06 -0.70
C SER E 381 -6.84 50.77 0.25
N ASP E 382 -6.75 52.09 0.24
CA ASP E 382 -5.91 52.73 1.25
C ASP E 382 -6.71 53.38 2.35
N ILE E 383 -8.04 53.53 2.20
CA ILE E 383 -8.82 53.98 3.35
C ILE E 383 -9.01 52.86 4.34
N LYS E 384 -8.84 51.62 3.90
CA LYS E 384 -8.95 50.46 4.83
C LYS E 384 -7.80 50.54 5.84
N ALA E 385 -6.69 51.17 5.50
CA ALA E 385 -5.61 51.31 6.46
C ALA E 385 -6.09 52.03 7.72
N HIS E 386 -6.79 53.13 7.55
CA HIS E 386 -7.32 53.90 8.67
C HIS E 386 -8.80 53.58 8.80
N LYS E 387 -9.14 52.69 9.72
CA LYS E 387 -10.54 52.32 9.91
C LYS E 387 -11.12 52.85 11.20
N TYR E 388 -10.32 53.23 12.18
CA TYR E 388 -10.84 53.56 13.49
C TYR E 388 -10.28 54.90 13.94
N SER E 389 -11.18 55.81 14.32
CA SER E 389 -10.76 57.07 14.88
C SER E 389 -10.22 56.85 16.28
N ALA E 390 -9.73 57.92 16.89
CA ALA E 390 -9.19 57.82 18.25
C ALA E 390 -10.25 57.35 19.23
N GLU E 391 -11.33 58.13 19.37
CA GLU E 391 -12.30 57.87 20.41
C GLU E 391 -12.87 56.47 20.31
N ASP E 392 -13.03 55.95 19.08
CA ASP E 392 -13.50 54.59 18.92
C ASP E 392 -12.50 53.60 19.52
N ILE E 393 -11.22 53.77 19.20
CA ILE E 393 -10.23 52.81 19.67
C ILE E 393 -10.10 52.86 21.18
N LEU E 394 -10.25 54.03 21.78
CA LEU E 394 -10.32 54.09 23.24
C LEU E 394 -11.57 53.39 23.75
N LYS E 395 -12.68 53.57 23.04
CA LYS E 395 -13.94 53.04 23.52
C LYS E 395 -13.90 51.52 23.56
N LEU E 396 -13.22 50.91 22.59
CA LEU E 396 -13.12 49.45 22.55
C LEU E 396 -12.36 48.93 23.76
N ASN E 397 -11.25 49.56 24.11
CA ASN E 397 -10.31 48.95 25.05
C ASN E 397 -10.77 49.01 26.50
N HIS E 398 -11.83 49.75 26.82
CA HIS E 398 -12.22 49.85 28.22
C HIS E 398 -13.68 49.41 28.37
N PHE E 399 -13.88 48.09 28.37
CA PHE E 399 -15.15 47.42 28.67
C PHE E 399 -14.83 46.24 29.58
N HIS E 400 -14.93 46.45 30.89
CA HIS E 400 -14.96 45.33 31.82
C HIS E 400 -16.42 44.87 31.89
N SER E 401 -16.84 44.20 30.82
CA SER E 401 -18.22 43.82 30.61
C SER E 401 -18.39 42.33 30.86
N TYR E 402 -19.40 41.98 31.66
CA TYR E 402 -19.62 40.59 32.05
C TYR E 402 -20.19 39.82 30.87
N GLY E 403 -19.40 38.91 30.31
CA GLY E 403 -19.81 38.17 29.14
C GLY E 403 -19.40 36.72 29.24
N ASP E 404 -20.07 35.89 28.45
CA ASP E 404 -19.80 34.46 28.41
C ASP E 404 -18.76 34.18 27.33
N ARG E 405 -18.62 32.92 26.94
CA ARG E 405 -17.44 32.50 26.20
C ARG E 405 -17.81 32.06 24.78
N GLU E 406 -16.82 31.54 24.08
CA GLU E 406 -16.83 31.48 22.63
C GLU E 406 -18.00 30.63 22.12
N CYS E 407 -18.64 31.07 21.05
CA CYS E 407 -19.62 30.23 20.37
C CYS E 407 -18.92 29.04 19.72
N LYS E 408 -19.51 27.85 19.92
CA LYS E 408 -18.90 26.61 19.39
C LYS E 408 -18.89 26.65 17.86
N GLU E 409 -20.06 26.87 17.24
CA GLU E 409 -20.14 26.94 15.78
C GLU E 409 -19.34 28.13 15.25
N CYS E 410 -19.36 29.24 15.98
CA CYS E 410 -18.77 30.49 15.52
C CYS E 410 -17.65 30.89 16.47
N LEU E 411 -16.42 30.87 15.98
CA LEU E 411 -15.27 31.20 16.83
C LEU E 411 -15.27 32.69 17.12
N ARG E 412 -15.76 33.08 18.30
CA ARG E 412 -15.69 34.50 18.71
C ARG E 412 -15.67 34.62 20.23
N SER E 413 -14.62 35.21 20.79
CA SER E 413 -14.53 35.45 22.22
C SER E 413 -15.56 36.47 22.68
N ASP E 414 -15.68 37.58 21.96
CA ASP E 414 -16.56 38.67 22.36
C ASP E 414 -18.01 38.19 22.45
N ILE E 415 -18.40 37.25 21.59
CA ILE E 415 -19.79 36.81 21.60
C ILE E 415 -20.08 36.02 22.87
N ASP E 416 -21.36 35.99 23.23
CA ASP E 416 -21.84 35.34 24.46
C ASP E 416 -22.73 34.18 24.07
N ILE E 417 -22.42 32.99 24.56
CA ILE E 417 -23.21 31.80 24.24
C ILE E 417 -24.49 31.74 25.07
N ASN E 418 -25.38 30.86 24.66
CA ASN E 418 -26.66 30.63 25.31
C ASN E 418 -26.89 29.12 25.27
N ASP E 419 -28.15 28.72 25.41
CA ASP E 419 -28.57 27.32 25.41
C ASP E 419 -27.72 26.44 24.50
N ASP E 420 -27.27 25.31 25.04
CA ASP E 420 -26.43 24.35 24.33
C ASP E 420 -25.10 24.94 23.87
N GLY E 421 -24.65 26.03 24.50
CA GLY E 421 -23.40 26.65 24.11
C GLY E 421 -23.41 27.28 22.73
N LEU E 422 -24.53 27.89 22.35
CA LEU E 422 -24.65 28.61 21.09
C LEU E 422 -25.10 30.03 21.37
N CYS E 423 -24.54 30.98 20.65
CA CYS E 423 -25.01 32.35 20.75
C CYS E 423 -26.20 32.57 19.85
N SER E 424 -26.79 33.77 19.95
CA SER E 424 -28.00 34.06 19.20
C SER E 424 -27.76 34.01 17.70
N ILE E 425 -26.66 34.62 17.23
CA ILE E 425 -26.43 34.78 15.81
C ILE E 425 -26.35 33.42 15.13
N CYS E 426 -25.57 32.51 15.72
CA CYS E 426 -25.39 31.22 15.06
C CYS E 426 -26.63 30.35 15.18
N GLU E 427 -27.41 30.49 16.25
CA GLU E 427 -28.66 29.76 16.31
C GLU E 427 -29.63 30.22 15.24
N GLY E 428 -29.73 31.54 15.04
CA GLY E 428 -30.54 32.04 13.94
C GLY E 428 -30.00 31.58 12.59
N ILE E 429 -28.68 31.48 12.48
CA ILE E 429 -28.07 30.93 11.27
C ILE E 429 -28.55 29.50 11.06
N ILE E 430 -28.58 28.70 12.12
CA ILE E 430 -29.05 27.32 12.02
C ILE E 430 -30.50 27.28 11.57
N ASN E 431 -31.34 28.14 12.15
CA ASN E 431 -32.75 28.15 11.81
C ASN E 431 -32.97 28.51 10.34
N ILE E 432 -32.33 29.58 9.89
CA ILE E 432 -32.51 30.00 8.51
C ILE E 432 -31.89 28.99 7.56
N SER E 433 -30.83 28.28 7.99
CA SER E 433 -30.30 27.20 7.17
C SER E 433 -31.31 26.08 7.04
N ASN E 434 -31.97 25.73 8.15
CA ASN E 434 -33.04 24.73 8.09
C ASN E 434 -34.11 25.14 7.10
N ASP E 435 -34.47 26.41 7.10
CA ASP E 435 -35.49 26.92 6.20
C ASP E 435 -35.02 27.10 4.76
N LEU E 436 -33.70 27.09 4.53
CA LEU E 436 -33.18 27.42 3.20
C LEU E 436 -33.67 26.45 2.14
N ARG E 437 -33.61 25.16 2.42
CA ARG E 437 -33.83 24.19 1.35
C ARG E 437 -35.28 24.13 0.91
N ASP E 438 -36.22 24.34 1.84
CA ASP E 438 -37.63 24.20 1.51
C ASP E 438 -38.24 25.48 0.97
N LYS E 439 -38.06 26.60 1.67
CA LYS E 439 -38.68 27.86 1.30
C LYS E 439 -37.74 28.68 0.43
N SER E 440 -38.34 29.42 -0.50
CA SER E 440 -37.59 30.12 -1.54
C SER E 440 -37.50 31.63 -1.35
N PHE E 441 -38.37 32.23 -0.54
CA PHE E 441 -38.43 33.68 -0.43
C PHE E 441 -37.98 34.12 0.96
N PHE E 442 -37.21 35.21 1.00
CA PHE E 442 -36.72 35.82 2.23
C PHE E 442 -37.22 37.24 2.32
N VAL E 443 -37.72 37.62 3.48
CA VAL E 443 -38.37 38.91 3.65
C VAL E 443 -37.53 39.78 4.56
N LEU E 444 -37.63 41.08 4.35
CA LEU E 444 -36.97 42.08 5.18
C LEU E 444 -38.03 42.67 6.09
N SER E 445 -38.07 42.20 7.33
CA SER E 445 -39.13 42.58 8.27
C SER E 445 -38.53 43.05 9.58
N GLU E 446 -39.32 43.81 10.32
CA GLU E 446 -38.83 44.50 11.51
C GLU E 446 -38.86 43.63 12.76
N THR E 447 -39.37 42.41 12.69
CA THR E 447 -39.32 41.49 13.81
C THR E 447 -38.43 40.29 13.53
N GLY E 448 -38.76 39.51 12.50
CA GLY E 448 -37.87 38.53 11.88
C GLY E 448 -37.08 37.61 12.78
N LYS E 449 -35.97 37.10 12.26
CA LYS E 449 -35.14 36.13 12.97
C LYS E 449 -33.69 36.58 13.14
N LEU E 450 -33.03 37.01 12.07
CA LEU E 450 -31.59 37.23 12.07
C LEU E 450 -31.30 38.72 12.11
N LYS E 451 -30.38 39.12 12.99
CA LYS E 451 -30.08 40.54 13.13
C LYS E 451 -29.33 41.06 11.91
N MET E 452 -29.76 42.22 11.44
CA MET E 452 -29.39 42.76 10.14
C MET E 452 -29.16 44.26 10.33
N PRO E 453 -28.39 44.91 9.41
CA PRO E 453 -27.89 46.25 9.70
C PRO E 453 -28.88 47.25 10.28
N PHE E 454 -29.89 47.64 9.51
CA PHE E 454 -30.61 48.88 9.80
C PHE E 454 -31.84 48.59 10.67
N ASN E 455 -31.56 47.95 11.80
CA ASN E 455 -32.57 47.58 12.79
C ASN E 455 -33.66 46.71 12.16
N LYS E 456 -33.24 45.77 11.32
CA LYS E 456 -34.15 44.96 10.53
C LYS E 456 -33.87 43.49 10.84
N PHE E 457 -34.76 42.62 10.38
CA PHE E 457 -34.55 41.19 10.54
C PHE E 457 -35.05 40.46 9.30
N ILE E 458 -34.42 39.32 9.01
CA ILE E 458 -34.75 38.51 7.85
C ILE E 458 -35.42 37.24 8.32
N SER E 459 -36.53 36.90 7.69
CA SER E 459 -37.20 35.62 7.88
C SER E 459 -37.56 35.05 6.52
N VAL E 460 -38.14 33.85 6.50
CA VAL E 460 -38.43 33.15 5.26
C VAL E 460 -39.93 33.13 5.04
N ILE E 461 -40.32 33.19 3.76
CA ILE E 461 -41.71 33.21 3.35
C ILE E 461 -41.88 32.40 2.08
N ASP E 462 -43.15 32.06 1.78
CA ASP E 462 -43.57 31.45 0.53
C ASP E 462 -44.36 32.46 -0.29
N TYR E 463 -44.58 32.14 -1.56
CA TYR E 463 -45.18 33.09 -2.47
C TYR E 463 -46.57 33.51 -2.00
N GLU E 464 -47.30 32.62 -1.32
CA GLU E 464 -48.67 32.95 -0.95
C GLU E 464 -48.72 33.91 0.24
N GLU E 465 -47.97 33.62 1.30
CA GLU E 465 -47.96 34.59 2.39
C GLU E 465 -47.18 35.84 2.02
N ALA E 466 -46.22 35.72 1.09
CA ALA E 466 -45.61 36.91 0.53
C ALA E 466 -46.65 37.76 -0.19
N GLU E 467 -47.55 37.11 -0.91
CA GLU E 467 -48.64 37.81 -1.59
C GLU E 467 -49.51 38.54 -0.57
N MET E 468 -49.88 37.84 0.51
CA MET E 468 -50.68 38.50 1.54
C MET E 468 -49.93 39.69 2.14
N LEU E 469 -48.62 39.54 2.37
CA LEU E 469 -47.83 40.68 2.82
C LEU E 469 -47.91 41.83 1.84
N VAL E 470 -47.94 41.53 0.54
CA VAL E 470 -48.08 42.56 -0.47
C VAL E 470 -49.42 43.28 -0.31
N GLN E 471 -50.50 42.51 -0.24
CA GLN E 471 -51.80 43.14 0.02
C GLN E 471 -51.93 43.64 1.46
N ASN E 472 -50.98 43.31 2.33
CA ASN E 472 -50.92 43.93 3.65
C ASN E 472 -50.20 45.26 3.61
N ASN E 473 -49.87 45.75 2.41
CA ASN E 473 -49.13 47.00 2.17
C ASN E 473 -48.02 47.21 3.20
N ASN E 474 -47.28 46.16 3.51
CA ASN E 474 -46.20 46.24 4.47
C ASN E 474 -44.90 46.60 3.75
N GLN E 475 -44.06 47.38 4.44
CA GLN E 475 -42.80 47.87 3.88
C GLN E 475 -41.82 46.69 3.85
N VAL E 476 -42.01 45.82 2.85
CA VAL E 476 -41.26 44.58 2.77
C VAL E 476 -40.48 44.55 1.48
N ARG E 477 -39.39 43.78 1.50
CA ARG E 477 -38.59 43.50 0.32
C ARG E 477 -38.39 42.00 0.24
N ILE E 478 -39.14 41.34 -0.63
CA ILE E 478 -39.01 39.90 -0.81
C ILE E 478 -37.71 39.61 -1.56
N TYR E 479 -36.87 38.77 -0.99
CA TYR E 479 -35.65 38.32 -1.64
C TYR E 479 -35.81 36.85 -2.00
N SER E 480 -35.64 36.54 -3.28
CA SER E 480 -36.02 35.25 -3.83
C SER E 480 -34.79 34.37 -4.10
N LYS E 481 -35.08 33.09 -4.32
CA LYS E 481 -34.06 32.10 -4.67
C LYS E 481 -34.17 31.81 -6.17
N ASN E 482 -33.56 32.69 -6.96
CA ASN E 482 -33.44 32.51 -8.41
C ASN E 482 -34.80 32.23 -9.06
N LYS E 483 -35.81 32.99 -8.65
CA LYS E 483 -37.16 32.81 -9.18
C LYS E 483 -37.57 34.00 -10.03
N PRO E 484 -37.71 33.85 -11.34
CA PRO E 484 -38.30 34.91 -12.17
C PRO E 484 -39.81 34.79 -12.17
N TYR E 485 -40.46 35.72 -12.87
CA TYR E 485 -41.91 35.71 -13.03
C TYR E 485 -42.64 35.66 -11.69
N ILE E 486 -42.07 36.33 -10.70
CA ILE E 486 -42.70 36.36 -9.39
C ILE E 486 -43.72 37.48 -9.28
N GLY E 487 -43.37 38.70 -9.65
CA GLY E 487 -44.31 39.81 -9.64
C GLY E 487 -44.99 40.03 -8.30
N ILE E 488 -44.22 39.95 -7.22
CA ILE E 488 -44.78 40.01 -5.87
C ILE E 488 -44.13 41.18 -5.16
N GLY E 489 -44.88 42.26 -4.99
CA GLY E 489 -44.40 43.42 -4.26
C GLY E 489 -43.11 43.95 -4.86
N ILE E 490 -42.09 44.09 -4.02
CA ILE E 490 -40.77 44.50 -4.48
C ILE E 490 -40.03 43.26 -4.95
N SER E 491 -40.22 42.92 -6.22
CA SER E 491 -39.63 41.71 -6.79
C SER E 491 -38.11 41.85 -6.79
N THR E 492 -37.42 40.91 -6.15
CA THR E 492 -35.97 40.92 -6.08
C THR E 492 -35.48 39.51 -6.39
N ASN E 493 -35.27 39.23 -7.67
CA ASN E 493 -34.71 37.94 -8.09
C ASN E 493 -33.24 37.95 -7.74
N LEU E 494 -32.94 37.67 -6.48
CA LEU E 494 -31.55 37.63 -6.04
C LEU E 494 -30.85 36.44 -6.67
N TRP E 495 -29.64 36.67 -7.16
CA TRP E 495 -28.89 35.67 -7.89
C TRP E 495 -28.02 34.89 -6.92
N MET E 496 -28.29 33.59 -6.77
CA MET E 496 -27.52 32.77 -5.84
C MET E 496 -27.63 31.31 -6.27
N CYS E 497 -26.54 30.58 -6.08
CA CYS E 497 -26.47 29.15 -6.40
C CYS E 497 -26.54 28.38 -5.09
N ASP E 498 -27.72 27.82 -4.81
CA ASP E 498 -27.96 27.02 -3.60
C ASP E 498 -28.34 25.61 -4.04
N TYR E 499 -27.32 24.75 -4.17
CA TYR E 499 -27.51 23.37 -4.57
C TYR E 499 -26.97 22.44 -3.50
N ASP E 500 -27.69 21.35 -3.24
CA ASP E 500 -27.25 20.32 -2.31
C ASP E 500 -27.78 18.97 -2.77
N TYR E 501 -26.86 18.05 -3.06
CA TYR E 501 -27.28 16.71 -3.46
C TYR E 501 -27.92 15.94 -2.32
N ALA E 502 -27.59 16.28 -1.06
CA ALA E 502 -28.15 15.57 0.09
C ALA E 502 -29.67 15.66 0.15
N SER E 503 -30.25 16.70 -0.46
CA SER E 503 -31.71 16.82 -0.50
C SER E 503 -32.35 15.97 -1.60
N GLN E 504 -31.55 15.34 -2.45
CA GLN E 504 -32.08 14.47 -3.49
C GLN E 504 -32.37 13.05 -2.98
N ASN E 505 -32.06 12.77 -1.72
CA ASN E 505 -32.30 11.45 -1.14
C ASN E 505 -33.78 11.32 -0.79
N GLN E 506 -34.14 10.23 -0.09
CA GLN E 506 -35.54 10.01 0.27
C GLN E 506 -36.03 10.98 1.33
N ASP E 507 -35.13 11.64 2.06
CA ASP E 507 -35.49 12.59 3.11
C ASP E 507 -35.18 14.00 2.61
N MET E 508 -36.21 14.85 2.55
CA MET E 508 -36.04 16.21 2.08
C MET E 508 -35.26 17.07 3.07
N ARG E 509 -35.23 16.70 4.34
CA ARG E 509 -34.54 17.50 5.34
C ARG E 509 -33.04 17.50 5.09
N GLU E 510 -32.42 18.64 5.39
CA GLU E 510 -30.98 18.78 5.20
C GLU E 510 -30.23 17.84 6.14
N LYS E 511 -29.19 17.19 5.61
CA LYS E 511 -28.41 16.22 6.36
C LYS E 511 -27.00 16.75 6.61
N GLY E 512 -26.28 16.02 7.45
CA GLY E 512 -24.95 16.43 7.86
C GLY E 512 -23.89 16.03 6.84
N ILE E 513 -22.64 16.26 7.24
CA ILE E 513 -21.51 15.98 6.37
C ILE E 513 -21.34 14.50 6.10
N GLY E 514 -21.85 13.64 6.99
CA GLY E 514 -21.72 12.20 6.80
C GLY E 514 -22.53 11.66 5.65
N SER E 515 -23.55 12.39 5.19
CA SER E 515 -24.33 11.94 4.04
C SER E 515 -23.46 11.82 2.80
N TYR E 516 -22.41 12.62 2.70
CA TYR E 516 -21.44 12.49 1.62
C TYR E 516 -20.23 11.66 2.00
N VAL E 517 -19.90 11.57 3.28
CA VAL E 517 -18.76 10.77 3.71
C VAL E 517 -19.04 9.28 3.51
N ASP E 518 -20.29 8.86 3.75
CA ASP E 518 -20.64 7.45 3.83
C ASP E 518 -20.76 6.78 2.45
N ARG E 519 -20.22 7.39 1.39
CA ARG E 519 -20.22 6.75 0.08
C ARG E 519 -19.26 5.57 0.08
N GLU E 520 -19.73 4.42 -0.40
CA GLU E 520 -18.93 3.21 -0.41
C GLU E 520 -18.11 3.03 -1.68
N GLU E 521 -18.32 3.87 -2.70
CA GLU E 521 -17.57 3.77 -3.95
C GLU E 521 -16.24 4.51 -3.79
N GLY E 522 -15.36 3.91 -3.02
CA GLY E 522 -14.08 4.50 -2.68
C GLY E 522 -13.98 4.79 -1.19
N VAL E 523 -12.88 5.45 -0.84
CA VAL E 523 -12.63 5.78 0.56
C VAL E 523 -13.65 6.80 1.05
N LYS E 524 -14.05 6.66 2.32
CA LYS E 524 -15.06 7.53 2.92
C LYS E 524 -14.41 8.85 3.32
N ARG E 525 -14.26 9.73 2.32
CA ARG E 525 -13.61 11.02 2.53
C ARG E 525 -14.45 12.10 1.86
N LEU E 526 -13.89 13.31 1.78
CA LEU E 526 -14.59 14.45 1.21
C LEU E 526 -13.68 15.18 0.24
N GLY E 527 -14.30 15.79 -0.77
CA GLY E 527 -13.59 16.57 -1.78
C GLY E 527 -14.01 18.02 -1.71
N VAL E 528 -13.05 18.92 -1.93
CA VAL E 528 -13.27 20.36 -1.85
C VAL E 528 -12.53 21.02 -3.01
N VAL E 529 -13.18 21.98 -3.66
CA VAL E 529 -12.59 22.69 -4.78
C VAL E 529 -12.77 24.19 -4.58
N ARG E 530 -11.71 24.94 -4.86
CA ARG E 530 -11.71 26.39 -4.85
C ARG E 530 -11.21 26.89 -6.21
N ALA E 531 -11.88 27.90 -6.77
CA ALA E 531 -11.52 28.41 -8.08
C ALA E 531 -11.63 29.93 -8.11
N ASP E 532 -10.65 30.55 -8.78
CA ASP E 532 -10.68 31.98 -9.07
C ASP E 532 -10.30 32.21 -10.53
N ILE E 533 -11.00 33.13 -11.17
CA ILE E 533 -10.58 33.59 -12.50
C ILE E 533 -9.23 34.28 -12.36
N ASP E 534 -8.21 33.71 -13.01
CA ASP E 534 -6.88 34.28 -12.90
C ASP E 534 -6.80 35.64 -13.57
N ASN E 535 -7.40 35.79 -14.74
CA ASN E 535 -7.39 37.06 -15.47
C ASN E 535 -8.71 37.80 -15.27
N LEU E 536 -8.89 38.30 -14.05
CA LEU E 536 -10.08 39.07 -13.71
C LEU E 536 -9.79 40.52 -13.38
N GLY E 537 -8.68 40.80 -12.70
CA GLY E 537 -8.36 42.18 -12.36
C GLY E 537 -8.28 43.06 -13.60
N ALA E 538 -7.55 42.61 -14.61
CA ALA E 538 -7.51 43.34 -15.88
C ALA E 538 -8.87 43.34 -16.54
N THR E 539 -9.58 42.22 -16.51
CA THR E 539 -10.87 42.12 -17.19
C THR E 539 -11.83 43.21 -16.70
N PHE E 540 -11.87 43.43 -15.39
CA PHE E 540 -12.75 44.55 -14.95
C PHE E 540 -12.07 45.90 -15.12
N ILE E 541 -10.75 45.87 -15.01
CA ILE E 541 -10.07 47.15 -15.12
C ILE E 541 -9.72 47.45 -16.57
N SER E 542 -8.87 46.61 -17.17
CA SER E 542 -8.44 46.88 -18.54
C SER E 542 -9.59 46.72 -19.52
N GLY E 543 -10.34 45.62 -19.39
CA GLY E 543 -11.47 45.39 -20.27
C GLY E 543 -11.03 45.22 -21.72
N ILE E 544 -11.85 45.72 -22.63
CA ILE E 544 -11.55 45.67 -24.07
C ILE E 544 -10.84 46.97 -24.43
N PRO E 545 -9.59 46.92 -24.87
CA PRO E 545 -8.76 48.12 -24.88
C PRO E 545 -9.12 49.10 -25.98
N GLU E 546 -9.19 50.38 -25.61
CA GLU E 546 -9.06 51.51 -26.51
C GLU E 546 -10.27 51.72 -27.41
N LYS E 547 -11.19 50.76 -27.46
CA LYS E 547 -12.38 50.91 -28.28
C LYS E 547 -13.68 50.48 -27.62
N TYR E 548 -13.64 49.70 -26.54
CA TYR E 548 -14.87 49.23 -25.93
C TYR E 548 -14.84 49.33 -24.41
N ASN E 549 -13.98 50.19 -23.86
CA ASN E 549 -13.94 50.44 -22.42
C ASN E 549 -14.96 51.50 -22.03
N SER E 550 -16.20 51.26 -22.41
CA SER E 550 -17.28 52.13 -21.98
C SER E 550 -17.90 51.60 -20.70
N ILE E 551 -18.55 52.50 -19.96
CA ILE E 551 -19.28 52.08 -18.77
C ILE E 551 -20.36 51.06 -19.14
N SER E 552 -20.99 51.23 -20.30
CA SER E 552 -22.01 50.29 -20.73
C SER E 552 -21.43 48.88 -20.89
N ARG E 553 -20.28 48.77 -21.56
CA ARG E 553 -19.74 47.45 -21.83
C ARG E 553 -19.12 46.82 -20.59
N THR E 554 -18.55 47.64 -19.70
CA THR E 554 -18.12 47.11 -18.42
C THR E 554 -19.29 46.56 -17.63
N ALA E 555 -20.42 47.27 -17.64
CA ALA E 555 -21.60 46.77 -16.96
C ALA E 555 -22.05 45.45 -17.55
N THR E 556 -22.05 45.36 -18.89
CA THR E 556 -22.45 44.12 -19.54
C THR E 556 -21.54 42.98 -19.15
N LEU E 557 -20.24 43.22 -19.17
CA LEU E 557 -19.27 42.19 -18.81
C LEU E 557 -19.49 41.71 -17.39
N SER E 558 -19.65 42.65 -16.47
CA SER E 558 -19.85 42.29 -15.08
C SER E 558 -21.12 41.46 -14.91
N ARG E 559 -22.20 41.88 -15.56
CA ARG E 559 -23.45 41.15 -15.36
C ARG E 559 -23.34 39.74 -15.93
N GLN E 560 -22.69 39.59 -17.09
CA GLN E 560 -22.58 38.26 -17.67
C GLN E 560 -21.76 37.35 -16.78
N LEU E 561 -20.67 37.86 -16.21
CA LEU E 561 -19.91 37.04 -15.27
C LEU E 561 -20.76 36.66 -14.07
N SER E 562 -21.56 37.60 -13.57
CA SER E 562 -22.40 37.31 -12.41
C SER E 562 -23.42 36.22 -12.75
N LEU E 563 -24.07 36.33 -13.90
CA LEU E 563 -25.03 35.30 -14.28
C LEU E 563 -24.38 33.94 -14.41
N PHE E 564 -23.17 33.87 -14.99
CA PHE E 564 -22.53 32.57 -15.08
C PHE E 564 -22.25 32.01 -13.70
N PHE E 565 -21.60 32.80 -12.85
CA PHE E 565 -21.23 32.28 -11.53
C PHE E 565 -22.40 32.20 -10.58
N LYS E 566 -23.62 32.51 -11.01
CA LYS E 566 -24.75 32.45 -10.11
C LYS E 566 -25.94 31.64 -10.63
N TYR E 567 -25.95 31.25 -11.90
CA TYR E 567 -26.97 30.33 -12.41
C TYR E 567 -26.38 29.05 -12.98
N GLU E 568 -25.43 29.14 -13.90
CA GLU E 568 -25.01 27.96 -14.65
C GLU E 568 -24.45 26.88 -13.73
N LEU E 569 -23.75 27.28 -12.66
CA LEU E 569 -23.21 26.29 -11.74
C LEU E 569 -24.31 25.43 -11.15
N ASN E 570 -25.45 26.05 -10.82
CA ASN E 570 -26.55 25.30 -10.22
C ASN E 570 -27.04 24.20 -11.14
N HIS E 571 -27.15 24.49 -12.43
CA HIS E 571 -27.58 23.46 -13.38
C HIS E 571 -26.49 22.45 -13.65
N LEU E 572 -25.22 22.88 -13.65
CA LEU E 572 -24.13 21.96 -13.93
C LEU E 572 -23.97 20.92 -12.82
N LEU E 573 -24.19 21.33 -11.57
CA LEU E 573 -23.95 20.46 -10.43
C LEU E 573 -24.99 19.35 -10.28
N GLU E 574 -26.05 19.36 -11.08
CA GLU E 574 -27.19 18.49 -10.84
C GLU E 574 -26.85 17.01 -10.90
N ASN E 575 -25.72 16.65 -11.51
CA ASN E 575 -25.33 15.25 -11.65
C ASN E 575 -24.18 14.87 -10.73
N TYR E 576 -23.93 15.64 -9.67
CA TYR E 576 -22.83 15.37 -8.76
C TYR E 576 -23.30 15.42 -7.32
N GLN E 577 -22.72 14.56 -6.49
CA GLN E 577 -23.06 14.50 -5.06
C GLN E 577 -22.32 15.60 -4.31
N ILE E 578 -22.57 16.84 -4.73
CA ILE E 578 -21.84 17.99 -4.24
C ILE E 578 -22.82 19.08 -3.83
N THR E 579 -22.42 19.91 -2.87
CA THR E 579 -23.26 20.96 -2.33
C THR E 579 -22.57 22.31 -2.51
N ALA E 580 -23.31 23.29 -3.03
CA ALA E 580 -22.75 24.61 -3.31
C ALA E 580 -22.70 25.43 -2.04
N ILE E 581 -21.53 25.96 -1.72
CA ILE E 581 -21.30 26.70 -0.47
C ILE E 581 -21.08 28.19 -0.75
N TYR E 582 -19.90 28.51 -1.28
CA TYR E 582 -19.67 29.91 -1.68
C TYR E 582 -19.58 30.01 -3.19
N SER E 583 -20.55 30.67 -3.78
CA SER E 583 -20.59 30.93 -5.21
C SER E 583 -20.96 32.38 -5.45
N GLY E 584 -20.30 32.99 -6.42
CA GLY E 584 -20.51 34.40 -6.69
C GLY E 584 -19.19 35.16 -6.73
N GLY E 585 -19.20 36.35 -7.30
CA GLY E 585 -17.95 37.07 -7.49
C GLY E 585 -17.03 36.25 -8.38
N ASP E 586 -15.82 36.01 -7.92
CA ASP E 586 -14.87 35.16 -8.64
C ASP E 586 -14.49 33.93 -7.85
N ASP E 587 -15.26 33.59 -6.82
CA ASP E 587 -14.93 32.48 -5.94
C ASP E 587 -15.95 31.36 -6.12
N LEU E 588 -15.47 30.13 -6.21
CA LEU E 588 -16.33 28.97 -6.37
C LEU E 588 -15.91 27.92 -5.35
N PHE E 589 -16.85 27.48 -4.51
CA PHE E 589 -16.54 26.58 -3.41
C PHE E 589 -17.55 25.43 -3.41
N LEU E 590 -17.08 24.23 -3.76
CA LEU E 590 -17.93 23.05 -3.81
C LEU E 590 -17.32 21.97 -2.93
N ILE E 591 -18.19 21.22 -2.25
CA ILE E 591 -17.77 20.20 -1.29
C ILE E 591 -18.60 18.94 -1.49
N GLY E 592 -17.94 17.79 -1.49
CA GLY E 592 -18.63 16.53 -1.73
C GLY E 592 -17.67 15.37 -1.85
N ALA E 593 -18.10 14.35 -2.59
CA ALA E 593 -17.30 13.15 -2.77
C ALA E 593 -16.02 13.46 -3.55
N TRP E 594 -14.97 12.67 -3.26
CA TRP E 594 -13.67 12.91 -3.87
C TRP E 594 -13.72 12.78 -5.39
N ASP E 595 -14.35 11.70 -5.89
CA ASP E 595 -14.44 11.50 -7.33
C ASP E 595 -15.35 12.53 -7.98
N ASP E 596 -16.51 12.78 -7.37
CA ASP E 596 -17.47 13.73 -7.94
C ASP E 596 -16.90 15.14 -7.97
N ILE E 597 -16.13 15.52 -6.94
CA ILE E 597 -15.53 16.84 -6.94
C ILE E 597 -14.57 17.01 -8.12
N ILE E 598 -13.73 16.00 -8.36
CA ILE E 598 -12.78 16.09 -9.47
C ILE E 598 -13.50 16.14 -10.80
N GLU E 599 -14.48 15.25 -10.99
CA GLU E 599 -15.19 15.20 -12.26
C GLU E 599 -15.96 16.50 -12.52
N ALA E 600 -16.63 17.03 -11.49
CA ALA E 600 -17.35 18.27 -11.63
C ALA E 600 -16.39 19.44 -11.87
N SER E 601 -15.21 19.41 -11.24
CA SER E 601 -14.24 20.47 -11.47
C SER E 601 -13.80 20.50 -12.93
N ILE E 602 -13.48 19.33 -13.49
CA ILE E 602 -13.07 19.27 -14.89
C ILE E 602 -14.21 19.71 -15.80
N TYR E 603 -15.43 19.21 -15.53
CA TYR E 603 -16.56 19.50 -16.38
C TYR E 603 -16.92 20.98 -16.35
N ILE E 604 -16.93 21.58 -15.16
CA ILE E 604 -17.21 23.00 -15.03
C ILE E 604 -16.09 23.83 -15.67
N ASN E 605 -14.85 23.36 -15.57
CA ASN E 605 -13.76 24.03 -16.28
C ASN E 605 -14.03 24.08 -17.77
N ASP E 606 -14.40 22.94 -18.35
CA ASP E 606 -14.70 22.91 -19.78
C ASP E 606 -15.89 23.80 -20.12
N LYS E 607 -16.96 23.72 -19.32
CA LYS E 607 -18.15 24.53 -19.59
C LYS E 607 -17.85 26.01 -19.52
N PHE E 608 -17.04 26.42 -18.53
CA PHE E 608 -16.62 27.82 -18.44
C PHE E 608 -15.79 28.21 -19.65
N LYS E 609 -14.87 27.33 -20.08
CA LYS E 609 -14.10 27.62 -21.29
C LYS E 609 -15.02 27.80 -22.48
N GLU E 610 -16.18 27.14 -22.48
CA GLU E 610 -17.16 27.39 -23.53
C GLU E 610 -17.84 28.74 -23.35
N PHE E 611 -18.24 29.09 -22.13
CA PHE E 611 -19.00 30.31 -21.91
C PHE E 611 -18.15 31.55 -22.19
N THR E 612 -16.89 31.54 -21.76
CA THR E 612 -15.96 32.61 -22.09
C THR E 612 -15.26 32.37 -23.42
N LEU E 613 -15.66 31.33 -24.14
CA LEU E 613 -15.10 31.02 -25.46
C LEU E 613 -13.58 30.88 -25.39
N ASP E 614 -13.10 30.28 -24.31
CA ASP E 614 -11.67 30.07 -24.07
C ASP E 614 -10.93 31.40 -24.04
N LYS E 615 -11.53 32.40 -23.39
CA LYS E 615 -10.86 33.67 -23.15
C LYS E 615 -10.42 33.85 -21.70
N LEU E 616 -11.14 33.28 -20.75
CA LEU E 616 -10.79 33.32 -19.34
C LEU E 616 -10.53 31.91 -18.85
N THR E 617 -9.58 31.76 -17.94
CA THR E 617 -9.16 30.46 -17.43
C THR E 617 -9.46 30.36 -15.94
N LEU E 618 -9.28 29.15 -15.41
CA LEU E 618 -9.55 28.85 -14.01
C LEU E 618 -8.31 28.31 -13.32
N SER E 619 -8.05 28.79 -12.12
CA SER E 619 -7.02 28.26 -11.24
C SER E 619 -7.68 27.59 -10.05
N ALA E 620 -7.38 26.32 -9.82
CA ALA E 620 -8.11 25.55 -8.82
C ALA E 620 -7.17 24.58 -8.12
N GLY E 621 -7.57 24.19 -6.91
CA GLY E 621 -6.86 23.19 -6.13
C GLY E 621 -7.82 22.32 -5.34
N VAL E 622 -7.63 21.01 -5.38
CA VAL E 622 -8.51 20.05 -4.73
C VAL E 622 -7.70 19.19 -3.78
N GLY E 623 -8.22 19.02 -2.56
CA GLY E 623 -7.57 18.18 -1.57
C GLY E 623 -8.54 17.16 -0.99
N MET E 624 -7.98 16.22 -0.25
CA MET E 624 -8.73 15.15 0.39
C MET E 624 -8.55 15.24 1.90
N PHE E 625 -9.66 15.23 2.62
CA PHE E 625 -9.65 15.28 4.08
C PHE E 625 -10.71 14.35 4.63
N SER E 626 -10.49 13.87 5.86
CA SER E 626 -11.41 12.94 6.49
C SER E 626 -12.69 13.66 6.93
N GLY E 627 -13.74 12.87 7.17
CA GLY E 627 -15.04 13.42 7.46
C GLY E 627 -15.10 14.13 8.80
N LYS E 628 -16.05 15.06 8.88
CA LYS E 628 -16.35 15.88 10.05
C LYS E 628 -15.16 16.68 10.57
N TYR E 629 -14.17 16.89 9.71
CA TYR E 629 -13.06 17.81 10.10
C TYR E 629 -13.63 19.23 10.06
N PRO E 630 -13.26 20.15 10.98
CA PRO E 630 -13.72 21.54 10.91
C PRO E 630 -13.66 22.06 9.49
N VAL E 631 -14.83 22.34 8.90
CA VAL E 631 -14.87 22.81 7.53
C VAL E 631 -14.14 24.13 7.41
N SER E 632 -13.96 24.85 8.52
CA SER E 632 -13.09 26.01 8.54
C SER E 632 -11.69 25.65 8.05
N LYS E 633 -11.13 24.57 8.57
CA LYS E 633 -9.80 24.13 8.17
C LYS E 633 -9.82 23.20 6.97
N MET E 634 -11.00 22.72 6.58
CA MET E 634 -11.15 22.03 5.31
C MET E 634 -10.85 22.97 4.14
N ALA E 635 -11.10 24.26 4.31
CA ALA E 635 -11.04 25.25 3.25
C ALA E 635 -9.74 26.06 3.26
N PHE E 636 -9.21 26.40 4.44
CA PHE E 636 -7.95 27.13 4.48
C PHE E 636 -6.82 26.34 3.83
N TRP E 664 -4.63 21.34 -17.00
CA TRP E 664 -6.02 20.88 -17.02
C TRP E 664 -6.27 19.90 -18.16
N ASP E 665 -5.77 20.22 -19.35
CA ASP E 665 -5.95 19.35 -20.50
C ASP E 665 -5.18 18.05 -20.35
N GLU E 666 -3.96 18.13 -19.82
CA GLU E 666 -3.16 16.92 -19.61
C GLU E 666 -3.82 16.00 -18.59
N PHE E 667 -4.28 16.57 -17.48
CA PHE E 667 -4.90 15.76 -16.42
C PHE E 667 -6.14 15.04 -16.93
N LYS E 668 -6.87 15.64 -17.88
CA LYS E 668 -8.05 15.00 -18.42
C LYS E 668 -7.69 13.96 -19.48
N LYS E 669 -6.91 14.37 -20.49
CA LYS E 669 -6.67 13.50 -21.63
C LYS E 669 -5.75 12.33 -21.27
N ASN E 670 -4.65 12.61 -20.58
CA ASN E 670 -3.63 11.58 -20.35
C ASN E 670 -3.93 10.74 -19.11
N ILE E 671 -4.28 11.39 -18.00
CA ILE E 671 -4.43 10.69 -16.73
C ILE E 671 -5.82 10.09 -16.61
N LEU E 672 -6.85 10.95 -16.57
CA LEU E 672 -8.20 10.46 -16.34
C LEU E 672 -8.71 9.61 -17.48
N GLU E 673 -8.42 10.00 -18.72
CA GLU E 673 -9.02 9.33 -19.86
C GLU E 673 -8.22 8.12 -20.32
N GLU E 674 -6.90 8.21 -20.36
CA GLU E 674 -6.08 7.12 -20.93
C GLU E 674 -5.61 6.14 -19.86
N LYS E 675 -4.75 6.61 -18.96
CA LYS E 675 -4.14 5.70 -17.99
C LYS E 675 -5.16 5.21 -16.97
N LEU E 676 -6.04 6.11 -16.50
CA LEU E 676 -7.05 5.70 -15.53
C LEU E 676 -7.99 4.65 -16.13
N LEU E 677 -8.40 4.85 -17.39
CA LEU E 677 -9.28 3.87 -18.02
C LEU E 677 -8.56 2.54 -18.24
N VAL E 678 -7.28 2.59 -18.67
CA VAL E 678 -6.51 1.36 -18.83
C VAL E 678 -6.44 0.60 -17.52
N LEU E 679 -6.09 1.31 -16.44
CA LEU E 679 -5.96 0.66 -15.14
C LEU E 679 -7.30 0.11 -14.65
N GLN E 680 -8.38 0.87 -14.83
CA GLN E 680 -9.69 0.40 -14.40
C GLN E 680 -10.10 -0.86 -15.15
N GLN E 681 -9.91 -0.87 -16.48
CA GLN E 681 -10.26 -2.06 -17.24
C GLN E 681 -9.42 -3.25 -16.83
N GLY E 682 -8.11 -3.04 -16.63
CA GLY E 682 -7.26 -4.15 -16.22
C GLY E 682 -7.60 -4.69 -14.86
N PHE E 683 -7.84 -3.81 -13.88
CA PHE E 683 -8.17 -4.26 -12.53
C PHE E 683 -9.56 -4.89 -12.48
N SER E 684 -10.48 -4.46 -13.34
CA SER E 684 -11.80 -5.09 -13.37
C SER E 684 -11.75 -6.46 -14.03
N GLN E 685 -10.91 -6.64 -15.05
CA GLN E 685 -10.84 -7.94 -15.71
C GLN E 685 -10.05 -8.97 -14.91
N THR E 686 -9.02 -8.56 -14.17
CA THR E 686 -8.21 -9.47 -13.38
C THR E 686 -8.47 -9.24 -11.90
N ASP E 687 -8.79 -10.33 -11.19
CA ASP E 687 -9.18 -10.24 -9.80
C ASP E 687 -7.98 -10.39 -8.88
N GLU E 688 -8.24 -10.43 -7.58
CA GLU E 688 -7.29 -10.67 -6.50
C GLU E 688 -6.27 -9.54 -6.32
N HIS E 689 -6.29 -8.51 -7.16
CA HIS E 689 -5.33 -7.43 -7.12
C HIS E 689 -5.99 -6.19 -6.51
N GLY E 690 -5.96 -6.12 -5.19
CA GLY E 690 -6.57 -5.03 -4.45
C GLY E 690 -5.61 -3.89 -4.13
N LYS E 691 -5.86 -3.22 -3.00
CA LYS E 691 -5.02 -2.10 -2.61
C LYS E 691 -3.61 -2.57 -2.23
N ALA E 692 -3.44 -3.83 -1.86
CA ALA E 692 -2.10 -4.32 -1.51
C ALA E 692 -1.19 -4.36 -2.73
N PHE E 693 -1.69 -4.90 -3.84
CA PHE E 693 -0.87 -4.97 -5.05
C PHE E 693 -0.57 -3.56 -5.58
N ILE E 694 -1.58 -2.69 -5.60
CA ILE E 694 -1.38 -1.32 -6.05
C ILE E 694 -0.46 -0.57 -5.10
N TYR E 695 -0.47 -0.93 -3.82
CA TYR E 695 0.38 -0.24 -2.85
C TYR E 695 1.83 -0.71 -2.97
N LYS E 696 2.03 -1.97 -3.34
CA LYS E 696 3.37 -2.42 -3.71
C LYS E 696 3.85 -1.74 -4.98
N MET E 697 2.94 -1.57 -5.95
CA MET E 697 3.22 -0.75 -7.12
C MET E 697 3.70 0.63 -6.68
N LEU E 698 2.99 1.23 -5.72
CA LEU E 698 3.34 2.56 -5.22
C LEU E 698 4.69 2.58 -4.54
N ALA E 699 4.98 1.56 -3.73
CA ALA E 699 6.27 1.52 -3.05
C ALA E 699 7.41 1.43 -4.07
N LEU E 700 7.20 0.67 -5.14
CA LEU E 700 8.22 0.58 -6.18
C LEU E 700 8.32 1.87 -6.98
N LEU E 701 7.22 2.57 -7.19
CA LEU E 701 7.24 3.74 -8.06
C LEU E 701 7.71 5.01 -7.36
N ARG E 702 7.26 5.22 -6.12
CA ARG E 702 7.62 6.43 -5.38
C ARG E 702 9.12 6.51 -5.12
N ASN E 703 9.72 5.39 -4.74
CA ASN E 703 11.17 5.33 -4.54
C ASN E 703 11.81 5.09 -5.90
N ASN E 704 12.14 6.19 -6.58
CA ASN E 704 12.59 6.15 -7.97
C ASN E 704 14.01 5.60 -8.04
N GLU E 705 14.10 4.27 -7.99
CA GLU E 705 15.36 3.56 -8.13
C GLU E 705 15.22 2.45 -9.15
N ALA E 706 16.32 2.14 -9.84
CA ALA E 706 16.29 1.09 -10.85
C ALA E 706 16.01 -0.28 -10.26
N ILE E 707 16.40 -0.50 -8.99
CA ILE E 707 16.07 -1.76 -8.34
C ILE E 707 14.56 -1.93 -8.22
N ASN E 708 13.87 -0.83 -7.88
CA ASN E 708 12.41 -0.89 -7.86
C ASN E 708 11.85 -1.15 -9.25
N ILE E 709 12.52 -0.67 -10.30
CA ILE E 709 12.04 -0.90 -11.65
C ILE E 709 12.17 -2.37 -12.03
N ALA E 710 13.31 -2.99 -11.69
CA ALA E 710 13.48 -4.41 -11.97
C ALA E 710 12.49 -5.25 -11.17
N ARG E 711 12.28 -4.87 -9.90
CA ARG E 711 11.27 -5.52 -9.07
C ARG E 711 9.89 -5.39 -9.69
N LEU E 712 9.58 -4.21 -10.23
CA LEU E 712 8.29 -4.01 -10.88
C LEU E 712 8.19 -4.83 -12.15
N ALA E 713 9.30 -5.03 -12.86
CA ALA E 713 9.29 -5.91 -14.03
C ALA E 713 8.93 -7.33 -13.61
N TYR E 714 9.53 -7.80 -12.53
CA TYR E 714 9.18 -9.13 -12.03
C TYR E 714 7.73 -9.18 -11.56
N LEU E 715 7.25 -8.12 -10.90
CA LEU E 715 5.88 -8.10 -10.38
C LEU E 715 4.86 -8.13 -11.51
N LEU E 716 5.13 -7.40 -12.60
CA LEU E 716 4.24 -7.45 -13.75
C LEU E 716 4.35 -8.79 -14.48
N ALA E 717 5.53 -9.42 -14.47
CA ALA E 717 5.64 -10.79 -14.97
C ALA E 717 4.74 -11.73 -14.17
N ARG E 718 4.70 -11.54 -12.84
CA ARG E 718 3.89 -12.40 -11.99
C ARG E 718 2.40 -12.07 -12.08
N SER E 719 2.06 -10.82 -12.38
CA SER E 719 0.66 -10.42 -12.46
C SER E 719 -0.04 -11.10 -13.63
N LYS E 720 -1.36 -11.26 -13.49
CA LYS E 720 -2.15 -12.07 -14.41
C LYS E 720 -2.99 -11.22 -15.37
N MET E 721 -2.47 -10.04 -15.73
CA MET E 721 -3.18 -9.18 -16.66
C MET E 721 -2.87 -9.56 -18.11
N ASN E 722 -3.62 -8.97 -19.02
CA ASN E 722 -3.29 -9.07 -20.44
C ASN E 722 -1.92 -8.44 -20.68
N GLU E 723 -1.12 -9.05 -21.56
CA GLU E 723 0.25 -8.60 -21.75
C GLU E 723 0.31 -7.14 -22.18
N ASP E 724 -0.73 -6.66 -22.86
CA ASP E 724 -0.76 -5.26 -23.25
C ASP E 724 -0.78 -4.35 -22.03
N PHE E 725 -1.61 -4.68 -21.03
CA PHE E 725 -1.66 -3.89 -19.81
C PHE E 725 -0.30 -3.85 -19.12
N THR E 726 0.33 -5.01 -18.98
CA THR E 726 1.63 -5.06 -18.31
C THR E 726 2.68 -4.26 -19.06
N SER E 727 2.73 -4.41 -20.38
CA SER E 727 3.72 -3.69 -21.16
C SER E 727 3.51 -2.18 -21.06
N LYS E 728 2.26 -1.74 -21.20
CA LYS E 728 1.97 -0.32 -21.11
C LYS E 728 2.31 0.24 -19.74
N ILE E 729 1.98 -0.50 -18.67
CA ILE E 729 2.28 -0.04 -17.32
C ILE E 729 3.78 0.08 -17.11
N PHE E 730 4.53 -0.94 -17.55
CA PHE E 730 5.97 -0.90 -17.35
C PHE E 730 6.61 0.25 -18.11
N ASN E 731 6.17 0.46 -19.36
CA ASN E 731 6.74 1.53 -20.16
C ASN E 731 6.33 2.89 -19.66
N TRP E 732 5.12 3.02 -19.08
CA TRP E 732 4.77 4.26 -18.39
C TRP E 732 5.68 4.49 -17.20
N ALA E 733 5.95 3.44 -16.43
CA ALA E 733 6.83 3.57 -15.27
C ALA E 733 8.23 3.97 -15.68
N GLN E 734 8.66 3.58 -16.89
CA GLN E 734 10.00 3.94 -17.34
C GLN E 734 10.15 5.42 -17.69
N ASN E 735 9.05 6.14 -17.88
CA ASN E 735 9.17 7.60 -18.14
C ASN E 735 8.77 8.36 -16.88
N ASP E 736 9.49 9.43 -16.53
CA ASP E 736 9.23 10.21 -15.32
C ASP E 736 7.86 10.87 -15.38
N LYS E 737 7.58 11.57 -16.48
CA LYS E 737 6.25 12.16 -16.64
C LYS E 737 5.17 11.09 -16.66
N ASP E 738 5.44 10.01 -17.39
CA ASP E 738 4.42 8.92 -17.49
C ASP E 738 4.34 8.16 -16.15
N LYS E 739 5.43 8.04 -15.39
CA LYS E 739 5.34 7.39 -14.10
C LYS E 739 4.55 8.25 -13.11
N ASN E 740 4.74 9.57 -13.16
CA ASN E 740 3.96 10.46 -12.30
C ASN E 740 2.49 10.41 -12.66
N GLN E 741 2.18 10.43 -13.96
CA GLN E 741 0.78 10.32 -14.37
C GLN E 741 0.19 8.99 -13.93
N LEU E 742 0.96 7.91 -14.05
CA LEU E 742 0.48 6.59 -13.67
C LEU E 742 0.21 6.53 -12.17
N ILE E 743 1.12 7.05 -11.35
CA ILE E 743 0.90 7.00 -9.91
C ILE E 743 -0.30 7.86 -9.53
N THR E 744 -0.47 9.01 -10.19
CA THR E 744 -1.64 9.83 -9.92
C THR E 744 -2.93 9.08 -10.25
N ALA E 745 -2.97 8.45 -11.42
CA ALA E 745 -4.18 7.74 -11.84
C ALA E 745 -4.49 6.58 -10.90
N LEU E 746 -3.47 5.79 -10.55
CA LEU E 746 -3.73 4.63 -9.71
C LEU E 746 -4.07 5.04 -8.28
N GLU E 747 -3.52 6.16 -7.81
CA GLU E 747 -3.96 6.70 -6.54
C GLU E 747 -5.42 7.13 -6.61
N TYR E 748 -5.82 7.69 -7.75
CA TYR E 748 -7.23 8.01 -7.95
C TYR E 748 -8.09 6.75 -7.90
N TYR E 749 -7.56 5.63 -8.40
CA TYR E 749 -8.34 4.40 -8.42
C TYR E 749 -8.81 4.00 -7.03
N ILE E 750 -7.91 4.00 -6.06
CA ILE E 750 -8.24 3.55 -4.71
C ILE E 750 -9.20 4.53 -4.03
N THR G 5 21.95 46.06 22.66
CA THR G 5 20.99 45.58 21.67
C THR G 5 21.48 44.31 20.99
N LYS G 6 21.09 43.16 21.51
CA LYS G 6 21.45 41.88 20.93
C LYS G 6 20.22 41.23 20.30
N VAL G 7 20.47 40.21 19.48
CA VAL G 7 19.40 39.37 18.97
C VAL G 7 19.61 37.97 19.55
N PHE G 8 18.53 37.21 19.63
CA PHE G 8 18.57 35.86 20.15
C PHE G 8 18.04 34.90 19.10
N LYS G 9 18.89 33.96 18.70
CA LYS G 9 18.55 32.98 17.67
C LYS G 9 17.84 31.82 18.33
N LEU G 10 16.88 31.25 17.62
CA LEU G 10 16.12 30.12 18.15
C LEU G 10 16.03 29.02 17.10
N SER G 11 16.45 27.82 17.49
CA SER G 11 16.24 26.61 16.70
C SER G 11 15.42 25.65 17.53
N PHE G 12 14.54 24.89 16.88
CA PHE G 12 13.50 24.18 17.60
C PHE G 12 13.72 22.67 17.64
N LYS G 13 13.83 22.02 16.48
CA LYS G 13 14.00 20.58 16.30
C LYS G 13 12.80 19.76 16.74
N THR G 14 11.77 20.37 17.32
CA THR G 14 10.53 19.69 17.64
C THR G 14 9.36 20.54 17.17
N PRO G 15 8.25 19.92 16.80
CA PRO G 15 7.12 20.70 16.32
C PRO G 15 6.59 21.62 17.41
N VAL G 16 6.08 22.77 16.99
CA VAL G 16 5.57 23.77 17.91
C VAL G 16 4.15 24.15 17.49
N HIS G 17 3.28 24.30 18.48
CA HIS G 17 1.91 24.76 18.26
C HIS G 17 1.76 26.14 18.86
N PHE G 18 1.28 27.08 18.07
CA PHE G 18 1.30 28.46 18.54
C PHE G 18 -0.09 29.06 18.71
N GLY G 19 -1.04 28.72 17.84
CA GLY G 19 -2.43 28.96 18.15
C GLY G 19 -2.96 30.36 17.90
N LYS G 20 -4.13 30.44 17.27
CA LYS G 20 -4.92 31.66 17.17
C LYS G 20 -6.25 31.53 17.90
N LYS G 21 -7.03 30.53 17.56
CA LYS G 21 -8.34 30.39 18.19
C LYS G 21 -8.55 29.04 18.84
N ARG G 22 -8.17 27.94 18.21
CA ARG G 22 -8.27 26.63 18.82
C ARG G 22 -6.94 25.90 18.70
N LEU G 23 -6.90 24.69 19.28
CA LEU G 23 -5.67 23.93 19.29
C LEU G 23 -5.29 23.44 17.90
N SER G 24 -6.28 23.22 17.04
CA SER G 24 -6.01 22.69 15.72
C SER G 24 -5.74 23.79 14.71
N ASP G 25 -5.31 24.96 15.16
CA ASP G 25 -4.78 25.99 14.30
C ASP G 25 -3.27 26.08 14.47
N GLY G 26 -2.58 26.29 13.36
CA GLY G 26 -1.12 26.34 13.37
C GLY G 26 -0.62 27.67 12.85
N GLU G 27 0.38 28.21 13.54
CA GLU G 27 0.88 29.54 13.25
C GLU G 27 2.40 29.54 13.37
N MET G 28 3.05 30.36 12.56
CA MET G 28 4.49 30.28 12.38
C MET G 28 5.27 31.13 13.38
N THR G 29 4.86 32.36 13.60
CA THR G 29 5.53 33.27 14.53
C THR G 29 4.61 33.57 15.69
N ILE G 30 5.18 34.17 16.74
CA ILE G 30 4.41 34.57 17.90
C ILE G 30 4.67 36.03 18.23
N THR G 31 3.69 36.63 18.87
CA THR G 31 3.71 38.06 19.13
C THR G 31 4.45 38.36 20.43
N ALA G 32 4.67 39.65 20.68
CA ALA G 32 5.36 40.06 21.88
C ALA G 32 4.55 39.80 23.13
N ASP G 33 3.23 39.73 23.03
CA ASP G 33 2.41 39.45 24.20
C ASP G 33 2.76 38.11 24.80
N THR G 34 2.73 37.06 24.00
CA THR G 34 3.03 35.73 24.53
C THR G 34 4.49 35.60 24.91
N LEU G 35 5.38 36.33 24.23
CA LEU G 35 6.79 36.28 24.57
C LEU G 35 7.04 36.88 25.95
N PHE G 36 6.52 38.09 26.18
CA PHE G 36 6.65 38.70 27.50
C PHE G 36 5.94 37.88 28.56
N SER G 37 4.81 37.28 28.20
CA SER G 37 4.10 36.44 29.16
C SER G 37 4.96 35.26 29.58
N ALA G 38 5.59 34.61 28.60
CA ALA G 38 6.46 33.48 28.92
C ALA G 38 7.63 33.92 29.77
N LEU G 39 8.24 35.05 29.43
CA LEU G 39 9.36 35.54 30.22
C LEU G 39 8.92 35.82 31.65
N PHE G 40 7.75 36.43 31.82
CA PHE G 40 7.27 36.78 33.15
C PHE G 40 6.95 35.55 33.96
N ILE G 41 6.30 34.56 33.37
CA ILE G 41 5.95 33.37 34.13
C ILE G 41 7.21 32.58 34.48
N GLU G 42 8.18 32.53 33.56
CA GLU G 42 9.44 31.87 33.88
C GLU G 42 10.16 32.60 35.02
N THR G 43 10.12 33.93 35.01
CA THR G 43 10.73 34.69 36.10
C THR G 43 10.07 34.38 37.42
N LEU G 44 8.74 34.39 37.44
CA LEU G 44 8.03 34.10 38.69
C LEU G 44 8.33 32.71 39.19
N GLN G 45 8.34 31.72 38.29
CA GLN G 45 8.67 30.37 38.69
C GLN G 45 10.07 30.29 39.25
N LEU G 46 11.02 30.98 38.64
CA LEU G 46 12.38 31.02 39.15
C LEU G 46 12.47 31.77 40.47
N GLY G 47 11.50 32.61 40.78
CA GLY G 47 11.48 33.31 42.05
C GLY G 47 12.28 34.59 42.11
N LYS G 48 12.93 35.01 41.03
CA LYS G 48 13.59 36.31 41.05
C LYS G 48 12.57 37.42 40.92
N ASP G 49 13.07 38.66 40.86
CA ASP G 49 12.24 39.84 40.94
C ASP G 49 11.77 40.25 39.55
N THR G 50 10.58 40.86 39.50
CA THR G 50 9.98 41.28 38.24
C THR G 50 10.11 42.76 37.96
N ASP G 51 10.43 43.57 38.98
CA ASP G 51 10.49 45.02 38.77
C ASP G 51 11.55 45.37 37.73
N TRP G 52 12.70 44.70 37.78
CA TRP G 52 13.76 45.02 36.84
C TRP G 52 13.33 44.74 35.41
N LEU G 53 12.61 43.63 35.19
CA LEU G 53 12.26 43.19 33.86
C LEU G 53 10.83 43.53 33.50
N LEU G 54 10.28 44.60 34.09
CA LEU G 54 8.93 45.05 33.79
C LEU G 54 8.91 46.37 33.04
N ASN G 55 9.63 47.38 33.53
CA ASN G 55 9.54 48.73 33.01
C ASN G 55 10.88 49.24 32.49
N ASP G 56 11.72 48.36 31.97
CA ASP G 56 12.97 48.79 31.37
C ASP G 56 13.16 48.12 30.03
N LEU G 57 12.60 46.92 29.88
CA LEU G 57 12.94 46.05 28.76
C LEU G 57 11.99 46.25 27.59
N ILE G 58 12.55 46.24 26.38
CA ILE G 58 11.78 46.35 25.15
C ILE G 58 12.03 45.10 24.32
N ILE G 59 10.95 44.43 23.93
CA ILE G 59 11.03 43.18 23.20
C ILE G 59 10.34 43.37 21.87
N SER G 60 10.97 42.90 20.80
CA SER G 60 10.33 42.87 19.51
C SER G 60 9.74 41.50 19.24
N ASP G 61 8.88 41.43 18.24
CA ASP G 61 8.23 40.18 17.91
C ASP G 61 9.24 39.19 17.37
N THR G 62 8.83 37.92 17.33
CA THR G 62 9.64 36.89 16.73
C THR G 62 9.46 36.91 15.22
N PHE G 63 10.55 36.71 14.50
CA PHE G 63 10.52 36.69 13.05
C PHE G 63 11.34 35.50 12.57
N PRO G 64 11.01 34.96 11.40
CA PRO G 64 11.67 33.73 10.94
C PRO G 64 12.97 34.00 10.20
N TYR G 65 13.81 32.98 10.15
CA TYR G 65 15.04 33.02 9.38
C TYR G 65 15.26 31.69 8.67
N GLU G 66 16.19 31.72 7.72
CA GLU G 66 16.54 30.54 6.94
C GLU G 66 18.06 30.37 7.05
N ASN G 67 18.62 29.54 6.16
CA ASN G 67 20.00 29.07 6.26
C ASN G 67 20.97 30.13 6.75
N GLU G 68 21.09 31.23 6.01
CA GLU G 68 21.94 32.33 6.43
C GLU G 68 21.22 33.67 6.35
N LEU G 69 19.93 33.68 6.07
CA LEU G 69 19.21 34.89 5.72
C LEU G 69 18.13 35.16 6.75
N TYR G 70 17.93 36.43 7.06
CA TYR G 70 16.96 36.86 8.06
C TYR G 70 15.78 37.56 7.38
N TYR G 71 14.69 37.69 8.12
CA TYR G 71 13.45 38.22 7.56
C TYR G 71 12.85 39.25 8.49
N LEU G 72 12.02 40.12 7.93
CA LEU G 72 11.28 41.14 8.65
C LEU G 72 9.89 41.24 8.06
N PRO G 73 8.93 41.77 8.82
CA PRO G 73 7.58 41.90 8.29
C PRO G 73 7.50 42.94 7.19
N LYS G 74 6.51 42.77 6.33
CA LYS G 74 6.32 43.67 5.21
C LYS G 74 5.82 45.03 5.70
N PRO G 75 6.53 46.12 5.43
CA PRO G 75 5.99 47.43 5.77
C PRO G 75 4.70 47.70 5.03
N LEU G 76 3.79 48.40 5.69
CA LEU G 76 2.52 48.78 5.07
C LEU G 76 2.62 50.20 4.52
N ILE G 77 3.55 50.38 3.58
CA ILE G 77 3.75 51.67 2.94
C ILE G 77 2.99 51.68 1.63
N LYS G 78 2.58 52.87 1.20
CA LYS G 78 1.82 53.01 -0.04
C LYS G 78 2.79 53.08 -1.21
N ILE G 79 3.00 51.95 -1.88
CA ILE G 79 3.75 51.94 -3.13
C ILE G 79 2.81 52.35 -4.25
N ASP G 80 3.20 53.37 -5.00
CA ASP G 80 2.35 53.95 -6.04
C ASP G 80 2.74 53.36 -7.39
N SER G 81 1.91 52.48 -7.91
CA SER G 81 2.13 51.89 -9.22
C SER G 81 1.46 52.73 -10.30
N ASP G 85 -0.58 48.74 -12.73
CA ASP G 85 -0.72 48.54 -11.29
C ASP G 85 -0.96 47.06 -11.01
N ASN G 86 0.01 46.41 -10.37
CA ASN G 86 -0.13 44.99 -10.05
C ASN G 86 -0.97 44.78 -8.80
N HIS G 87 -0.47 45.25 -7.66
CA HIS G 87 -1.14 45.12 -6.36
C HIS G 87 -1.51 43.66 -6.05
N LYS G 88 -0.91 42.71 -6.76
CA LYS G 88 -1.23 41.30 -6.62
C LYS G 88 -0.05 40.49 -6.11
N ALA G 89 1.10 40.57 -6.78
CA ALA G 89 2.27 39.85 -6.31
C ALA G 89 2.77 40.39 -4.98
N PHE G 90 2.57 41.69 -4.74
CA PHE G 90 3.00 42.27 -3.47
C PHE G 90 2.05 41.92 -2.33
N LYS G 91 0.75 41.82 -2.61
CA LYS G 91 -0.18 41.39 -1.56
C LYS G 91 0.13 39.97 -1.09
N LYS G 92 0.67 39.14 -1.98
CA LYS G 92 1.00 37.77 -1.62
C LYS G 92 2.32 37.66 -0.87
N LEU G 93 3.05 38.75 -0.71
CA LEU G 93 4.32 38.75 -0.02
C LEU G 93 4.09 39.08 1.45
N LYS G 94 4.70 38.29 2.33
CA LYS G 94 4.53 38.48 3.77
C LYS G 94 5.80 38.91 4.47
N TYR G 95 6.96 38.43 4.05
CA TYR G 95 8.22 38.80 4.67
C TYR G 95 9.25 39.16 3.61
N VAL G 96 10.03 40.18 3.89
CA VAL G 96 11.03 40.71 2.98
C VAL G 96 12.41 40.45 3.58
N PRO G 97 13.32 39.81 2.85
CA PRO G 97 14.65 39.56 3.39
C PRO G 97 15.38 40.87 3.71
N VAL G 98 16.28 40.79 4.69
CA VAL G 98 16.95 41.99 5.19
C VAL G 98 17.82 42.62 4.11
N HIS G 99 18.44 41.78 3.27
CA HIS G 99 19.29 42.29 2.20
C HIS G 99 18.54 43.27 1.31
N HIS G 100 17.24 43.10 1.16
CA HIS G 100 16.45 43.87 0.22
C HIS G 100 15.48 44.82 0.90
N TYR G 101 15.64 45.05 2.21
CA TYR G 101 14.66 45.85 2.93
C TYR G 101 14.66 47.29 2.45
N ASN G 102 15.83 47.94 2.45
CA ASN G 102 15.89 49.32 2.01
C ASN G 102 15.55 49.44 0.53
N GLN G 103 15.85 48.40 -0.25
CA GLN G 103 15.41 48.39 -1.64
C GLN G 103 13.90 48.44 -1.72
N TYR G 104 13.21 47.67 -0.87
CA TYR G 104 11.76 47.70 -0.87
C TYR G 104 11.24 49.07 -0.45
N LEU G 105 11.78 49.62 0.63
CA LEU G 105 11.27 50.90 1.10
C LEU G 105 11.57 52.05 0.15
N ASN G 106 12.42 51.83 -0.86
CA ASN G 106 12.62 52.82 -1.90
C ASN G 106 11.99 52.41 -3.22
N GLY G 107 11.08 51.43 -3.19
CA GLY G 107 10.38 51.03 -4.39
C GLY G 107 11.26 50.45 -5.46
N GLU G 108 12.32 49.75 -5.09
CA GLU G 108 13.23 49.15 -6.05
C GLU G 108 12.98 47.66 -6.26
N LEU G 109 11.89 47.13 -5.71
CA LEU G 109 11.58 45.71 -5.84
C LEU G 109 10.70 45.50 -7.06
N SER G 110 11.16 44.66 -7.99
CA SER G 110 10.41 44.38 -9.20
C SER G 110 9.45 43.21 -8.97
N ALA G 111 8.49 43.10 -9.88
CA ALA G 111 7.49 42.03 -9.76
C ALA G 111 8.15 40.66 -9.87
N GLU G 112 9.05 40.48 -10.84
CA GLU G 112 9.70 39.18 -11.00
C GLU G 112 10.58 38.85 -9.81
N ASP G 113 11.27 39.84 -9.25
CA ASP G 113 12.04 39.61 -8.04
C ASP G 113 11.13 39.24 -6.88
N ALA G 114 9.96 39.86 -6.80
CA ALA G 114 8.99 39.50 -5.78
C ALA G 114 8.54 38.05 -5.94
N THR G 115 8.30 37.63 -7.18
CA THR G 115 7.92 36.24 -7.42
C THR G 115 9.02 35.29 -7.01
N ASP G 116 10.27 35.65 -7.32
CA ASP G 116 11.40 34.80 -6.92
C ASP G 116 11.49 34.69 -5.41
N LEU G 117 11.34 35.82 -4.72
CA LEU G 117 11.36 35.81 -3.25
C LEU G 117 10.25 34.94 -2.69
N ASN G 118 9.04 35.04 -3.27
CA ASN G 118 7.94 34.21 -2.83
C ASN G 118 8.24 32.73 -3.07
N ASP G 119 8.92 32.42 -4.17
CA ASP G 119 9.26 31.03 -4.47
C ASP G 119 10.29 30.49 -3.47
N ILE G 120 11.25 31.31 -3.06
CA ILE G 120 12.38 30.83 -2.28
C ILE G 120 12.11 30.87 -0.77
N PHE G 121 10.91 31.24 -0.35
CA PHE G 121 10.65 31.60 1.03
C PHE G 121 10.26 30.38 1.88
N ASN G 122 10.45 29.17 1.37
CA ASN G 122 10.10 27.98 2.12
C ASN G 122 10.94 27.85 3.40
N ILE G 123 10.28 27.98 4.55
CA ILE G 123 10.96 27.93 5.83
C ILE G 123 10.20 27.03 6.79
N GLY G 124 9.29 26.24 6.28
CA GLY G 124 8.55 25.31 7.12
C GLY G 124 7.24 24.93 6.51
N TYR G 125 6.61 23.92 7.12
CA TYR G 125 5.35 23.40 6.63
C TYR G 125 4.43 23.11 7.82
N PHE G 126 3.17 22.87 7.50
CA PHE G 126 2.11 22.71 8.49
C PHE G 126 1.65 21.26 8.54
N SER G 127 1.16 20.85 9.71
CA SER G 127 0.71 19.48 9.89
C SER G 127 -0.41 19.45 10.93
N LEU G 128 -1.26 18.43 10.83
CA LEU G 128 -2.26 18.14 11.85
C LEU G 128 -2.04 16.72 12.34
N GLN G 129 -1.84 16.57 13.64
CA GLN G 129 -1.76 15.26 14.27
C GLN G 129 -3.05 15.01 15.05
N THR G 130 -3.68 13.88 14.78
CA THR G 130 -4.92 13.53 15.46
C THR G 130 -4.63 12.81 16.77
N LYS G 131 -5.38 13.15 17.79
CA LYS G 131 -5.19 12.59 19.12
C LYS G 131 -6.54 12.27 19.73
N VAL G 132 -6.55 11.35 20.70
CA VAL G 132 -7.77 10.88 21.33
C VAL G 132 -7.64 11.09 22.83
N SER G 133 -8.71 10.74 23.55
CA SER G 133 -8.74 10.90 25.00
C SER G 133 -9.69 9.85 25.56
N LEU G 134 -9.12 8.79 26.13
CA LEU G 134 -9.93 7.72 26.68
C LEU G 134 -10.20 7.89 28.17
N ILE G 135 -9.97 9.08 28.71
CA ILE G 135 -10.21 9.33 30.13
C ILE G 135 -11.68 9.20 30.48
N ALA G 136 -12.54 9.18 29.46
CA ALA G 136 -14.01 9.08 29.69
C ALA G 136 -14.38 7.66 30.15
N GLN G 137 -15.68 7.34 30.14
CA GLN G 137 -16.14 6.01 30.60
C GLN G 137 -15.55 4.90 29.74
N GLU G 138 -14.95 5.22 28.58
CA GLU G 138 -14.37 4.22 27.65
C GLU G 138 -13.57 3.17 28.44
N THR G 139 -12.74 3.61 29.39
CA THR G 139 -11.89 2.68 30.20
C THR G 139 -12.74 1.59 30.85
N ASP G 140 -13.99 1.90 31.23
CA ASP G 140 -14.83 0.91 31.97
C ASP G 140 -16.05 0.48 31.13
N SER G 141 -16.81 1.45 30.60
CA SER G 141 -18.06 1.10 29.87
C SER G 141 -18.04 1.64 28.43
N SER G 142 -18.95 1.14 27.57
CA SER G 142 -19.04 1.57 26.19
C SER G 142 -19.18 3.08 26.12
N ALA G 143 -18.13 3.75 25.65
CA ALA G 143 -18.12 5.20 25.54
C ALA G 143 -17.21 5.59 24.38
N ASP G 144 -17.62 6.61 23.65
CA ASP G 144 -16.87 7.02 22.48
C ASP G 144 -15.50 7.55 22.90
N SER G 145 -14.47 7.08 22.21
CA SER G 145 -13.20 7.78 22.27
C SER G 145 -13.37 9.13 21.59
N GLU G 146 -12.79 10.16 22.19
CA GLU G 146 -13.01 11.50 21.65
C GLU G 146 -11.79 11.94 20.86
N PRO G 147 -11.86 11.97 19.53
CA PRO G 147 -10.72 12.44 18.75
C PRO G 147 -10.65 13.96 18.74
N TYR G 148 -9.43 14.48 18.73
CA TYR G 148 -9.20 15.90 18.57
C TYR G 148 -7.87 16.11 17.87
N SER G 149 -7.68 17.32 17.34
CA SER G 149 -6.53 17.61 16.51
C SER G 149 -5.79 18.82 17.04
N VAL G 150 -4.48 18.85 16.81
CA VAL G 150 -3.63 19.96 17.19
C VAL G 150 -2.84 20.40 15.96
N GLY G 151 -2.67 21.71 15.80
CA GLY G 151 -1.98 22.27 14.67
C GLY G 151 -0.55 22.60 15.02
N THR G 152 0.38 21.94 14.32
CA THR G 152 1.79 22.08 14.60
C THR G 152 2.53 22.48 13.33
N PHE G 153 3.68 23.12 13.53
CA PHE G 153 4.45 23.68 12.44
C PHE G 153 5.92 23.38 12.68
N THR G 154 6.61 22.91 11.64
CA THR G 154 7.98 22.46 11.78
C THR G 154 8.87 23.22 10.81
N PHE G 155 10.16 23.27 11.16
CA PHE G 155 11.17 23.97 10.39
C PHE G 155 12.12 22.98 9.72
N GLU G 156 12.77 23.45 8.67
CA GLU G 156 13.89 22.71 8.11
C GLU G 156 15.06 22.78 9.08
N PRO G 157 16.00 21.85 8.99
CA PRO G 157 17.10 21.81 9.96
C PRO G 157 17.95 23.07 10.03
N GLU G 158 17.76 24.02 9.12
CA GLU G 158 18.56 25.25 9.10
C GLU G 158 17.67 26.48 9.20
N ALA G 159 16.65 26.44 10.04
CA ALA G 159 15.67 27.51 10.15
C ALA G 159 15.38 27.80 11.61
N GLY G 160 14.48 28.75 11.84
CA GLY G 160 14.05 29.06 13.19
C GLY G 160 13.49 30.47 13.27
N LEU G 161 13.50 30.99 14.50
CA LEU G 161 13.02 32.33 14.80
C LEU G 161 14.12 33.10 15.53
N TYR G 162 14.02 34.43 15.48
CA TYR G 162 14.98 35.28 16.18
C TYR G 162 14.27 36.47 16.80
N PHE G 163 14.96 37.13 17.71
CA PHE G 163 14.39 38.20 18.52
C PHE G 163 15.06 39.51 18.15
N ILE G 164 14.50 40.59 18.68
CA ILE G 164 15.20 41.86 18.82
C ILE G 164 14.96 42.33 20.24
N ALA G 165 16.03 42.56 20.98
CA ALA G 165 15.92 43.04 22.34
C ALA G 165 16.84 44.22 22.55
N LYS G 166 16.43 45.14 23.42
CA LYS G 166 17.28 46.28 23.72
C LYS G 166 16.97 46.79 25.11
N GLY G 167 17.95 47.47 25.69
CA GLY G 167 17.87 47.95 27.06
C GLY G 167 19.27 48.11 27.62
N SER G 168 19.32 48.45 28.90
CA SER G 168 20.60 48.56 29.56
C SER G 168 21.25 47.18 29.65
N GLU G 169 22.56 47.18 29.89
CA GLU G 169 23.29 45.92 29.88
C GLU G 169 22.86 45.00 31.02
N GLU G 170 22.53 45.56 32.18
CA GLU G 170 22.10 44.72 33.30
C GLU G 170 20.80 44.01 32.98
N THR G 171 19.85 44.73 32.38
CA THR G 171 18.60 44.09 31.97
C THR G 171 18.85 43.03 30.92
N LEU G 172 19.81 43.27 30.01
CA LEU G 172 20.12 42.27 29.01
C LEU G 172 20.70 41.02 29.66
N ASP G 173 21.55 41.19 30.67
CA ASP G 173 22.10 40.03 31.36
C ASP G 173 21.00 39.23 32.06
N HIS G 174 20.07 39.93 32.70
CA HIS G 174 18.93 39.24 33.31
C HIS G 174 18.12 38.49 32.27
N LEU G 175 17.88 39.12 31.12
CA LEU G 175 17.14 38.46 30.06
C LEU G 175 17.86 37.20 29.61
N ASN G 176 19.19 37.26 29.46
CA ASN G 176 19.94 36.10 29.02
C ASN G 176 19.84 34.97 30.04
N ASN G 177 19.92 35.31 31.32
CA ASN G 177 19.73 34.30 32.36
C ASN G 177 18.36 33.64 32.25
N ILE G 178 17.32 34.46 32.10
CA ILE G 178 15.97 33.93 32.05
C ILE G 178 15.78 33.05 30.82
N MET G 179 16.38 33.43 29.70
CA MET G 179 16.27 32.59 28.50
C MET G 179 17.01 31.27 28.68
N THR G 180 18.16 31.30 29.36
CA THR G 180 18.81 30.05 29.70
C THR G 180 17.87 29.14 30.47
N ALA G 181 17.13 29.70 31.42
CA ALA G 181 16.13 28.91 32.13
C ALA G 181 15.01 28.46 31.19
N LEU G 182 14.57 29.35 30.30
CA LEU G 182 13.36 29.15 29.53
C LEU G 182 13.51 28.16 28.39
N GLN G 183 14.72 27.95 27.89
CA GLN G 183 14.86 27.04 26.74
C GLN G 183 14.35 25.64 27.03
N TYR G 184 13.99 25.34 28.28
CA TYR G 184 13.54 24.02 28.66
C TYR G 184 12.08 23.96 29.03
N SER G 185 11.45 25.10 29.32
CA SER G 185 10.01 25.21 29.22
C SER G 185 9.67 25.38 27.75
N GLY G 186 8.41 25.67 27.45
CA GLY G 186 7.98 25.82 26.08
C GLY G 186 7.95 27.28 25.64
N LEU G 187 7.47 27.46 24.40
CA LEU G 187 7.17 28.81 23.92
C LEU G 187 5.86 28.81 23.12
N GLY G 188 5.01 27.81 23.30
CA GLY G 188 3.83 27.73 22.48
C GLY G 188 2.61 27.23 23.23
N GLY G 189 1.96 26.23 22.66
CA GLY G 189 0.69 25.76 23.16
C GLY G 189 0.87 24.57 24.07
N LYS G 190 0.64 23.37 23.55
CA LYS G 190 0.70 22.18 24.39
C LYS G 190 2.13 21.92 24.81
N ARG G 191 2.63 22.73 25.75
CA ARG G 191 4.00 22.58 26.22
C ARG G 191 4.20 21.24 26.88
N ASN G 192 3.24 20.81 27.68
CA ASN G 192 3.35 19.59 28.46
C ASN G 192 2.99 18.34 27.67
N ALA G 193 2.52 18.50 26.44
CA ALA G 193 2.13 17.37 25.60
C ALA G 193 3.20 16.97 24.61
N GLY G 194 4.38 17.54 24.71
CA GLY G 194 5.49 17.16 23.87
C GLY G 194 5.89 18.14 22.79
N TYR G 195 5.49 19.40 22.89
CA TYR G 195 5.71 20.36 21.83
C TYR G 195 6.46 21.57 22.37
N GLY G 196 7.42 22.06 21.60
CA GLY G 196 7.94 23.40 21.81
C GLY G 196 9.16 23.57 22.69
N GLN G 197 10.20 22.77 22.50
CA GLN G 197 11.46 22.97 23.18
C GLN G 197 12.50 23.45 22.17
N PHE G 198 13.39 24.34 22.62
CA PHE G 198 14.30 25.00 21.70
C PHE G 198 15.67 25.16 22.31
N GLU G 199 16.64 25.41 21.44
CA GLU G 199 17.97 25.86 21.83
C GLU G 199 18.17 27.26 21.26
N TYR G 200 18.81 28.13 22.05
CA TYR G 200 19.00 29.50 21.63
C TYR G 200 20.49 29.81 21.54
N GLU G 201 20.81 30.89 20.81
CA GLU G 201 22.18 31.34 20.66
C GLU G 201 22.16 32.83 20.41
N ILE G 202 23.14 33.54 20.97
CA ILE G 202 23.25 34.98 20.80
C ILE G 202 24.18 35.27 19.63
N ILE G 203 23.73 36.10 18.71
CA ILE G 203 24.50 36.44 17.51
C ILE G 203 24.41 37.95 17.31
N ASN G 204 25.45 38.51 16.70
CA ASN G 204 25.41 39.87 16.19
C ASN G 204 25.50 39.84 14.67
N ASN G 205 24.69 40.68 14.04
CA ASN G 205 24.70 40.80 12.58
C ASN G 205 25.00 42.24 12.22
N GLN G 206 26.01 42.42 11.37
CA GLN G 206 26.39 43.76 10.92
C GLN G 206 25.27 44.42 10.13
N GLN G 207 24.61 43.67 9.23
CA GLN G 207 23.58 44.28 8.41
C GLN G 207 22.34 44.63 9.24
N LEU G 208 21.92 43.72 10.11
CA LEU G 208 20.80 44.01 10.98
C LEU G 208 21.11 45.20 11.88
N SER G 209 22.34 45.30 12.36
CA SER G 209 22.72 46.43 13.19
C SER G 209 22.58 47.74 12.44
N LYS G 210 23.13 47.79 11.22
CA LYS G 210 23.01 49.02 10.44
C LYS G 210 21.56 49.35 10.18
N LEU G 211 20.73 48.33 9.92
CA LEU G 211 19.33 48.59 9.68
C LEU G 211 18.66 49.16 10.93
N LEU G 212 18.99 48.60 12.10
CA LEU G 212 18.33 49.02 13.33
C LEU G 212 18.80 50.39 13.81
N ASN G 213 19.96 50.87 13.35
CA ASN G 213 20.41 52.20 13.75
C ASN G 213 20.42 53.17 12.58
N GLN G 214 19.50 53.03 11.63
CA GLN G 214 19.38 53.99 10.55
C GLN G 214 18.70 55.25 11.06
N ASN G 215 18.47 56.19 10.14
CA ASN G 215 17.82 57.45 10.47
C ASN G 215 16.91 57.84 9.31
N GLY G 216 15.63 57.98 9.58
CA GLY G 216 14.67 58.34 8.55
C GLY G 216 13.53 59.18 9.09
N LYS G 217 12.50 59.40 8.27
CA LYS G 217 11.35 60.18 8.70
C LYS G 217 10.17 59.32 9.13
N HIS G 218 9.98 58.16 8.51
CA HIS G 218 8.93 57.25 8.91
C HIS G 218 9.41 56.31 10.00
N SER G 219 8.53 55.42 10.44
CA SER G 219 8.86 54.44 11.46
C SER G 219 8.12 53.15 11.16
N ILE G 220 8.78 52.02 11.42
CA ILE G 220 8.22 50.71 11.17
C ILE G 220 8.08 50.02 12.51
N LEU G 221 6.84 49.77 12.92
CA LEU G 221 6.60 49.11 14.20
C LEU G 221 6.93 47.63 14.09
N LEU G 222 7.75 47.13 15.02
CA LEU G 222 8.16 45.73 15.01
C LEU G 222 7.54 44.92 16.13
N SER G 223 6.69 45.51 16.96
CA SER G 223 6.03 44.80 18.03
C SER G 223 4.54 45.11 18.00
N THR G 224 3.82 44.57 18.96
CA THR G 224 2.40 44.83 19.10
C THR G 224 2.21 45.78 20.28
N ALA G 225 1.79 47.00 19.99
CA ALA G 225 1.68 48.03 21.01
C ALA G 225 0.37 48.77 20.88
N MET G 226 0.02 49.49 21.94
CA MET G 226 -1.12 50.40 21.96
C MET G 226 -0.71 51.64 22.73
N ALA G 227 -0.98 52.80 22.17
CA ALA G 227 -0.60 54.04 22.84
C ALA G 227 -1.42 54.22 24.11
N LYS G 228 -0.81 54.85 25.09
CA LYS G 228 -1.50 55.17 26.33
C LYS G 228 -2.57 56.23 26.05
N LYS G 229 -3.49 56.38 27.00
CA LYS G 229 -4.71 57.15 26.75
C LYS G 229 -4.44 58.54 26.20
N GLU G 230 -3.47 59.25 26.79
CA GLU G 230 -3.30 60.65 26.46
C GLU G 230 -2.46 60.90 25.22
N GLU G 231 -1.85 59.88 24.63
CA GLU G 231 -0.98 60.08 23.49
C GLU G 231 -1.52 59.49 22.20
N ILE G 232 -2.56 58.66 22.27
CA ILE G 232 -3.14 58.08 21.08
C ILE G 232 -3.69 59.15 20.14
N GLU G 233 -4.21 60.24 20.68
CA GLU G 233 -4.81 61.27 19.82
C GLU G 233 -3.77 61.85 18.88
N SER G 234 -2.59 62.14 19.38
CA SER G 234 -1.52 62.62 18.51
C SER G 234 -0.83 61.50 17.77
N ALA G 235 -1.02 60.25 18.21
CA ALA G 235 -0.33 59.14 17.57
C ALA G 235 -0.86 58.89 16.16
N LEU G 236 -2.17 59.07 15.96
CA LEU G 236 -2.83 58.68 14.73
C LEU G 236 -2.96 59.82 13.74
N LYS G 237 -2.01 60.75 13.71
CA LYS G 237 -2.09 61.86 12.76
C LYS G 237 -1.99 61.35 11.33
N GLU G 238 -1.00 60.53 11.04
CA GLU G 238 -0.83 59.93 9.72
C GLU G 238 -0.33 58.51 9.95
N ALA G 239 -1.25 57.56 10.00
CA ALA G 239 -0.92 56.20 10.36
C ALA G 239 -1.47 55.22 9.35
N ARG G 240 -0.67 54.23 8.99
CA ARG G 240 -1.12 53.06 8.24
C ARG G 240 -0.95 51.87 9.17
N TYR G 241 -2.06 51.26 9.56
CA TYR G 241 -2.02 50.24 10.60
C TYR G 241 -3.18 49.29 10.43
N ILE G 242 -3.09 48.15 11.08
CA ILE G 242 -4.21 47.22 11.23
C ILE G 242 -4.27 46.77 12.68
N LEU G 243 -5.48 46.74 13.24
CA LEU G 243 -5.66 46.26 14.59
C LEU G 243 -5.82 44.75 14.61
N THR G 244 -5.36 44.14 15.70
CA THR G 244 -5.49 42.70 15.91
C THR G 244 -6.07 42.46 17.28
N LYS G 245 -7.20 41.78 17.34
CA LYS G 245 -7.80 41.40 18.61
C LYS G 245 -6.96 40.32 19.28
N ARG G 246 -6.72 40.48 20.58
CA ARG G 246 -5.94 39.52 21.34
C ARG G 246 -6.72 39.13 22.59
N SER G 247 -7.15 37.88 22.66
CA SER G 247 -7.90 37.38 23.80
C SER G 247 -7.30 36.08 24.31
N GLY G 248 -7.98 35.41 25.22
CA GLY G 248 -7.50 34.16 25.77
C GLY G 248 -7.70 34.06 27.26
N PHE G 249 -7.48 32.89 27.84
CA PHE G 249 -7.66 32.70 29.26
C PHE G 249 -6.37 33.08 29.99
N VAL G 250 -6.31 32.78 31.28
CA VAL G 250 -5.17 33.15 32.11
C VAL G 250 -4.78 31.95 32.96
N GLN G 251 -3.54 31.94 33.43
CA GLN G 251 -2.99 30.81 34.18
C GLN G 251 -2.91 31.16 35.66
N SER G 252 -3.68 30.44 36.48
CA SER G 252 -3.68 30.56 37.95
C SER G 252 -4.02 31.98 38.41
N THR G 253 -5.27 32.37 38.15
CA THR G 253 -5.83 33.62 38.66
C THR G 253 -6.98 33.41 39.64
N ASN G 254 -7.75 32.35 39.50
CA ASN G 254 -8.82 32.07 40.45
C ASN G 254 -9.09 30.57 40.44
N TYR G 255 -10.18 30.16 41.07
CA TYR G 255 -10.47 28.74 41.19
C TYR G 255 -10.76 28.12 39.83
N SER G 256 -11.65 28.74 39.07
CA SER G 256 -12.13 28.15 37.83
C SER G 256 -11.38 28.72 36.64
N GLU G 257 -10.62 27.88 35.94
CA GLU G 257 -10.01 28.30 34.69
C GLU G 257 -11.09 28.67 33.67
N MET G 258 -12.14 27.84 33.59
CA MET G 258 -13.21 28.08 32.61
C MET G 258 -14.10 29.26 32.98
N LEU G 259 -13.94 29.82 34.18
CA LEU G 259 -14.60 31.07 34.52
C LEU G 259 -13.68 32.28 34.39
N VAL G 260 -12.37 32.09 34.36
CA VAL G 260 -11.43 33.18 34.20
C VAL G 260 -11.06 33.32 32.74
N LYS G 261 -11.21 34.53 32.22
CA LYS G 261 -10.91 34.84 30.83
C LYS G 261 -10.46 36.28 30.78
N LYS G 262 -9.32 36.53 30.16
CA LYS G 262 -8.78 37.88 30.13
C LYS G 262 -9.70 38.79 29.35
N SER G 263 -9.71 40.07 29.72
CA SER G 263 -10.49 41.04 28.98
C SER G 263 -9.93 41.20 27.57
N ASP G 264 -10.82 41.38 26.61
CA ASP G 264 -10.38 41.56 25.24
C ASP G 264 -9.53 42.81 25.11
N PHE G 265 -8.50 42.74 24.30
CA PHE G 265 -7.60 43.85 24.10
C PHE G 265 -7.26 43.98 22.63
N TYR G 266 -7.04 45.21 22.19
CA TYR G 266 -6.72 45.50 20.81
C TYR G 266 -5.40 46.24 20.72
N SER G 267 -4.56 45.87 19.76
CA SER G 267 -3.26 46.47 19.59
C SER G 267 -2.90 46.50 18.12
N PHE G 268 -2.06 47.45 17.74
CA PHE G 268 -1.60 47.53 16.36
C PHE G 268 -0.73 46.32 16.02
N SER G 269 -0.68 45.99 14.74
CA SER G 269 0.05 44.82 14.29
C SER G 269 1.54 45.14 14.22
N SER G 270 2.31 44.28 13.56
CA SER G 270 3.76 44.34 13.56
C SER G 270 4.31 44.91 12.26
N GLY G 271 3.51 45.66 11.52
CA GLY G 271 3.99 46.22 10.27
C GLY G 271 3.50 47.63 10.06
N SER G 272 2.79 48.15 11.05
CA SER G 272 2.20 49.47 10.93
C SER G 272 3.28 50.54 10.81
N VAL G 273 2.93 51.63 10.14
CA VAL G 273 3.81 52.76 9.93
C VAL G 273 3.21 53.97 10.62
N PHE G 274 4.03 54.67 11.40
CA PHE G 274 3.57 55.85 12.13
C PHE G 274 4.43 57.06 11.80
N LYS G 275 3.86 58.24 12.07
CA LYS G 275 4.56 59.51 11.93
C LYS G 275 4.90 60.16 13.26
N ASN G 276 4.15 59.87 14.32
CA ASN G 276 4.41 60.41 15.65
C ASN G 276 4.72 59.23 16.56
N ILE G 277 5.98 59.11 16.97
CA ILE G 277 6.39 58.05 17.87
C ILE G 277 5.70 58.22 19.22
N PHE G 278 5.22 57.10 19.75
CA PHE G 278 4.61 57.08 21.08
C PHE G 278 5.30 55.99 21.90
N ASN G 279 5.15 56.10 23.21
CA ASN G 279 5.60 55.07 24.13
C ASN G 279 4.41 54.29 24.66
N GLY G 280 4.51 52.98 24.64
CA GLY G 280 3.43 52.12 25.09
C GLY G 280 3.45 51.96 26.60
N ASP G 281 2.83 50.87 27.05
CA ASP G 281 2.75 50.59 28.47
C ASP G 281 2.32 49.15 28.62
N ILE G 282 2.55 48.59 29.80
CA ILE G 282 2.12 47.23 30.13
C ILE G 282 0.71 47.36 30.69
N PHE G 283 -0.27 47.34 29.81
CA PHE G 283 -1.65 47.53 30.21
C PHE G 283 -2.12 46.38 31.08
N ASN G 284 -2.96 46.70 32.05
CA ASN G 284 -3.57 45.70 32.91
C ASN G 284 -4.88 45.23 32.30
N VAL G 285 -5.07 43.91 32.25
CA VAL G 285 -6.26 43.35 31.63
C VAL G 285 -6.96 42.42 32.63
N GLY G 286 -6.86 42.76 33.91
CA GLY G 286 -7.45 41.94 34.96
C GLY G 286 -8.68 42.55 35.59
N HIS G 287 -9.48 41.68 36.20
CA HIS G 287 -10.68 42.03 36.94
C HIS G 287 -11.15 40.77 37.66
N ASN G 288 -11.69 40.93 38.85
CA ASN G 288 -12.15 39.79 39.65
C ASN G 288 -11.01 38.79 39.88
N GLY G 289 -9.80 39.31 40.12
CA GLY G 289 -8.64 38.45 40.23
C GLY G 289 -7.83 38.73 41.48
N LYS G 290 -6.99 37.76 41.83
CA LYS G 290 -6.13 37.89 43.00
C LYS G 290 -4.80 38.57 42.69
N HIS G 291 -4.28 38.38 41.49
CA HIS G 291 -3.04 39.03 41.10
C HIS G 291 -3.20 39.67 39.73
N PRO G 292 -2.51 40.79 39.49
CA PRO G 292 -2.66 41.47 38.20
C PRO G 292 -2.14 40.62 37.06
N VAL G 293 -2.78 40.75 35.91
CA VAL G 293 -2.37 40.08 34.69
C VAL G 293 -1.96 41.14 33.68
N TYR G 294 -0.84 40.91 33.01
CA TYR G 294 -0.20 41.91 32.18
C TYR G 294 -0.29 41.54 30.71
N ARG G 295 -0.24 42.56 29.86
CA ARG G 295 -0.08 42.36 28.43
C ARG G 295 0.89 43.39 27.91
N TYR G 296 1.83 42.96 27.08
CA TYR G 296 2.95 43.80 26.66
C TYR G 296 2.57 44.63 25.45
N ALA G 297 2.60 45.95 25.60
CA ALA G 297 2.37 46.87 24.49
C ALA G 297 3.42 47.97 24.62
N LYS G 298 4.56 47.77 23.98
CA LYS G 298 5.61 48.75 24.00
C LYS G 298 6.35 48.62 22.67
N PRO G 299 6.51 49.71 21.94
CA PRO G 299 7.02 49.63 20.58
C PRO G 299 8.53 49.43 20.52
N LEU G 300 8.98 48.96 19.35
CA LEU G 300 10.40 48.88 19.03
C LEU G 300 10.54 49.33 17.58
N TRP G 301 10.94 50.58 17.39
CA TRP G 301 10.93 51.20 16.09
C TRP G 301 12.20 50.94 15.29
N LEU G 302 12.08 50.98 13.97
CA LEU G 302 13.21 51.14 13.08
C LEU G 302 12.90 52.30 12.15
N GLU G 303 13.84 53.25 12.07
CA GLU G 303 13.56 54.57 11.51
C GLU G 303 13.98 54.62 10.04
N VAL G 304 13.05 54.25 9.17
CA VAL G 304 13.21 54.47 7.73
C VAL G 304 11.87 54.25 7.04
N MET H 1 38.38 -25.28 -7.40
CA MET H 1 39.79 -24.93 -7.38
C MET H 1 40.33 -24.85 -8.80
N THR H 2 39.60 -25.47 -9.74
CA THR H 2 39.69 -25.33 -11.20
C THR H 2 41.07 -25.65 -11.74
N PHE H 3 42.00 -26.02 -10.85
CA PHE H 3 43.29 -26.50 -11.33
C PHE H 3 43.11 -27.82 -12.07
N ALA H 4 42.03 -28.54 -11.76
CA ALA H 4 41.63 -29.67 -12.59
C ALA H 4 41.28 -29.22 -14.00
N HIS H 5 40.57 -28.10 -14.12
CA HIS H 5 40.29 -27.58 -15.45
C HIS H 5 41.59 -27.25 -16.17
N GLU H 6 42.54 -26.65 -15.45
CA GLU H 6 43.81 -26.30 -16.07
C GLU H 6 44.55 -27.54 -16.54
N VAL H 7 44.58 -28.59 -15.73
CA VAL H 7 45.32 -29.78 -16.13
C VAL H 7 44.63 -30.46 -17.31
N VAL H 8 43.30 -30.44 -17.33
CA VAL H 8 42.59 -31.09 -18.43
C VAL H 8 42.86 -30.35 -19.74
N LYS H 9 42.82 -29.01 -19.70
CA LYS H 9 43.26 -28.25 -20.88
C LYS H 9 44.70 -28.55 -21.25
N SER H 10 45.58 -28.73 -20.27
CA SER H 10 46.95 -29.07 -20.61
C SER H 10 47.07 -30.50 -21.14
N ASN H 11 46.02 -31.31 -20.99
CA ASN H 11 46.06 -32.70 -21.39
C ASN H 11 45.39 -32.99 -22.71
N VAL H 12 44.97 -31.97 -23.44
CA VAL H 12 44.40 -32.14 -24.78
C VAL H 12 45.56 -32.01 -25.75
N LYS H 13 46.08 -33.15 -26.20
CA LYS H 13 47.30 -33.19 -27.00
C LYS H 13 47.00 -33.50 -28.45
N ASN H 14 47.86 -33.02 -29.32
CA ASN H 14 47.71 -33.20 -30.77
C ASN H 14 48.34 -34.53 -31.19
N GLN H 24 42.83 -35.30 -32.32
CA GLN H 24 43.28 -35.05 -30.96
C GLN H 24 42.92 -36.21 -30.04
N VAL H 25 43.61 -36.30 -28.90
CA VAL H 25 43.44 -37.37 -27.93
C VAL H 25 43.22 -36.78 -26.55
N LEU H 26 42.66 -37.59 -25.66
CA LEU H 26 42.42 -37.20 -24.29
C LEU H 26 43.23 -38.09 -23.37
N PHE H 27 44.20 -37.50 -22.67
CA PHE H 27 45.10 -38.25 -21.80
C PHE H 27 45.77 -39.40 -22.53
N ASN H 28 45.95 -39.22 -23.84
CA ASN H 28 46.57 -40.23 -24.71
C ASN H 28 45.84 -41.57 -24.58
N GLY H 29 44.58 -41.56 -25.01
CA GLY H 29 43.79 -42.77 -25.08
C GLY H 29 42.83 -43.01 -23.94
N LEU H 30 42.63 -42.05 -23.05
CA LEU H 30 41.65 -42.19 -21.99
C LEU H 30 40.26 -41.79 -22.47
N THR H 31 39.27 -42.62 -22.14
CA THR H 31 37.88 -42.35 -22.46
C THR H 31 37.08 -42.30 -21.17
N THR H 32 35.95 -41.59 -21.22
CA THR H 32 35.11 -41.47 -20.03
C THR H 32 34.60 -42.83 -19.57
N SER H 33 34.37 -43.76 -20.50
CA SER H 33 33.91 -45.07 -20.10
C SER H 33 35.00 -45.92 -19.47
N LYS H 34 36.27 -45.57 -19.72
CA LYS H 34 37.32 -46.20 -18.93
C LYS H 34 37.16 -45.86 -17.45
N LEU H 35 36.40 -44.81 -17.14
CA LEU H 35 36.24 -44.30 -15.80
C LEU H 35 35.03 -44.89 -15.09
N ARG H 36 34.28 -45.76 -15.77
CA ARG H 36 33.03 -46.32 -15.23
C ARG H 36 33.16 -46.79 -13.79
N ASN H 37 33.99 -47.82 -13.58
CA ASN H 37 34.20 -48.34 -12.23
C ASN H 37 34.62 -47.23 -11.28
N LEU H 38 35.40 -46.27 -11.78
CA LEU H 38 35.87 -45.21 -10.91
C LEU H 38 34.71 -44.39 -10.35
N MET H 39 33.97 -43.71 -11.24
CA MET H 39 32.95 -42.84 -10.66
C MET H 39 31.87 -43.66 -9.98
N GLU H 40 31.68 -44.92 -10.36
CA GLU H 40 30.73 -45.75 -9.64
C GLU H 40 31.16 -45.93 -8.19
N GLN H 41 32.44 -46.22 -7.98
CA GLN H 41 32.92 -46.37 -6.62
C GLN H 41 32.79 -45.07 -5.84
N VAL H 42 33.17 -43.95 -6.46
CA VAL H 42 33.14 -42.70 -5.68
C VAL H 42 31.70 -42.32 -5.36
N ASN H 43 30.78 -42.56 -6.29
CA ASN H 43 29.39 -42.24 -6.04
C ASN H 43 28.78 -43.15 -5.00
N ARG H 44 29.19 -44.41 -4.99
CA ARG H 44 28.68 -45.32 -3.97
C ARG H 44 29.13 -44.86 -2.59
N LEU H 45 30.42 -44.51 -2.49
CA LEU H 45 30.91 -43.93 -1.26
C LEU H 45 30.24 -42.60 -0.96
N TYR H 46 29.91 -41.85 -2.00
CA TYR H 46 29.23 -40.57 -1.84
C TYR H 46 27.91 -40.77 -1.12
N THR H 47 27.16 -41.78 -1.52
CA THR H 47 25.90 -42.07 -0.86
C THR H 47 26.13 -42.49 0.58
N ILE H 48 27.02 -43.46 0.80
CA ILE H 48 27.18 -43.98 2.16
C ILE H 48 27.68 -42.90 3.10
N ALA H 49 28.43 -41.92 2.59
CA ALA H 49 28.93 -40.86 3.44
C ALA H 49 27.88 -39.76 3.65
N PHE H 50 27.16 -39.41 2.59
CA PHE H 50 26.11 -38.42 2.69
C PHE H 50 25.01 -38.86 3.65
N ASN H 51 24.86 -40.17 3.86
CA ASN H 51 23.96 -40.66 4.88
C ASN H 51 24.46 -40.32 6.29
N SER H 52 25.77 -40.25 6.48
CA SER H 52 26.32 -40.08 7.82
C SER H 52 26.00 -38.70 8.38
N ASN H 53 26.10 -38.58 9.70
CA ASN H 53 25.79 -37.34 10.41
C ASN H 53 27.05 -36.58 10.82
N GLU H 54 27.94 -37.22 11.58
CA GLU H 54 29.11 -36.54 12.10
C GLU H 54 30.21 -36.46 11.05
N ASP H 55 31.06 -35.44 11.18
CA ASP H 55 32.20 -35.30 10.28
C ASP H 55 33.30 -36.31 10.58
N GLN H 56 33.40 -36.76 11.83
CA GLN H 56 34.34 -37.80 12.20
C GLN H 56 34.00 -39.08 11.43
N LEU H 57 34.88 -39.48 10.52
CA LEU H 57 34.57 -40.58 9.62
C LEU H 57 34.41 -41.89 10.36
N ASN H 58 33.53 -42.74 9.84
CA ASN H 58 33.40 -44.11 10.30
C ASN H 58 34.65 -44.88 9.93
N GLU H 59 34.96 -45.92 10.70
CA GLU H 59 36.18 -46.66 10.42
C GLU H 59 35.98 -47.79 9.42
N GLU H 60 34.77 -48.37 9.28
CA GLU H 60 34.55 -49.11 8.05
C GLU H 60 34.54 -48.18 6.86
N PHE H 61 34.25 -46.89 7.07
CA PHE H 61 34.43 -45.92 6.00
C PHE H 61 35.91 -45.76 5.67
N ILE H 62 36.77 -45.84 6.69
CA ILE H 62 38.20 -45.87 6.43
C ILE H 62 38.57 -47.09 5.61
N ASP H 63 38.00 -48.24 5.97
CA ASP H 63 38.22 -49.45 5.19
C ASP H 63 37.75 -49.27 3.75
N GLU H 64 36.62 -48.59 3.57
CA GLU H 64 36.08 -48.37 2.23
C GLU H 64 36.98 -47.44 1.42
N LEU H 65 37.56 -46.43 2.07
CA LEU H 65 38.53 -45.58 1.38
C LEU H 65 39.75 -46.39 0.97
N GLU H 66 40.20 -47.29 1.84
CA GLU H 66 41.30 -48.18 1.48
C GLU H 66 40.93 -49.00 0.25
N TYR H 67 39.72 -49.55 0.24
CA TYR H 67 39.24 -50.32 -0.90
C TYR H 67 39.18 -49.47 -2.15
N LEU H 68 38.87 -48.19 -1.99
CA LEU H 68 38.87 -47.29 -3.13
C LEU H 68 40.27 -47.14 -3.69
N LYS H 69 41.25 -46.98 -2.80
CA LYS H 69 42.64 -46.94 -3.25
C LYS H 69 43.04 -48.23 -3.93
N ILE H 70 42.47 -49.36 -3.47
CA ILE H 70 42.66 -50.63 -4.16
C ILE H 70 42.19 -50.51 -5.60
N LYS H 71 40.97 -50.02 -5.79
CA LYS H 71 40.47 -49.86 -7.16
C LYS H 71 41.38 -48.95 -7.97
N PHE H 72 41.92 -47.91 -7.33
CA PHE H 72 42.79 -47.00 -8.08
C PHE H 72 44.03 -47.71 -8.61
N TYR H 73 44.74 -48.39 -7.72
CA TYR H 73 45.98 -49.12 -8.11
C TYR H 73 45.66 -50.19 -9.15
N TYR H 74 44.47 -50.79 -9.11
CA TYR H 74 44.18 -51.86 -10.04
C TYR H 74 43.82 -51.32 -11.43
N GLU H 75 42.98 -50.29 -11.47
CA GLU H 75 42.71 -49.62 -12.73
C GLU H 75 43.98 -49.12 -13.37
N ALA H 76 44.89 -48.54 -12.58
CA ALA H 76 46.16 -48.09 -13.12
C ALA H 76 46.93 -49.25 -13.72
N GLY H 77 46.87 -50.40 -13.07
CA GLY H 77 47.57 -51.57 -13.58
C GLY H 77 47.03 -52.04 -14.91
N ARG H 78 45.71 -51.93 -15.10
CA ARG H 78 45.15 -52.43 -16.34
C ARG H 78 45.61 -51.62 -17.54
N GLU H 79 45.49 -50.30 -17.48
CA GLU H 79 45.67 -49.46 -18.65
C GLU H 79 46.73 -48.40 -18.41
N LYS H 80 47.48 -48.10 -19.46
CA LYS H 80 48.53 -47.09 -19.36
C LYS H 80 47.95 -45.68 -19.30
N SER H 81 46.90 -45.40 -20.08
CA SER H 81 46.28 -44.09 -20.03
C SER H 81 45.67 -43.84 -18.66
N VAL H 82 45.05 -44.87 -18.07
CA VAL H 82 44.52 -44.74 -16.72
C VAL H 82 45.65 -44.44 -15.75
N ASP H 83 46.81 -45.08 -15.94
CA ASP H 83 47.96 -44.82 -15.08
C ASP H 83 48.40 -43.36 -15.20
N GLU H 84 48.49 -42.85 -16.42
CA GLU H 84 48.91 -41.47 -16.63
C GLU H 84 47.93 -40.50 -15.98
N PHE H 85 46.63 -40.73 -16.20
CA PHE H 85 45.61 -39.89 -15.59
C PHE H 85 45.71 -39.91 -14.07
N LEU H 86 45.76 -41.11 -13.48
CA LEU H 86 45.81 -41.20 -12.03
C LEU H 86 47.10 -40.66 -11.45
N LYS H 87 48.17 -40.60 -12.23
CA LYS H 87 49.40 -40.06 -11.64
C LYS H 87 49.47 -38.54 -11.74
N LYS H 88 49.23 -37.96 -12.92
CA LYS H 88 49.50 -36.53 -13.06
C LYS H 88 48.56 -35.69 -12.21
N THR H 89 47.26 -35.97 -12.29
CA THR H 89 46.28 -35.15 -11.59
C THR H 89 46.21 -35.47 -10.11
N LEU H 90 47.05 -36.37 -9.62
CA LEU H 90 47.37 -36.50 -8.20
C LEU H 90 46.14 -36.84 -7.36
N MET H 91 45.37 -37.83 -7.83
CA MET H 91 44.40 -38.50 -6.97
C MET H 91 45.08 -39.03 -5.72
N PHE H 92 46.32 -39.45 -5.85
CA PHE H 92 46.86 -40.41 -4.91
C PHE H 92 47.30 -39.73 -3.61
N PRO H 93 48.04 -38.62 -3.63
CA PRO H 93 48.28 -37.91 -2.35
C PRO H 93 47.00 -37.39 -1.71
N ILE H 94 46.01 -36.95 -2.50
CA ILE H 94 44.82 -36.41 -1.88
C ILE H 94 44.04 -37.52 -1.18
N ILE H 95 43.98 -38.70 -1.78
CA ILE H 95 43.38 -39.83 -1.06
C ILE H 95 44.18 -40.13 0.20
N ASP H 96 45.50 -40.09 0.12
CA ASP H 96 46.30 -40.39 1.30
C ASP H 96 46.01 -39.42 2.43
N ARG H 97 45.94 -38.13 2.11
CA ARG H 97 45.68 -37.13 3.15
C ARG H 97 44.25 -37.21 3.67
N VAL H 98 43.30 -37.60 2.82
CA VAL H 98 41.94 -37.83 3.32
C VAL H 98 41.94 -38.98 4.30
N ILE H 99 42.66 -40.06 3.98
CA ILE H 99 42.76 -41.17 4.92
C ILE H 99 43.42 -40.71 6.21
N LYS H 100 44.39 -39.81 6.11
CA LYS H 100 45.10 -39.34 7.29
C LYS H 100 44.29 -38.35 8.11
N LYS H 101 43.29 -37.69 7.52
CA LYS H 101 42.61 -36.58 8.18
C LYS H 101 41.32 -36.97 8.88
N GLU H 102 40.61 -37.98 8.39
CA GLU H 102 39.33 -38.41 8.97
C GLU H 102 38.33 -37.26 9.04
N SER H 103 38.06 -36.64 7.90
CA SER H 103 37.13 -35.51 7.82
C SER H 103 36.14 -35.76 6.70
N LYS H 104 34.86 -35.61 7.00
CA LYS H 104 33.82 -35.92 6.02
C LYS H 104 33.70 -34.82 4.97
N LYS H 105 33.61 -33.57 5.42
CA LYS H 105 33.43 -32.47 4.49
C LYS H 105 34.54 -32.43 3.45
N PHE H 106 35.78 -32.71 3.87
CA PHE H 106 36.85 -32.77 2.90
C PHE H 106 36.68 -33.95 1.96
N PHE H 107 36.06 -35.03 2.44
CA PHE H 107 35.75 -36.14 1.54
C PHE H 107 34.79 -35.71 0.45
N LEU H 108 33.74 -34.97 0.81
CA LEU H 108 32.86 -34.47 -0.24
C LEU H 108 33.58 -33.45 -1.13
N ASP H 109 34.53 -32.70 -0.58
CA ASP H 109 35.31 -31.80 -1.41
C ASP H 109 36.05 -32.58 -2.48
N TYR H 110 36.69 -33.68 -2.08
CA TYR H 110 37.32 -34.56 -3.07
C TYR H 110 36.31 -35.11 -4.06
N CYS H 111 35.09 -35.39 -3.58
CA CYS H 111 34.07 -35.94 -4.47
C CYS H 111 33.72 -34.96 -5.58
N LYS H 112 33.48 -33.70 -5.18
CA LYS H 112 33.18 -32.64 -6.18
C LYS H 112 34.42 -32.46 -7.08
N TYR H 113 35.63 -32.63 -6.52
CA TYR H 113 36.83 -32.55 -7.34
C TYR H 113 36.79 -33.56 -8.48
N PHE H 114 36.57 -34.83 -8.14
CA PHE H 114 36.57 -35.86 -9.17
C PHE H 114 35.42 -35.65 -10.13
N GLU H 115 34.26 -35.23 -9.62
CA GLU H 115 33.13 -34.96 -10.51
C GLU H 115 33.43 -33.80 -11.46
N ALA H 116 34.18 -32.81 -10.99
CA ALA H 116 34.60 -31.72 -11.86
C ALA H 116 35.49 -32.25 -12.97
N LEU H 117 36.46 -33.09 -12.61
CA LEU H 117 37.27 -33.74 -13.63
C LEU H 117 36.40 -34.44 -14.66
N VAL H 118 35.44 -35.25 -14.17
CA VAL H 118 34.62 -36.06 -15.06
C VAL H 118 33.83 -35.17 -16.01
N ALA H 119 33.16 -34.15 -15.48
CA ALA H 119 32.33 -33.29 -16.30
C ALA H 119 33.16 -32.54 -17.33
N TYR H 120 34.26 -31.93 -16.88
CA TYR H 120 35.08 -31.17 -17.81
C TYR H 120 35.64 -32.05 -18.91
N ALA H 121 36.12 -33.25 -18.55
CA ALA H 121 36.58 -34.17 -19.57
C ALA H 121 35.44 -34.54 -20.52
N LYS H 122 34.24 -34.73 -19.98
CA LYS H 122 33.11 -35.10 -20.82
C LYS H 122 32.85 -34.04 -21.87
N TYR H 123 32.87 -32.76 -21.47
CA TYR H 123 32.78 -31.71 -22.47
C TYR H 123 34.05 -31.59 -23.29
N TYR H 124 35.18 -32.14 -22.84
CA TYR H 124 36.48 -31.98 -23.58
C TYR H 124 36.83 -33.32 -24.25
N GLN H 125 36.20 -33.63 -25.38
CA GLN H 125 36.32 -34.93 -26.02
C GLN H 125 36.28 -34.78 -27.54
N LYS H 126 36.62 -35.87 -28.21
CA LYS H 126 36.51 -36.01 -29.65
C LYS H 126 35.11 -35.67 -30.16
N MET I 1 18.45 -4.92 -17.41
CA MET I 1 19.40 -4.48 -18.43
C MET I 1 18.89 -4.82 -19.82
N THR I 2 17.95 -5.78 -19.87
CA THR I 2 17.07 -6.12 -20.99
C THR I 2 17.85 -6.50 -22.25
N PHE I 3 19.17 -6.47 -22.18
CA PHE I 3 19.96 -6.99 -23.29
C PHE I 3 19.73 -8.48 -23.44
N ALA I 4 19.34 -9.14 -22.35
CA ALA I 4 18.85 -10.50 -22.44
C ALA I 4 17.60 -10.58 -23.29
N HIS I 5 16.68 -9.63 -23.12
CA HIS I 5 15.51 -9.61 -23.98
C HIS I 5 15.92 -9.43 -25.43
N GLU I 6 16.88 -8.55 -25.68
CA GLU I 6 17.34 -8.33 -27.05
C GLU I 6 17.94 -9.59 -27.65
N VAL I 7 18.76 -10.30 -26.88
CA VAL I 7 19.38 -11.50 -27.43
C VAL I 7 18.34 -12.59 -27.67
N VAL I 8 17.34 -12.68 -26.79
CA VAL I 8 16.33 -13.71 -26.98
C VAL I 8 15.51 -13.43 -28.23
N LYS I 9 15.12 -12.17 -28.43
CA LYS I 9 14.50 -11.80 -29.71
C LYS I 9 15.40 -12.09 -30.90
N SER I 10 16.71 -11.87 -30.76
CA SER I 10 17.59 -12.20 -31.86
C SER I 10 17.75 -13.70 -32.03
N ASN I 11 17.31 -14.50 -31.07
CA ASN I 11 17.50 -15.94 -31.10
C ASN I 11 16.26 -16.70 -31.53
N VAL I 12 15.21 -16.02 -31.97
CA VAL I 12 14.02 -16.67 -32.50
C VAL I 12 14.22 -16.78 -34.00
N LYS I 13 14.65 -17.96 -34.45
CA LYS I 13 15.06 -18.16 -35.83
C LYS I 13 14.01 -18.97 -36.60
N ASN I 14 13.97 -18.74 -37.91
CA ASN I 14 13.02 -19.40 -38.79
C ASN I 14 13.59 -20.73 -39.26
N GLN I 24 9.07 -22.27 -36.18
CA GLN I 24 10.18 -21.55 -35.55
C GLN I 24 10.81 -22.36 -34.44
N VAL I 25 12.05 -22.00 -34.09
CA VAL I 25 12.82 -22.71 -33.08
C VAL I 25 13.35 -21.71 -32.07
N LEU I 26 13.74 -22.23 -30.90
CA LEU I 26 14.29 -21.41 -29.82
C LEU I 26 15.70 -21.89 -29.55
N PHE I 27 16.69 -21.02 -29.83
CA PHE I 27 18.11 -21.36 -29.67
C PHE I 27 18.45 -22.63 -30.42
N ASN I 28 17.73 -22.90 -31.51
CA ASN I 28 17.92 -24.08 -32.34
C ASN I 28 17.84 -25.35 -31.50
N GLY I 29 16.65 -25.59 -30.96
CA GLY I 29 16.37 -26.81 -30.24
C GLY I 29 16.45 -26.73 -28.72
N LEU I 30 16.58 -25.54 -28.15
CA LEU I 30 16.57 -25.40 -26.70
C LEU I 30 15.14 -25.30 -26.18
N THR I 31 14.85 -26.04 -25.11
CA THR I 31 13.56 -26.01 -24.45
C THR I 31 13.75 -25.59 -23.00
N THR I 32 12.70 -25.03 -22.41
CA THR I 32 12.79 -24.60 -21.02
C THR I 32 13.08 -25.76 -20.09
N SER I 33 12.60 -26.96 -20.42
CA SER I 33 12.88 -28.10 -19.56
C SER I 33 14.31 -28.59 -19.70
N LYS I 34 14.99 -28.25 -20.80
CA LYS I 34 16.42 -28.50 -20.81
C LYS I 34 17.13 -27.70 -19.73
N LEU I 35 16.48 -26.67 -19.20
CA LEU I 35 17.05 -25.75 -18.23
C LEU I 35 16.77 -26.17 -16.79
N ARG I 36 16.03 -27.28 -16.59
CA ARG I 36 15.61 -27.71 -15.26
C ARG I 36 16.74 -27.67 -14.25
N ASN I 37 17.76 -28.50 -14.45
CA ASN I 37 18.89 -28.53 -13.54
C ASN I 37 19.49 -27.13 -13.36
N LEU I 38 19.47 -26.33 -14.43
CA LEU I 38 20.06 -25.00 -14.35
C LEU I 38 19.32 -24.16 -13.33
N MET I 39 18.04 -23.86 -13.57
CA MET I 39 17.40 -22.93 -12.65
C MET I 39 17.28 -23.56 -11.27
N GLU I 40 17.25 -24.89 -11.17
CA GLU I 40 17.23 -25.51 -9.85
C GLU I 40 18.49 -25.16 -9.08
N GLN I 41 19.65 -25.26 -9.74
CA GLN I 41 20.89 -24.91 -9.06
C GLN I 41 20.91 -23.43 -8.68
N VAL I 42 20.49 -22.55 -9.59
CA VAL I 42 20.59 -21.13 -9.27
C VAL I 42 19.64 -20.78 -8.14
N ASN I 43 18.45 -21.39 -8.13
CA ASN I 43 17.49 -21.11 -7.07
C ASN I 43 17.96 -21.67 -5.74
N ARG I 44 18.62 -22.82 -5.76
CA ARG I 44 19.13 -23.38 -4.52
C ARG I 44 20.18 -22.45 -3.94
N LEU I 45 21.09 -21.99 -4.80
CA LEU I 45 22.07 -20.99 -4.38
C LEU I 45 21.39 -19.69 -3.97
N TYR I 46 20.29 -19.35 -4.63
CA TYR I 46 19.52 -18.16 -4.31
C TYR I 46 19.06 -18.20 -2.86
N THR I 47 18.54 -19.35 -2.44
CA THR I 47 18.11 -19.51 -1.07
C THR I 47 19.29 -19.40 -0.12
N ILE I 48 20.35 -20.17 -0.37
CA ILE I 48 21.45 -20.20 0.58
C ILE I 48 22.11 -18.82 0.70
N ALA I 49 22.05 -18.02 -0.36
CA ALA I 49 22.66 -16.69 -0.29
C ALA I 49 21.71 -15.68 0.34
N PHE I 50 20.43 -15.76 0.01
CA PHE I 50 19.43 -14.87 0.60
C PHE I 50 19.35 -15.06 2.12
N ASN I 51 19.74 -16.24 2.62
CA ASN I 51 19.85 -16.43 4.06
C ASN I 51 20.99 -15.60 4.65
N SER I 52 22.07 -15.36 3.89
CA SER I 52 23.25 -14.72 4.43
C SER I 52 22.97 -13.26 4.78
N ASN I 53 23.83 -12.70 5.61
CA ASN I 53 23.70 -11.33 6.09
C ASN I 53 24.65 -10.37 5.38
N GLU I 54 25.96 -10.64 5.45
CA GLU I 54 26.96 -9.74 4.89
C GLU I 54 27.08 -9.92 3.38
N ASP I 55 27.50 -8.85 2.70
CA ASP I 55 27.72 -8.94 1.27
C ASP I 55 29.00 -9.69 0.93
N GLN I 56 29.98 -9.69 1.83
CA GLN I 56 31.19 -10.48 1.66
C GLN I 56 30.83 -11.96 1.59
N LEU I 57 31.02 -12.58 0.43
CA LEU I 57 30.54 -13.93 0.22
C LEU I 57 31.26 -14.93 1.12
N ASN I 58 30.52 -15.97 1.49
CA ASN I 58 31.10 -17.11 2.18
C ASN I 58 32.00 -17.87 1.22
N GLU I 59 33.01 -18.55 1.76
CA GLU I 59 33.94 -19.24 0.88
C GLU I 59 33.48 -20.66 0.52
N GLU I 60 32.67 -21.34 1.35
CA GLU I 60 31.96 -22.47 0.78
C GLU I 60 30.95 -21.99 -0.25
N PHE I 61 30.51 -20.73 -0.14
CA PHE I 61 29.69 -20.17 -1.21
C PHE I 61 30.53 -20.01 -2.48
N ILE I 62 31.82 -19.68 -2.33
CA ILE I 62 32.72 -19.67 -3.48
C ILE I 62 32.82 -21.07 -4.07
N ASP I 63 32.94 -22.07 -3.21
CA ASP I 63 32.96 -23.45 -3.68
C ASP I 63 31.67 -23.79 -4.42
N GLU I 64 30.54 -23.31 -3.91
CA GLU I 64 29.25 -23.59 -4.54
C GLU I 64 29.15 -22.92 -5.90
N LEU I 65 29.69 -21.71 -6.03
CA LEU I 65 29.73 -21.06 -7.34
C LEU I 65 30.60 -21.85 -8.31
N GLU I 66 31.73 -22.38 -7.81
CA GLU I 66 32.55 -23.24 -8.64
C GLU I 66 31.76 -24.46 -9.10
N TYR I 67 31.01 -25.07 -8.18
CA TYR I 67 30.19 -26.21 -8.52
C TYR I 67 29.11 -25.83 -9.53
N LEU I 68 28.63 -24.60 -9.45
CA LEU I 68 27.67 -24.14 -10.44
C LEU I 68 28.30 -24.07 -11.82
N LYS I 69 29.52 -23.55 -11.88
CA LYS I 69 30.26 -23.55 -13.15
C LYS I 69 30.49 -24.96 -13.66
N ILE I 70 30.67 -25.90 -12.73
CA ILE I 70 30.74 -27.31 -13.09
C ILE I 70 29.47 -27.72 -13.81
N LYS I 71 28.32 -27.42 -13.22
CA LYS I 71 27.07 -27.77 -13.88
C LYS I 71 26.96 -27.11 -15.25
N PHE I 72 27.47 -25.88 -15.37
CA PHE I 72 27.38 -25.20 -16.66
C PHE I 72 28.16 -25.94 -17.74
N TYR I 73 29.46 -26.17 -17.54
CA TYR I 73 30.16 -26.93 -18.58
C TYR I 73 29.54 -28.29 -18.82
N TYR I 74 29.03 -28.97 -17.80
CA TYR I 74 28.55 -30.31 -18.06
C TYR I 74 27.28 -30.29 -18.90
N GLU I 75 26.34 -29.40 -18.57
CA GLU I 75 25.17 -29.22 -19.40
C GLU I 75 25.57 -28.86 -20.82
N ALA I 76 26.56 -27.97 -20.97
CA ALA I 76 27.02 -27.63 -22.31
C ALA I 76 27.55 -28.86 -23.04
N GLY I 77 28.24 -29.74 -22.31
CA GLY I 77 28.76 -30.94 -22.91
C GLY I 77 27.66 -31.87 -23.40
N ARG I 78 26.56 -31.94 -22.67
CA ARG I 78 25.51 -32.87 -23.06
C ARG I 78 24.88 -32.47 -24.39
N GLU I 79 24.45 -31.22 -24.52
CA GLU I 79 23.62 -30.81 -25.64
C GLU I 79 24.25 -29.64 -26.39
N LYS I 80 24.06 -29.65 -27.71
CA LYS I 80 24.60 -28.59 -28.54
C LYS I 80 23.83 -27.29 -28.38
N SER I 81 22.50 -27.37 -28.27
CA SER I 81 21.70 -26.17 -28.08
C SER I 81 22.03 -25.53 -26.74
N VAL I 82 22.23 -26.34 -25.71
CA VAL I 82 22.66 -25.82 -24.41
C VAL I 82 24.00 -25.12 -24.55
N ASP I 83 24.90 -25.70 -25.34
CA ASP I 83 26.20 -25.06 -25.56
C ASP I 83 26.05 -23.70 -26.23
N GLU I 84 25.20 -23.63 -27.26
CA GLU I 84 25.00 -22.37 -27.96
C GLU I 84 24.41 -21.31 -27.03
N PHE I 85 23.39 -21.71 -26.25
CA PHE I 85 22.78 -20.79 -25.28
C PHE I 85 23.81 -20.29 -24.28
N LEU I 86 24.55 -21.22 -23.66
CA LEU I 86 25.51 -20.83 -22.64
C LEU I 86 26.66 -20.02 -23.20
N LYS I 87 26.95 -20.14 -24.50
CA LYS I 87 28.05 -19.35 -25.02
C LYS I 87 27.62 -17.94 -25.43
N LYS I 88 26.54 -17.81 -26.22
CA LYS I 88 26.26 -16.49 -26.77
C LYS I 88 25.85 -15.50 -25.70
N THR I 89 24.93 -15.88 -24.82
CA THR I 89 24.42 -14.96 -23.83
C THR I 89 25.38 -14.77 -22.66
N LEU I 90 26.55 -15.39 -22.71
CA LEU I 90 27.70 -15.01 -21.88
C LEU I 90 27.41 -15.16 -20.39
N MET I 91 26.84 -16.29 -20.02
CA MET I 91 26.85 -16.72 -18.62
C MET I 91 28.28 -16.75 -18.09
N PHE I 92 29.21 -17.09 -18.94
CA PHE I 92 30.48 -17.63 -18.45
C PHE I 92 31.41 -16.52 -17.96
N PRO I 93 31.63 -15.42 -18.69
CA PRO I 93 32.38 -14.32 -18.08
C PRO I 93 31.71 -13.73 -16.87
N ILE I 94 30.37 -13.65 -16.84
CA ILE I 94 29.73 -13.02 -15.69
C ILE I 94 29.90 -13.89 -14.46
N ILE I 95 29.83 -15.22 -14.61
CA ILE I 95 30.16 -16.08 -13.48
C ILE I 95 31.60 -15.88 -13.05
N ASP I 96 32.51 -15.75 -14.03
CA ASP I 96 33.91 -15.59 -13.67
C ASP I 96 34.13 -14.32 -12.85
N ARG I 97 33.51 -13.22 -13.28
CA ARG I 97 33.69 -11.96 -12.57
C ARG I 97 32.99 -11.98 -11.21
N VAL I 98 31.86 -12.70 -11.10
CA VAL I 98 31.26 -12.85 -9.78
C VAL I 98 32.18 -13.61 -8.85
N ILE I 99 32.81 -14.67 -9.36
CA ILE I 99 33.78 -15.40 -8.55
C ILE I 99 34.94 -14.49 -8.17
N LYS I 100 35.33 -13.60 -9.07
CA LYS I 100 36.45 -12.69 -8.81
C LYS I 100 36.08 -11.56 -7.86
N LYS I 101 34.81 -11.22 -7.74
CA LYS I 101 34.40 -10.01 -7.03
C LYS I 101 34.00 -10.25 -5.58
N GLU I 102 33.45 -11.41 -5.25
CA GLU I 102 33.00 -11.73 -3.89
C GLU I 102 31.99 -10.70 -3.39
N SER I 103 30.92 -10.52 -4.14
CA SER I 103 29.88 -9.56 -3.78
C SER I 103 28.52 -10.24 -3.86
N LYS I 104 27.72 -10.11 -2.80
CA LYS I 104 26.44 -10.81 -2.73
C LYS I 104 25.39 -10.13 -3.61
N LYS I 105 25.26 -8.82 -3.48
CA LYS I 105 24.24 -8.11 -4.23
C LYS I 105 24.40 -8.33 -5.73
N PHE I 106 25.64 -8.35 -6.21
CA PHE I 106 25.83 -8.64 -7.62
C PHE I 106 25.46 -10.08 -7.93
N PHE I 107 25.61 -10.99 -6.97
CA PHE I 107 25.14 -12.36 -7.18
C PHE I 107 23.64 -12.38 -7.39
N LEU I 108 22.88 -11.66 -6.56
CA LEU I 108 21.45 -11.61 -6.81
C LEU I 108 21.14 -10.90 -8.12
N ASP I 109 21.96 -9.93 -8.52
CA ASP I 109 21.76 -9.29 -9.82
C ASP I 109 21.87 -10.32 -10.94
N TYR I 110 22.88 -11.17 -10.87
CA TYR I 110 22.99 -12.27 -11.82
C TYR I 110 21.79 -13.21 -11.73
N CYS I 111 21.28 -13.41 -10.51
CA CYS I 111 20.12 -14.29 -10.35
C CYS I 111 18.91 -13.77 -11.10
N LYS I 112 18.58 -12.50 -10.90
CA LYS I 112 17.47 -11.94 -11.65
C LYS I 112 17.78 -11.87 -13.13
N TYR I 113 19.05 -11.75 -13.50
CA TYR I 113 19.41 -11.85 -14.92
C TYR I 113 18.96 -13.18 -15.50
N PHE I 114 19.36 -14.27 -14.86
CA PHE I 114 19.01 -15.59 -15.39
C PHE I 114 17.51 -15.80 -15.34
N GLU I 115 16.86 -15.33 -14.27
CA GLU I 115 15.41 -15.46 -14.20
C GLU I 115 14.72 -14.67 -15.29
N ALA I 116 15.27 -13.51 -15.66
CA ALA I 116 14.74 -12.75 -16.77
C ALA I 116 14.85 -13.55 -18.06
N LEU I 117 16.02 -14.15 -18.30
CA LEU I 117 16.16 -15.03 -19.45
C LEU I 117 15.09 -16.11 -19.44
N VAL I 118 14.91 -16.77 -18.30
CA VAL I 118 13.99 -17.90 -18.22
C VAL I 118 12.57 -17.44 -18.53
N ALA I 119 12.13 -16.35 -17.90
CA ALA I 119 10.76 -15.89 -18.08
C ALA I 119 10.52 -15.45 -19.52
N TYR I 120 11.43 -14.66 -20.07
CA TYR I 120 11.25 -14.17 -21.43
C TYR I 120 11.22 -15.33 -22.41
N ALA I 121 12.13 -16.29 -22.26
CA ALA I 121 12.09 -17.47 -23.11
C ALA I 121 10.78 -18.21 -22.95
N LYS I 122 10.28 -18.31 -21.71
CA LYS I 122 9.04 -19.03 -21.47
C LYS I 122 7.89 -18.41 -22.25
N TYR I 123 7.80 -17.07 -22.23
CA TYR I 123 6.82 -16.42 -23.08
C TYR I 123 7.20 -16.48 -24.55
N TYR I 124 8.43 -16.89 -24.87
CA TYR I 124 8.94 -16.82 -26.24
C TYR I 124 9.13 -18.27 -26.67
N GLN I 125 8.06 -18.93 -27.09
CA GLN I 125 8.11 -20.36 -27.37
C GLN I 125 7.10 -20.71 -28.44
N LYS I 126 7.24 -21.94 -28.95
CA LYS I 126 6.30 -22.56 -29.87
C LYS I 126 4.86 -22.51 -29.34
#